data_2DG6
# 
_entry.id   2DG6 
# 
_audit_conform.dict_name       mmcif_pdbx.dic 
_audit_conform.dict_version    5.397 
_audit_conform.dict_location   http://mmcif.pdb.org/dictionaries/ascii/mmcif_pdbx.dic 
# 
loop_
_database_2.database_id 
_database_2.database_code 
_database_2.pdbx_database_accession 
_database_2.pdbx_DOI 
PDB   2DG6         pdb_00002dg6 10.2210/pdb2dg6/pdb 
RCSB  RCSB025379   ?            ?                   
WWPDB D_1000025379 ?            ?                   
# 
loop_
_pdbx_audit_revision_history.ordinal 
_pdbx_audit_revision_history.data_content_type 
_pdbx_audit_revision_history.major_revision 
_pdbx_audit_revision_history.minor_revision 
_pdbx_audit_revision_history.revision_date 
1 'Structure model' 1 0 2007-03-13 
2 'Structure model' 1 1 2008-04-30 
3 'Structure model' 1 2 2011-07-13 
4 'Structure model' 1 3 2018-03-28 
5 'Structure model' 1 4 2024-10-23 
# 
_pdbx_audit_revision_details.ordinal             1 
_pdbx_audit_revision_details.revision_ordinal    1 
_pdbx_audit_revision_details.data_content_type   'Structure model' 
_pdbx_audit_revision_details.provider            repository 
_pdbx_audit_revision_details.type                'Initial release' 
_pdbx_audit_revision_details.description         ? 
_pdbx_audit_revision_details.details             ? 
# 
loop_
_pdbx_audit_revision_group.ordinal 
_pdbx_audit_revision_group.revision_ordinal 
_pdbx_audit_revision_group.data_content_type 
_pdbx_audit_revision_group.group 
1  2 'Structure model' 'Version format compliance' 
2  3 'Structure model' 'Derived calculations'      
3  3 'Structure model' 'Source and taxonomy'       
4  3 'Structure model' 'Version format compliance' 
5  4 'Structure model' 'Data collection'           
6  4 'Structure model' 'Database references'       
7  5 'Structure model' 'Data collection'           
8  5 'Structure model' 'Database references'       
9  5 'Structure model' 'Derived calculations'      
10 5 'Structure model' 'Structure summary'         
# 
loop_
_pdbx_audit_revision_category.ordinal 
_pdbx_audit_revision_category.revision_ordinal 
_pdbx_audit_revision_category.data_content_type 
_pdbx_audit_revision_category.category 
1 4 'Structure model' citation                  
2 4 'Structure model' citation_author           
3 5 'Structure model' chem_comp_atom            
4 5 'Structure model' chem_comp_bond            
5 5 'Structure model' database_2                
6 5 'Structure model' pdbx_entry_details        
7 5 'Structure model' pdbx_modification_feature 
8 5 'Structure model' struct_conn               
9 5 'Structure model' struct_ref_seq_dif        
# 
loop_
_pdbx_audit_revision_item.ordinal 
_pdbx_audit_revision_item.revision_ordinal 
_pdbx_audit_revision_item.data_content_type 
_pdbx_audit_revision_item.item 
1  4 'Structure model' '_citation.country'                   
2  4 'Structure model' '_citation.journal_abbrev'            
3  4 'Structure model' '_citation.journal_id_ASTM'           
4  4 'Structure model' '_citation.journal_id_CSD'            
5  4 'Structure model' '_citation.journal_id_ISSN'           
6  4 'Structure model' '_citation.journal_volume'            
7  4 'Structure model' '_citation.page_first'                
8  4 'Structure model' '_citation.page_last'                 
9  4 'Structure model' '_citation.pdbx_database_id_DOI'      
10 4 'Structure model' '_citation.pdbx_database_id_PubMed'   
11 4 'Structure model' '_citation.title'                     
12 4 'Structure model' '_citation.year'                      
13 5 'Structure model' '_database_2.pdbx_DOI'                
14 5 'Structure model' '_database_2.pdbx_database_accession' 
15 5 'Structure model' '_struct_conn.pdbx_leaving_atom_flag' 
16 5 'Structure model' '_struct_ref_seq_dif.details'         
# 
_pdbx_database_status.status_code                     REL 
_pdbx_database_status.entry_id                        2DG6 
_pdbx_database_status.recvd_initial_deposition_date   2006-03-08 
_pdbx_database_status.deposit_site                    PDBJ 
_pdbx_database_status.process_site                    PDBJ 
_pdbx_database_status.status_code_sf                  REL 
_pdbx_database_status.status_code_mr                  ? 
_pdbx_database_status.SG_entry                        ? 
_pdbx_database_status.pdb_format_compatible           Y 
_pdbx_database_status.status_code_cs                  ? 
_pdbx_database_status.methods_development_category    ? 
_pdbx_database_status.status_code_nmr_data            ? 
# 
_pdbx_database_related.db_name        PDB 
_pdbx_database_related.db_id          1Q05 
_pdbx_database_related.details        'A protein structure which is categorized into the same family' 
_pdbx_database_related.content_type   unspecified 
# 
loop_
_audit_author.name 
_audit_author.pdbx_ordinal 
'Hayashi, T.' 1 
'Tanaka, Y.'  2 
'Sakai, N.'   3 
'Yao, M.'     4 
'Tamura, T.'  5 
'Tanaka, I.'  6 
# 
_citation.id                        primary 
_citation.title                     
;Structural and genomic DNA analysis of a putative transcription factor SCO5550 from Streptomyces coelicolor A3(2): regulating the expression of gene sco5551 as a transcriptional activator with a novel dimer shape
;
_citation.journal_abbrev            'Biochem. Biophys. Res. Commun.' 
_citation.journal_volume            435 
_citation.page_first                28 
_citation.page_last                 33 
_citation.year                      2013 
_citation.journal_id_ASTM           BBRCA9 
_citation.country                   US 
_citation.journal_id_ISSN           1090-2104 
_citation.journal_id_CSD            0146 
_citation.book_publisher            ? 
_citation.pdbx_database_id_PubMed   23618855 
_citation.pdbx_database_id_DOI      10.1016/j.bbrc.2013.04.017 
# 
loop_
_citation_author.citation_id 
_citation_author.name 
_citation_author.ordinal 
_citation_author.identifier_ORCID 
primary 'Hayashi, T.'  1 ? 
primary 'Tanaka, Y.'   2 ? 
primary 'Sakai, N.'    3 ? 
primary 'Watanabe, N.' 4 ? 
primary 'Tamura, T.'   5 ? 
primary 'Tanaka, I.'   6 ? 
primary 'Yao, M.'      7 ? 
# 
loop_
_entity.id 
_entity.type 
_entity.src_method 
_entity.pdbx_description 
_entity.formula_weight 
_entity.pdbx_number_of_molecules 
_entity.pdbx_ec 
_entity.pdbx_mutation 
_entity.pdbx_fragment 
_entity.details 
1 polymer man 'putative transcriptional regulator' 25211.789 1  ? ? ? ? 
2 water   nat water                                18.015    94 ? ? ? ? 
# 
_entity_poly.entity_id                      1 
_entity_poly.type                           'polypeptide(L)' 
_entity_poly.nstd_linkage                   no 
_entity_poly.nstd_monomer                   yes 
_entity_poly.pdbx_seq_one_letter_code       
;(MSE)RLADLSKRSGVSTATIKYYLREGLLPPGRQVNATTAEYDEDHLRRLRLVRALIQVGKVPVATAREVLGHVDDDSL
GRTVRLGAALWALPQDAEPDEADPAVAAARVEVDRLLELLGWETSRELAPLSPVHRSLVVAVAALRRLDYPWDAEL
(MSE)APYGEL(MSE)(MSE)EVARRDLDF(MSE)ETHASEAEKVE(MSE)AVAAAVLFQPVLRALHRLAQEEESARRYG
IELEHHHHHH
;
_entity_poly.pdbx_seq_one_letter_code_can   
;MRLADLSKRSGVSTATIKYYLREGLLPPGRQVNATTAEYDEDHLRRLRLVRALIQVGKVPVATAREVLGHVDDDSLGRTV
RLGAALWALPQDAEPDEADPAVAAARVEVDRLLELLGWETSRELAPLSPVHRSLVVAVAALRRLDYPWDAELMAPYGELM
MEVARRDLDFMETHASEAEKVEMAVAAAVLFQPVLRALHRLAQEEESARRYGIELEHHHHHH
;
_entity_poly.pdbx_strand_id                 A 
_entity_poly.pdbx_target_identifier         ? 
# 
_pdbx_entity_nonpoly.entity_id   2 
_pdbx_entity_nonpoly.name        water 
_pdbx_entity_nonpoly.comp_id     HOH 
# 
loop_
_entity_poly_seq.entity_id 
_entity_poly_seq.num 
_entity_poly_seq.mon_id 
_entity_poly_seq.hetero 
1 1   MSE n 
1 2   ARG n 
1 3   LEU n 
1 4   ALA n 
1 5   ASP n 
1 6   LEU n 
1 7   SER n 
1 8   LYS n 
1 9   ARG n 
1 10  SER n 
1 11  GLY n 
1 12  VAL n 
1 13  SER n 
1 14  THR n 
1 15  ALA n 
1 16  THR n 
1 17  ILE n 
1 18  LYS n 
1 19  TYR n 
1 20  TYR n 
1 21  LEU n 
1 22  ARG n 
1 23  GLU n 
1 24  GLY n 
1 25  LEU n 
1 26  LEU n 
1 27  PRO n 
1 28  PRO n 
1 29  GLY n 
1 30  ARG n 
1 31  GLN n 
1 32  VAL n 
1 33  ASN n 
1 34  ALA n 
1 35  THR n 
1 36  THR n 
1 37  ALA n 
1 38  GLU n 
1 39  TYR n 
1 40  ASP n 
1 41  GLU n 
1 42  ASP n 
1 43  HIS n 
1 44  LEU n 
1 45  ARG n 
1 46  ARG n 
1 47  LEU n 
1 48  ARG n 
1 49  LEU n 
1 50  VAL n 
1 51  ARG n 
1 52  ALA n 
1 53  LEU n 
1 54  ILE n 
1 55  GLN n 
1 56  VAL n 
1 57  GLY n 
1 58  LYS n 
1 59  VAL n 
1 60  PRO n 
1 61  VAL n 
1 62  ALA n 
1 63  THR n 
1 64  ALA n 
1 65  ARG n 
1 66  GLU n 
1 67  VAL n 
1 68  LEU n 
1 69  GLY n 
1 70  HIS n 
1 71  VAL n 
1 72  ASP n 
1 73  ASP n 
1 74  ASP n 
1 75  SER n 
1 76  LEU n 
1 77  GLY n 
1 78  ARG n 
1 79  THR n 
1 80  VAL n 
1 81  ARG n 
1 82  LEU n 
1 83  GLY n 
1 84  ALA n 
1 85  ALA n 
1 86  LEU n 
1 87  TRP n 
1 88  ALA n 
1 89  LEU n 
1 90  PRO n 
1 91  GLN n 
1 92  ASP n 
1 93  ALA n 
1 94  GLU n 
1 95  PRO n 
1 96  ASP n 
1 97  GLU n 
1 98  ALA n 
1 99  ASP n 
1 100 PRO n 
1 101 ALA n 
1 102 VAL n 
1 103 ALA n 
1 104 ALA n 
1 105 ALA n 
1 106 ARG n 
1 107 VAL n 
1 108 GLU n 
1 109 VAL n 
1 110 ASP n 
1 111 ARG n 
1 112 LEU n 
1 113 LEU n 
1 114 GLU n 
1 115 LEU n 
1 116 LEU n 
1 117 GLY n 
1 118 TRP n 
1 119 GLU n 
1 120 THR n 
1 121 SER n 
1 122 ARG n 
1 123 GLU n 
1 124 LEU n 
1 125 ALA n 
1 126 PRO n 
1 127 LEU n 
1 128 SER n 
1 129 PRO n 
1 130 VAL n 
1 131 HIS n 
1 132 ARG n 
1 133 SER n 
1 134 LEU n 
1 135 VAL n 
1 136 VAL n 
1 137 ALA n 
1 138 VAL n 
1 139 ALA n 
1 140 ALA n 
1 141 LEU n 
1 142 ARG n 
1 143 ARG n 
1 144 LEU n 
1 145 ASP n 
1 146 TYR n 
1 147 PRO n 
1 148 TRP n 
1 149 ASP n 
1 150 ALA n 
1 151 GLU n 
1 152 LEU n 
1 153 MSE n 
1 154 ALA n 
1 155 PRO n 
1 156 TYR n 
1 157 GLY n 
1 158 GLU n 
1 159 LEU n 
1 160 MSE n 
1 161 MSE n 
1 162 GLU n 
1 163 VAL n 
1 164 ALA n 
1 165 ARG n 
1 166 ARG n 
1 167 ASP n 
1 168 LEU n 
1 169 ASP n 
1 170 PHE n 
1 171 MSE n 
1 172 GLU n 
1 173 THR n 
1 174 HIS n 
1 175 ALA n 
1 176 SER n 
1 177 GLU n 
1 178 ALA n 
1 179 GLU n 
1 180 LYS n 
1 181 VAL n 
1 182 GLU n 
1 183 MSE n 
1 184 ALA n 
1 185 VAL n 
1 186 ALA n 
1 187 ALA n 
1 188 ALA n 
1 189 VAL n 
1 190 LEU n 
1 191 PHE n 
1 192 GLN n 
1 193 PRO n 
1 194 VAL n 
1 195 LEU n 
1 196 ARG n 
1 197 ALA n 
1 198 LEU n 
1 199 HIS n 
1 200 ARG n 
1 201 LEU n 
1 202 ALA n 
1 203 GLN n 
1 204 GLU n 
1 205 GLU n 
1 206 GLU n 
1 207 SER n 
1 208 ALA n 
1 209 ARG n 
1 210 ARG n 
1 211 TYR n 
1 212 GLY n 
1 213 ILE n 
1 214 GLU n 
1 215 LEU n 
1 216 GLU n 
1 217 HIS n 
1 218 HIS n 
1 219 HIS n 
1 220 HIS n 
1 221 HIS n 
1 222 HIS n 
# 
_entity_src_gen.entity_id                          1 
_entity_src_gen.pdbx_src_id                        1 
_entity_src_gen.pdbx_alt_source_flag               sample 
_entity_src_gen.pdbx_seq_type                      ? 
_entity_src_gen.pdbx_beg_seq_num                   ? 
_entity_src_gen.pdbx_end_seq_num                   ? 
_entity_src_gen.gene_src_common_name               ? 
_entity_src_gen.gene_src_genus                     Streptomyces 
_entity_src_gen.pdbx_gene_src_gene                 ? 
_entity_src_gen.gene_src_species                   'Streptomyces coelicolor' 
_entity_src_gen.gene_src_strain                    'A3(2)' 
_entity_src_gen.gene_src_tissue                    ? 
_entity_src_gen.gene_src_tissue_fraction           ? 
_entity_src_gen.gene_src_details                   ? 
_entity_src_gen.pdbx_gene_src_fragment             ? 
_entity_src_gen.pdbx_gene_src_scientific_name      'Streptomyces coelicolor' 
_entity_src_gen.pdbx_gene_src_ncbi_taxonomy_id     100226 
_entity_src_gen.pdbx_gene_src_variant              ? 
_entity_src_gen.pdbx_gene_src_cell_line            ? 
_entity_src_gen.pdbx_gene_src_atcc                 ? 
_entity_src_gen.pdbx_gene_src_organ                ? 
_entity_src_gen.pdbx_gene_src_organelle            ? 
_entity_src_gen.pdbx_gene_src_cell                 ? 
_entity_src_gen.pdbx_gene_src_cellular_location    ? 
_entity_src_gen.host_org_common_name               ? 
_entity_src_gen.pdbx_host_org_scientific_name      'Rhodococcus erythropolis' 
_entity_src_gen.pdbx_host_org_ncbi_taxonomy_id     1833 
_entity_src_gen.host_org_genus                     Rhodococcus 
_entity_src_gen.pdbx_host_org_gene                 ? 
_entity_src_gen.pdbx_host_org_organ                ? 
_entity_src_gen.host_org_species                   ? 
_entity_src_gen.pdbx_host_org_tissue               ? 
_entity_src_gen.pdbx_host_org_tissue_fraction      ? 
_entity_src_gen.pdbx_host_org_strain               L-88 
_entity_src_gen.pdbx_host_org_variant              ? 
_entity_src_gen.pdbx_host_org_cell_line            ? 
_entity_src_gen.pdbx_host_org_atcc                 ? 
_entity_src_gen.pdbx_host_org_culture_collection   ? 
_entity_src_gen.pdbx_host_org_cell                 ? 
_entity_src_gen.pdbx_host_org_organelle            ? 
_entity_src_gen.pdbx_host_org_cellular_location    ? 
_entity_src_gen.pdbx_host_org_vector_type          plasmid 
_entity_src_gen.pdbx_host_org_vector               ? 
_entity_src_gen.host_org_details                   ? 
_entity_src_gen.expression_system_id               ? 
_entity_src_gen.plasmid_name                       pTip-QC2 
_entity_src_gen.plasmid_details                    ? 
_entity_src_gen.pdbx_description                   ? 
# 
loop_
_chem_comp.id 
_chem_comp.type 
_chem_comp.mon_nstd_flag 
_chem_comp.name 
_chem_comp.pdbx_synonyms 
_chem_comp.formula 
_chem_comp.formula_weight 
ALA 'L-peptide linking' y ALANINE          ? 'C3 H7 N O2'     89.093  
ARG 'L-peptide linking' y ARGININE         ? 'C6 H15 N4 O2 1' 175.209 
ASN 'L-peptide linking' y ASPARAGINE       ? 'C4 H8 N2 O3'    132.118 
ASP 'L-peptide linking' y 'ASPARTIC ACID'  ? 'C4 H7 N O4'     133.103 
GLN 'L-peptide linking' y GLUTAMINE        ? 'C5 H10 N2 O3'   146.144 
GLU 'L-peptide linking' y 'GLUTAMIC ACID'  ? 'C5 H9 N O4'     147.129 
GLY 'peptide linking'   y GLYCINE          ? 'C2 H5 N O2'     75.067  
HIS 'L-peptide linking' y HISTIDINE        ? 'C6 H10 N3 O2 1' 156.162 
HOH non-polymer         . WATER            ? 'H2 O'           18.015  
ILE 'L-peptide linking' y ISOLEUCINE       ? 'C6 H13 N O2'    131.173 
LEU 'L-peptide linking' y LEUCINE          ? 'C6 H13 N O2'    131.173 
LYS 'L-peptide linking' y LYSINE           ? 'C6 H15 N2 O2 1' 147.195 
MET 'L-peptide linking' y METHIONINE       ? 'C5 H11 N O2 S'  149.211 
MSE 'L-peptide linking' n SELENOMETHIONINE ? 'C5 H11 N O2 Se' 196.106 
PHE 'L-peptide linking' y PHENYLALANINE    ? 'C9 H11 N O2'    165.189 
PRO 'L-peptide linking' y PROLINE          ? 'C5 H9 N O2'     115.130 
SER 'L-peptide linking' y SERINE           ? 'C3 H7 N O3'     105.093 
THR 'L-peptide linking' y THREONINE        ? 'C4 H9 N O3'     119.119 
TRP 'L-peptide linking' y TRYPTOPHAN       ? 'C11 H12 N2 O2'  204.225 
TYR 'L-peptide linking' y TYROSINE         ? 'C9 H11 N O3'    181.189 
VAL 'L-peptide linking' y VALINE           ? 'C5 H11 N O2'    117.146 
# 
loop_
_pdbx_poly_seq_scheme.asym_id 
_pdbx_poly_seq_scheme.entity_id 
_pdbx_poly_seq_scheme.seq_id 
_pdbx_poly_seq_scheme.mon_id 
_pdbx_poly_seq_scheme.ndb_seq_num 
_pdbx_poly_seq_scheme.pdb_seq_num 
_pdbx_poly_seq_scheme.auth_seq_num 
_pdbx_poly_seq_scheme.pdb_mon_id 
_pdbx_poly_seq_scheme.auth_mon_id 
_pdbx_poly_seq_scheme.pdb_strand_id 
_pdbx_poly_seq_scheme.pdb_ins_code 
_pdbx_poly_seq_scheme.hetero 
A 1 1   MSE 1   1   1   MSE MSE A . n 
A 1 2   ARG 2   2   2   ARG ARG A . n 
A 1 3   LEU 3   3   3   LEU LEU A . n 
A 1 4   ALA 4   4   4   ALA ALA A . n 
A 1 5   ASP 5   5   5   ASP ASP A . n 
A 1 6   LEU 6   6   6   LEU LEU A . n 
A 1 7   SER 7   7   7   SER SER A . n 
A 1 8   LYS 8   8   8   LYS LYS A . n 
A 1 9   ARG 9   9   9   ARG ARG A . n 
A 1 10  SER 10  10  10  SER SER A . n 
A 1 11  GLY 11  11  11  GLY GLY A . n 
A 1 12  VAL 12  12  12  VAL VAL A . n 
A 1 13  SER 13  13  13  SER SER A . n 
A 1 14  THR 14  14  14  THR THR A . n 
A 1 15  ALA 15  15  15  ALA ALA A . n 
A 1 16  THR 16  16  16  THR THR A . n 
A 1 17  ILE 17  17  17  ILE ILE A . n 
A 1 18  LYS 18  18  18  LYS LYS A . n 
A 1 19  TYR 19  19  19  TYR TYR A . n 
A 1 20  TYR 20  20  20  TYR TYR A . n 
A 1 21  LEU 21  21  21  LEU LEU A . n 
A 1 22  ARG 22  22  22  ARG ARG A . n 
A 1 23  GLU 23  23  23  GLU GLU A . n 
A 1 24  GLY 24  24  24  GLY GLY A . n 
A 1 25  LEU 25  25  25  LEU LEU A . n 
A 1 26  LEU 26  26  26  LEU LEU A . n 
A 1 27  PRO 27  27  27  PRO PRO A . n 
A 1 28  PRO 28  28  28  PRO PRO A . n 
A 1 29  GLY 29  29  29  GLY GLY A . n 
A 1 30  ARG 30  30  ?   ?   ?   A . n 
A 1 31  GLN 31  31  ?   ?   ?   A . n 
A 1 32  VAL 32  32  ?   ?   ?   A . n 
A 1 33  ASN 33  33  ?   ?   ?   A . n 
A 1 34  ALA 34  34  ?   ?   ?   A . n 
A 1 35  THR 35  35  ?   ?   ?   A . n 
A 1 36  THR 36  36  ?   ?   ?   A . n 
A 1 37  ALA 37  37  ?   ?   ?   A . n 
A 1 38  GLU 38  38  ?   ?   ?   A . n 
A 1 39  TYR 39  39  39  TYR TYR A . n 
A 1 40  ASP 40  40  40  ASP ASP A . n 
A 1 41  GLU 41  41  41  GLU GLU A . n 
A 1 42  ASP 42  42  42  ASP ASP A . n 
A 1 43  HIS 43  43  43  HIS HIS A . n 
A 1 44  LEU 44  44  44  LEU LEU A . n 
A 1 45  ARG 45  45  45  ARG ARG A . n 
A 1 46  ARG 46  46  46  ARG ARG A . n 
A 1 47  LEU 47  47  47  LEU LEU A . n 
A 1 48  ARG 48  48  48  ARG ARG A . n 
A 1 49  LEU 49  49  49  LEU LEU A . n 
A 1 50  VAL 50  50  50  VAL VAL A . n 
A 1 51  ARG 51  51  51  ARG ARG A . n 
A 1 52  ALA 52  52  52  ALA ALA A . n 
A 1 53  LEU 53  53  53  LEU LEU A . n 
A 1 54  ILE 54  54  54  ILE ILE A . n 
A 1 55  GLN 55  55  55  GLN GLN A . n 
A 1 56  VAL 56  56  56  VAL VAL A . n 
A 1 57  GLY 57  57  57  GLY GLY A . n 
A 1 58  LYS 58  58  58  LYS LYS A . n 
A 1 59  VAL 59  59  59  VAL VAL A . n 
A 1 60  PRO 60  60  60  PRO PRO A . n 
A 1 61  VAL 61  61  61  VAL VAL A . n 
A 1 62  ALA 62  62  62  ALA ALA A . n 
A 1 63  THR 63  63  63  THR THR A . n 
A 1 64  ALA 64  64  64  ALA ALA A . n 
A 1 65  ARG 65  65  65  ARG ARG A . n 
A 1 66  GLU 66  66  66  GLU GLU A . n 
A 1 67  VAL 67  67  67  VAL VAL A . n 
A 1 68  LEU 68  68  68  LEU LEU A . n 
A 1 69  GLY 69  69  69  GLY GLY A . n 
A 1 70  HIS 70  70  70  HIS HIS A . n 
A 1 71  VAL 71  71  71  VAL VAL A . n 
A 1 72  ASP 72  72  72  ASP ASP A . n 
A 1 73  ASP 73  73  73  ASP ASP A . n 
A 1 74  ASP 74  74  74  ASP ASP A . n 
A 1 75  SER 75  75  75  SER SER A . n 
A 1 76  LEU 76  76  76  LEU LEU A . n 
A 1 77  GLY 77  77  77  GLY GLY A . n 
A 1 78  ARG 78  78  78  ARG ARG A . n 
A 1 79  THR 79  79  79  THR THR A . n 
A 1 80  VAL 80  80  80  VAL VAL A . n 
A 1 81  ARG 81  81  81  ARG ARG A . n 
A 1 82  LEU 82  82  82  LEU LEU A . n 
A 1 83  GLY 83  83  83  GLY GLY A . n 
A 1 84  ALA 84  84  84  ALA ALA A . n 
A 1 85  ALA 85  85  85  ALA ALA A . n 
A 1 86  LEU 86  86  86  LEU LEU A . n 
A 1 87  TRP 87  87  87  TRP TRP A . n 
A 1 88  ALA 88  88  88  ALA ALA A . n 
A 1 89  LEU 89  89  89  LEU LEU A . n 
A 1 90  PRO 90  90  90  PRO PRO A . n 
A 1 91  GLN 91  91  91  GLN GLN A . n 
A 1 92  ASP 92  92  92  ASP ASP A . n 
A 1 93  ALA 93  93  93  ALA ALA A . n 
A 1 94  GLU 94  94  94  GLU GLU A . n 
A 1 95  PRO 95  95  95  PRO PRO A . n 
A 1 96  ASP 96  96  96  ASP ASP A . n 
A 1 97  GLU 97  97  97  GLU GLU A . n 
A 1 98  ALA 98  98  98  ALA ALA A . n 
A 1 99  ASP 99  99  99  ASP ASP A . n 
A 1 100 PRO 100 100 100 PRO PRO A . n 
A 1 101 ALA 101 101 101 ALA ALA A . n 
A 1 102 VAL 102 102 102 VAL VAL A . n 
A 1 103 ALA 103 103 103 ALA ALA A . n 
A 1 104 ALA 104 104 104 ALA ALA A . n 
A 1 105 ALA 105 105 105 ALA ALA A . n 
A 1 106 ARG 106 106 106 ARG ARG A . n 
A 1 107 VAL 107 107 107 VAL VAL A . n 
A 1 108 GLU 108 108 108 GLU GLU A . n 
A 1 109 VAL 109 109 109 VAL VAL A . n 
A 1 110 ASP 110 110 110 ASP ASP A . n 
A 1 111 ARG 111 111 111 ARG ARG A . n 
A 1 112 LEU 112 112 112 LEU LEU A . n 
A 1 113 LEU 113 113 113 LEU LEU A . n 
A 1 114 GLU 114 114 114 GLU GLU A . n 
A 1 115 LEU 115 115 115 LEU LEU A . n 
A 1 116 LEU 116 116 116 LEU LEU A . n 
A 1 117 GLY 117 117 117 GLY GLY A . n 
A 1 118 TRP 118 118 118 TRP TRP A . n 
A 1 119 GLU 119 119 119 GLU GLU A . n 
A 1 120 THR 120 120 120 THR THR A . n 
A 1 121 SER 121 121 121 SER SER A . n 
A 1 122 ARG 122 122 122 ARG ARG A . n 
A 1 123 GLU 123 123 123 GLU GLU A . n 
A 1 124 LEU 124 124 124 LEU LEU A . n 
A 1 125 ALA 125 125 125 ALA ALA A . n 
A 1 126 PRO 126 126 126 PRO PRO A . n 
A 1 127 LEU 127 127 127 LEU LEU A . n 
A 1 128 SER 128 128 128 SER SER A . n 
A 1 129 PRO 129 129 129 PRO PRO A . n 
A 1 130 VAL 130 130 130 VAL VAL A . n 
A 1 131 HIS 131 131 131 HIS HIS A . n 
A 1 132 ARG 132 132 132 ARG ARG A . n 
A 1 133 SER 133 133 133 SER SER A . n 
A 1 134 LEU 134 134 134 LEU LEU A . n 
A 1 135 VAL 135 135 135 VAL VAL A . n 
A 1 136 VAL 136 136 136 VAL VAL A . n 
A 1 137 ALA 137 137 137 ALA ALA A . n 
A 1 138 VAL 138 138 138 VAL VAL A . n 
A 1 139 ALA 139 139 139 ALA ALA A . n 
A 1 140 ALA 140 140 140 ALA ALA A . n 
A 1 141 LEU 141 141 141 LEU LEU A . n 
A 1 142 ARG 142 142 142 ARG ARG A . n 
A 1 143 ARG 143 143 143 ARG ARG A . n 
A 1 144 LEU 144 144 144 LEU LEU A . n 
A 1 145 ASP 145 145 145 ASP ASP A . n 
A 1 146 TYR 146 146 146 TYR TYR A . n 
A 1 147 PRO 147 147 147 PRO PRO A . n 
A 1 148 TRP 148 148 148 TRP TRP A . n 
A 1 149 ASP 149 149 149 ASP ASP A . n 
A 1 150 ALA 150 150 150 ALA ALA A . n 
A 1 151 GLU 151 151 151 GLU GLU A . n 
A 1 152 LEU 152 152 152 LEU LEU A . n 
A 1 153 MSE 153 153 153 MSE MSE A . n 
A 1 154 ALA 154 154 154 ALA ALA A . n 
A 1 155 PRO 155 155 155 PRO PRO A . n 
A 1 156 TYR 156 156 156 TYR TYR A . n 
A 1 157 GLY 157 157 157 GLY GLY A . n 
A 1 158 GLU 158 158 158 GLU GLU A . n 
A 1 159 LEU 159 159 159 LEU LEU A . n 
A 1 160 MSE 160 160 160 MSE MSE A . n 
A 1 161 MSE 161 161 161 MSE MSE A . n 
A 1 162 GLU 162 162 162 GLU GLU A . n 
A 1 163 VAL 163 163 163 VAL VAL A . n 
A 1 164 ALA 164 164 164 ALA ALA A . n 
A 1 165 ARG 165 165 165 ARG ARG A . n 
A 1 166 ARG 166 166 166 ARG ARG A . n 
A 1 167 ASP 167 167 167 ASP ASP A . n 
A 1 168 LEU 168 168 168 LEU LEU A . n 
A 1 169 ASP 169 169 169 ASP ASP A . n 
A 1 170 PHE 170 170 170 PHE PHE A . n 
A 1 171 MSE 171 171 171 MSE MSE A . n 
A 1 172 GLU 172 172 172 GLU GLU A . n 
A 1 173 THR 173 173 173 THR THR A . n 
A 1 174 HIS 174 174 174 HIS HIS A . n 
A 1 175 ALA 175 175 175 ALA ALA A . n 
A 1 176 SER 176 176 176 SER SER A . n 
A 1 177 GLU 177 177 177 GLU GLU A . n 
A 1 178 ALA 178 178 178 ALA ALA A . n 
A 1 179 GLU 179 179 179 GLU GLU A . n 
A 1 180 LYS 180 180 180 LYS LYS A . n 
A 1 181 VAL 181 181 181 VAL VAL A . n 
A 1 182 GLU 182 182 182 GLU GLU A . n 
A 1 183 MSE 183 183 183 MSE MSE A . n 
A 1 184 ALA 184 184 184 ALA ALA A . n 
A 1 185 VAL 185 185 185 VAL VAL A . n 
A 1 186 ALA 186 186 186 ALA ALA A . n 
A 1 187 ALA 187 187 187 ALA ALA A . n 
A 1 188 ALA 188 188 188 ALA ALA A . n 
A 1 189 VAL 189 189 189 VAL VAL A . n 
A 1 190 LEU 190 190 190 LEU LEU A . n 
A 1 191 PHE 191 191 191 PHE PHE A . n 
A 1 192 GLN 192 192 192 GLN GLN A . n 
A 1 193 PRO 193 193 193 PRO PRO A . n 
A 1 194 VAL 194 194 194 VAL VAL A . n 
A 1 195 LEU 195 195 195 LEU LEU A . n 
A 1 196 ARG 196 196 196 ARG ARG A . n 
A 1 197 ALA 197 197 197 ALA ALA A . n 
A 1 198 LEU 198 198 198 LEU LEU A . n 
A 1 199 HIS 199 199 199 HIS HIS A . n 
A 1 200 ARG 200 200 200 ARG ARG A . n 
A 1 201 LEU 201 201 201 LEU LEU A . n 
A 1 202 ALA 202 202 202 ALA ALA A . n 
A 1 203 GLN 203 203 203 GLN GLN A . n 
A 1 204 GLU 204 204 204 GLU GLU A . n 
A 1 205 GLU 205 205 205 GLU GLU A . n 
A 1 206 GLU 206 206 206 GLU GLU A . n 
A 1 207 SER 207 207 207 SER SER A . n 
A 1 208 ALA 208 208 208 ALA ALA A . n 
A 1 209 ARG 209 209 209 ARG ARG A . n 
A 1 210 ARG 210 210 210 ARG ARG A . n 
A 1 211 TYR 211 211 211 TYR TYR A . n 
A 1 212 GLY 212 212 212 GLY GLY A . n 
A 1 213 ILE 213 213 213 ILE ILE A . n 
A 1 214 GLU 214 214 214 GLU GLU A . n 
A 1 215 LEU 215 215 215 LEU LEU A . n 
A 1 216 GLU 216 216 216 GLU GLU A . n 
A 1 217 HIS 217 217 ?   ?   ?   A . n 
A 1 218 HIS 218 218 ?   ?   ?   A . n 
A 1 219 HIS 219 219 ?   ?   ?   A . n 
A 1 220 HIS 220 220 ?   ?   ?   A . n 
A 1 221 HIS 221 221 ?   ?   ?   A . n 
A 1 222 HIS 222 222 ?   ?   ?   A . n 
# 
loop_
_pdbx_nonpoly_scheme.asym_id 
_pdbx_nonpoly_scheme.entity_id 
_pdbx_nonpoly_scheme.mon_id 
_pdbx_nonpoly_scheme.ndb_seq_num 
_pdbx_nonpoly_scheme.pdb_seq_num 
_pdbx_nonpoly_scheme.auth_seq_num 
_pdbx_nonpoly_scheme.pdb_mon_id 
_pdbx_nonpoly_scheme.auth_mon_id 
_pdbx_nonpoly_scheme.pdb_strand_id 
_pdbx_nonpoly_scheme.pdb_ins_code 
B 2 HOH 1  223 1  HOH HOH A . 
B 2 HOH 2  224 2  HOH HOH A . 
B 2 HOH 3  225 3  HOH HOH A . 
B 2 HOH 4  226 4  HOH HOH A . 
B 2 HOH 5  227 5  HOH HOH A . 
B 2 HOH 6  228 6  HOH HOH A . 
B 2 HOH 7  229 7  HOH HOH A . 
B 2 HOH 8  230 8  HOH HOH A . 
B 2 HOH 9  231 9  HOH HOH A . 
B 2 HOH 10 232 10 HOH HOH A . 
B 2 HOH 11 233 11 HOH HOH A . 
B 2 HOH 12 234 12 HOH HOH A . 
B 2 HOH 13 235 13 HOH HOH A . 
B 2 HOH 14 236 14 HOH HOH A . 
B 2 HOH 15 237 15 HOH HOH A . 
B 2 HOH 16 238 16 HOH HOH A . 
B 2 HOH 17 239 17 HOH HOH A . 
B 2 HOH 18 240 18 HOH HOH A . 
B 2 HOH 19 241 19 HOH HOH A . 
B 2 HOH 20 242 20 HOH HOH A . 
B 2 HOH 21 243 21 HOH HOH A . 
B 2 HOH 22 244 22 HOH HOH A . 
B 2 HOH 23 245 23 HOH HOH A . 
B 2 HOH 24 246 24 HOH HOH A . 
B 2 HOH 25 247 25 HOH HOH A . 
B 2 HOH 26 248 26 HOH HOH A . 
B 2 HOH 27 249 27 HOH HOH A . 
B 2 HOH 28 250 28 HOH HOH A . 
B 2 HOH 29 251 29 HOH HOH A . 
B 2 HOH 30 252 30 HOH HOH A . 
B 2 HOH 31 253 31 HOH HOH A . 
B 2 HOH 32 254 32 HOH HOH A . 
B 2 HOH 33 255 33 HOH HOH A . 
B 2 HOH 34 256 34 HOH HOH A . 
B 2 HOH 35 257 35 HOH HOH A . 
B 2 HOH 36 258 36 HOH HOH A . 
B 2 HOH 37 259 37 HOH HOH A . 
B 2 HOH 38 260 38 HOH HOH A . 
B 2 HOH 39 261 39 HOH HOH A . 
B 2 HOH 40 262 40 HOH HOH A . 
B 2 HOH 41 263 41 HOH HOH A . 
B 2 HOH 42 264 42 HOH HOH A . 
B 2 HOH 43 265 43 HOH HOH A . 
B 2 HOH 44 266 44 HOH HOH A . 
B 2 HOH 45 267 45 HOH HOH A . 
B 2 HOH 46 268 46 HOH HOH A . 
B 2 HOH 47 269 47 HOH HOH A . 
B 2 HOH 48 270 48 HOH HOH A . 
B 2 HOH 49 271 49 HOH HOH A . 
B 2 HOH 50 272 50 HOH HOH A . 
B 2 HOH 51 273 51 HOH HOH A . 
B 2 HOH 52 274 52 HOH HOH A . 
B 2 HOH 53 275 53 HOH HOH A . 
B 2 HOH 54 276 54 HOH HOH A . 
B 2 HOH 55 277 55 HOH HOH A . 
B 2 HOH 56 278 56 HOH HOH A . 
B 2 HOH 57 279 57 HOH HOH A . 
B 2 HOH 58 280 58 HOH HOH A . 
B 2 HOH 59 281 59 HOH HOH A . 
B 2 HOH 60 282 60 HOH HOH A . 
B 2 HOH 61 283 61 HOH HOH A . 
B 2 HOH 62 284 62 HOH HOH A . 
B 2 HOH 63 285 63 HOH HOH A . 
B 2 HOH 64 286 64 HOH HOH A . 
B 2 HOH 65 287 65 HOH HOH A . 
B 2 HOH 66 288 66 HOH HOH A . 
B 2 HOH 67 289 67 HOH HOH A . 
B 2 HOH 68 290 68 HOH HOH A . 
B 2 HOH 69 291 69 HOH HOH A . 
B 2 HOH 70 292 70 HOH HOH A . 
B 2 HOH 71 293 71 HOH HOH A . 
B 2 HOH 72 294 72 HOH HOH A . 
B 2 HOH 73 295 73 HOH HOH A . 
B 2 HOH 74 296 74 HOH HOH A . 
B 2 HOH 75 297 75 HOH HOH A . 
B 2 HOH 76 298 76 HOH HOH A . 
B 2 HOH 77 299 77 HOH HOH A . 
B 2 HOH 78 300 78 HOH HOH A . 
B 2 HOH 79 301 79 HOH HOH A . 
B 2 HOH 80 302 80 HOH HOH A . 
B 2 HOH 81 303 81 HOH HOH A . 
B 2 HOH 82 304 82 HOH HOH A . 
B 2 HOH 83 305 83 HOH HOH A . 
B 2 HOH 84 306 84 HOH HOH A . 
B 2 HOH 85 307 85 HOH HOH A . 
B 2 HOH 86 308 86 HOH HOH A . 
B 2 HOH 87 309 87 HOH HOH A . 
B 2 HOH 88 310 88 HOH HOH A . 
B 2 HOH 89 311 89 HOH HOH A . 
B 2 HOH 90 312 90 HOH HOH A . 
B 2 HOH 91 313 91 HOH HOH A . 
B 2 HOH 92 314 92 HOH HOH A . 
B 2 HOH 93 315 93 HOH HOH A . 
B 2 HOH 94 316 94 HOH HOH A . 
# 
loop_
_software.name 
_software.classification 
_software.version 
_software.citation_id 
_software.pdbx_ordinal 
CNS       refinement       1.1 ? 1 
HKL-2000  'data reduction' .   ? 2 
SCALEPACK 'data scaling'   .   ? 3 
SOLVE     phasing          .   ? 4 
# 
_cell.entry_id           2DG6 
_cell.length_a           49.689 
_cell.length_b           100.442 
_cell.length_c           38.989 
_cell.angle_alpha        90.00 
_cell.angle_beta         90.00 
_cell.angle_gamma        90.00 
_cell.Z_PDB              4 
_cell.pdbx_unique_axis   ? 
_cell.length_a_esd       ? 
_cell.length_b_esd       ? 
_cell.length_c_esd       ? 
_cell.angle_alpha_esd    ? 
_cell.angle_beta_esd     ? 
_cell.angle_gamma_esd    ? 
# 
_symmetry.entry_id                         2DG6 
_symmetry.space_group_name_H-M             'P 21 21 2' 
_symmetry.pdbx_full_space_group_name_H-M   ? 
_symmetry.cell_setting                     ? 
_symmetry.Int_Tables_number                18 
_symmetry.space_group_name_Hall            ? 
# 
_exptl.entry_id          2DG6 
_exptl.method            'X-RAY DIFFRACTION' 
_exptl.crystals_number   1 
# 
_exptl_crystal.id                    1 
_exptl_crystal.density_meas          ? 
_exptl_crystal.density_Matthews      1.93 
_exptl_crystal.density_percent_sol   36.34 
_exptl_crystal.description           ? 
_exptl_crystal.F_000                 ? 
_exptl_crystal.preparation           ? 
# 
_exptl_crystal_grow.crystal_id      1 
_exptl_crystal_grow.method          'VAPOR DIFFUSION, HANGING DROP' 
_exptl_crystal_grow.temp            293 
_exptl_crystal_grow.temp_details    ? 
_exptl_crystal_grow.pH              6.5 
_exptl_crystal_grow.pdbx_details    
'100mM Bis-Tris pH6.5, 1250mM Ammonium sulfate, 150mM NaCl, VAPOR DIFFUSION, HANGING DROP, temperature 293K' 
_exptl_crystal_grow.pdbx_pH_range   . 
# 
_diffrn.id                     1 
_diffrn.ambient_temp           100 
_diffrn.ambient_temp_details   ? 
_diffrn.crystal_id             1 
# 
_diffrn_detector.diffrn_id              1 
_diffrn_detector.detector               CCD 
_diffrn_detector.type                   'ADSC QUANTUM 210' 
_diffrn_detector.pdbx_collection_date   2005-07-26 
_diffrn_detector.details                ? 
# 
_diffrn_radiation.diffrn_id                        1 
_diffrn_radiation.wavelength_id                    1 
_diffrn_radiation.pdbx_monochromatic_or_laue_m_l   M 
_diffrn_radiation.monochromator                    ? 
_diffrn_radiation.pdbx_diffrn_protocol             MAD 
_diffrn_radiation.pdbx_scattering_type             x-ray 
# 
loop_
_diffrn_radiation_wavelength.id 
_diffrn_radiation_wavelength.wavelength 
_diffrn_radiation_wavelength.wt 
1 0.9788 1.0 
2 0.9795 1.0 
3 0.900  1.0 
# 
_diffrn_source.diffrn_id                   1 
_diffrn_source.source                      SYNCHROTRON 
_diffrn_source.type                        'SPRING-8 BEAMLINE BL44B2' 
_diffrn_source.pdbx_synchrotron_site       SPring-8 
_diffrn_source.pdbx_synchrotron_beamline   BL44B2 
_diffrn_source.pdbx_wavelength             ? 
_diffrn_source.pdbx_wavelength_list        '0.9788, 0.9795, 0.900' 
# 
_reflns.entry_id                     2DG6 
_reflns.observed_criterion_sigma_I   ? 
_reflns.observed_criterion_sigma_F   ? 
_reflns.d_resolution_low             50 
_reflns.d_resolution_high            2.1 
_reflns.number_obs                   11793 
_reflns.number_all                   ? 
_reflns.percent_possible_obs         98.3 
_reflns.pdbx_Rmerge_I_obs            ? 
_reflns.pdbx_Rsym_value              0.072 
_reflns.pdbx_netI_over_sigmaI        ? 
_reflns.B_iso_Wilson_estimate        14.4 
_reflns.pdbx_redundancy              6.9 
_reflns.R_free_details               ? 
_reflns.limit_h_max                  ? 
_reflns.limit_h_min                  ? 
_reflns.limit_k_max                  ? 
_reflns.limit_k_min                  ? 
_reflns.limit_l_max                  ? 
_reflns.limit_l_min                  ? 
_reflns.observed_criterion_F_max     ? 
_reflns.observed_criterion_F_min     ? 
_reflns.pdbx_chi_squared             ? 
_reflns.pdbx_scaling_rejects         ? 
_reflns.pdbx_ordinal                 1 
_reflns.pdbx_diffrn_id               1 
# 
_reflns_shell.d_res_high             2.10 
_reflns_shell.d_res_low              2.18 
_reflns_shell.percent_possible_all   88.8 
_reflns_shell.Rmerge_I_obs           ? 
_reflns_shell.pdbx_Rsym_value        0.224 
_reflns_shell.meanI_over_sigI_obs    ? 
_reflns_shell.pdbx_redundancy        6.3 
_reflns_shell.percent_possible_obs   ? 
_reflns_shell.number_unique_all      1041 
_reflns_shell.number_measured_all    ? 
_reflns_shell.number_measured_obs    ? 
_reflns_shell.number_unique_obs      ? 
_reflns_shell.pdbx_chi_squared       ? 
_reflns_shell.pdbx_ordinal           1 
_reflns_shell.pdbx_diffrn_id         1 
# 
_refine.entry_id                                 2DG6 
_refine.ls_number_reflns_obs                     10362 
_refine.ls_number_reflns_all                     ? 
_refine.pdbx_ls_sigma_I                          ? 
_refine.pdbx_ls_sigma_F                          0.0 
_refine.pdbx_data_cutoff_high_absF               1510278.22 
_refine.pdbx_data_cutoff_low_absF                0.000000 
_refine.pdbx_data_cutoff_high_rms_absF           ? 
_refine.ls_d_res_low                             19.95 
_refine.ls_d_res_high                            2.20 
_refine.ls_percent_reflns_obs                    99.5 
_refine.ls_R_factor_obs                          0.231 
_refine.ls_R_factor_all                          ? 
_refine.ls_R_factor_R_work                       0.231 
_refine.ls_R_factor_R_free                       0.276 
_refine.ls_R_factor_R_free_error                 0.009 
_refine.ls_R_factor_R_free_error_details         ? 
_refine.ls_percent_reflns_R_free                 9.7 
_refine.ls_number_reflns_R_free                  1008 
_refine.ls_number_parameters                     ? 
_refine.ls_number_restraints                     ? 
_refine.occupancy_min                            ? 
_refine.occupancy_max                            ? 
_refine.correlation_coeff_Fo_to_Fc               ? 
_refine.correlation_coeff_Fo_to_Fc_free          ? 
_refine.B_iso_mean                               28.0 
_refine.aniso_B[1][1]                            -12.47 
_refine.aniso_B[2][2]                            -10.46 
_refine.aniso_B[3][3]                            22.93 
_refine.aniso_B[1][2]                            0.00 
_refine.aniso_B[1][3]                            0.00 
_refine.aniso_B[2][3]                            0.00 
_refine.solvent_model_details                    'FLAT MODEL' 
_refine.solvent_model_param_ksol                 0.389945 
_refine.solvent_model_param_bsol                 55.6542 
_refine.pdbx_solvent_vdw_probe_radii             ? 
_refine.pdbx_solvent_ion_probe_radii             ? 
_refine.pdbx_solvent_shrinkage_radii             ? 
_refine.pdbx_ls_cross_valid_method               THROUGHOUT 
_refine.details                                  ? 
_refine.pdbx_starting_model                      ? 
_refine.pdbx_method_to_determine_struct          MAD 
_refine.pdbx_isotropic_thermal_model             RESTRAINED 
_refine.pdbx_stereochemistry_target_values       ? 
_refine.pdbx_stereochem_target_val_spec_case     ? 
_refine.pdbx_R_Free_selection_details            RANDOM 
_refine.pdbx_overall_ESU_R                       ? 
_refine.pdbx_overall_ESU_R_Free                  ? 
_refine.overall_SU_ML                            ? 
_refine.overall_SU_B                             ? 
_refine.ls_redundancy_reflns_obs                 ? 
_refine.B_iso_min                                ? 
_refine.B_iso_max                                ? 
_refine.overall_SU_R_Cruickshank_DPI             ? 
_refine.overall_SU_R_free                        ? 
_refine.ls_wR_factor_R_free                      ? 
_refine.ls_wR_factor_R_work                      ? 
_refine.overall_FOM_free_R_set                   ? 
_refine.overall_FOM_work_R_set                   ? 
_refine.pdbx_refine_id                           'X-RAY DIFFRACTION' 
_refine.pdbx_diffrn_id                           1 
_refine.pdbx_TLS_residual_ADP_flag               ? 
_refine.pdbx_overall_phase_error                 ? 
_refine.pdbx_overall_SU_R_free_Cruickshank_DPI   ? 
_refine.pdbx_overall_SU_R_Blow_DPI               ? 
_refine.pdbx_overall_SU_R_free_Blow_DPI          ? 
# 
_refine_analyze.entry_id                        2DG6 
_refine_analyze.Luzzati_coordinate_error_obs    0.28 
_refine_analyze.Luzzati_sigma_a_obs             0.26 
_refine_analyze.Luzzati_d_res_low_obs           5.00 
_refine_analyze.Luzzati_coordinate_error_free   0.35 
_refine_analyze.Luzzati_sigma_a_free            0.33 
_refine_analyze.Luzzati_d_res_low_free          ? 
_refine_analyze.number_disordered_residues      ? 
_refine_analyze.occupancy_sum_hydrogen          ? 
_refine_analyze.occupancy_sum_non_hydrogen      ? 
_refine_analyze.pdbx_Luzzati_d_res_high_obs     ? 
_refine_analyze.pdbx_refine_id                  'X-RAY DIFFRACTION' 
# 
_refine_hist.pdbx_refine_id                   'X-RAY DIFFRACTION' 
_refine_hist.cycle_id                         LAST 
_refine_hist.pdbx_number_atoms_protein        1624 
_refine_hist.pdbx_number_atoms_nucleic_acid   0 
_refine_hist.pdbx_number_atoms_ligand         0 
_refine_hist.number_atoms_solvent             94 
_refine_hist.number_atoms_total               1718 
_refine_hist.d_res_high                       2.20 
_refine_hist.d_res_low                        19.95 
# 
loop_
_refine_ls_restr.type 
_refine_ls_restr.dev_ideal 
_refine_ls_restr.dev_ideal_target 
_refine_ls_restr.weight 
_refine_ls_restr.number 
_refine_ls_restr.pdbx_refine_id 
_refine_ls_restr.pdbx_restraint_function 
c_bond_d                0.004 ? ? ? 'X-RAY DIFFRACTION' ? 
c_bond_d_na             ?     ? ? ? 'X-RAY DIFFRACTION' ? 
c_bond_d_prot           ?     ? ? ? 'X-RAY DIFFRACTION' ? 
c_angle_d               ?     ? ? ? 'X-RAY DIFFRACTION' ? 
c_angle_d_na            ?     ? ? ? 'X-RAY DIFFRACTION' ? 
c_angle_d_prot          ?     ? ? ? 'X-RAY DIFFRACTION' ? 
c_angle_deg             1.1   ? ? ? 'X-RAY DIFFRACTION' ? 
c_angle_deg_na          ?     ? ? ? 'X-RAY DIFFRACTION' ? 
c_angle_deg_prot        ?     ? ? ? 'X-RAY DIFFRACTION' ? 
c_dihedral_angle_d      18.3  ? ? ? 'X-RAY DIFFRACTION' ? 
c_dihedral_angle_d_na   ?     ? ? ? 'X-RAY DIFFRACTION' ? 
c_dihedral_angle_d_prot ?     ? ? ? 'X-RAY DIFFRACTION' ? 
c_improper_angle_d      0.70  ? ? ? 'X-RAY DIFFRACTION' ? 
c_improper_angle_d_na   ?     ? ? ? 'X-RAY DIFFRACTION' ? 
c_improper_angle_d_prot ?     ? ? ? 'X-RAY DIFFRACTION' ? 
c_mcbond_it             ?     ? ? ? 'X-RAY DIFFRACTION' ? 
c_mcangle_it            ?     ? ? ? 'X-RAY DIFFRACTION' ? 
c_scbond_it             ?     ? ? ? 'X-RAY DIFFRACTION' ? 
c_scangle_it            ?     ? ? ? 'X-RAY DIFFRACTION' ? 
# 
_refine_ls_shell.pdbx_total_number_of_bins_used   6 
_refine_ls_shell.d_res_high                       2.20 
_refine_ls_shell.d_res_low                        2.34 
_refine_ls_shell.number_reflns_R_work             1483 
_refine_ls_shell.R_factor_R_work                  0.275 
_refine_ls_shell.percent_reflns_obs               97.6 
_refine_ls_shell.R_factor_R_free                  0.298 
_refine_ls_shell.R_factor_R_free_error            0.023 
_refine_ls_shell.percent_reflns_R_free            10.3 
_refine_ls_shell.number_reflns_R_free             171 
_refine_ls_shell.number_reflns_all                ? 
_refine_ls_shell.R_factor_all                     ? 
_refine_ls_shell.number_reflns_obs                ? 
_refine_ls_shell.redundancy_reflns_obs            ? 
_refine_ls_shell.pdbx_refine_id                   'X-RAY DIFFRACTION' 
# 
loop_
_pdbx_xplor_file.serial_no 
_pdbx_xplor_file.param_file 
_pdbx_xplor_file.topol_file 
_pdbx_xplor_file.pdbx_refine_id 
1 protein_rep.param protein.top 'X-RAY DIFFRACTION' 
2 water_rep.param   water.top   'X-RAY DIFFRACTION' 
# 
_struct.entry_id                  2DG6 
_struct.title                     
'Crystal structure of the putative transcriptional regulator SCO5550 from Streptomyces coelicolor A3(2)' 
_struct.pdbx_model_details        ? 
_struct.pdbx_CASP_flag            ? 
_struct.pdbx_model_type_details   ? 
# 
_struct_keywords.entry_id        2DG6 
_struct_keywords.pdbx_keywords   'GENE REGULATION' 
_struct_keywords.text            'Winged-helix motif, MerR family, GENE REGULATION' 
# 
loop_
_struct_asym.id 
_struct_asym.pdbx_blank_PDB_chainid_flag 
_struct_asym.pdbx_modified 
_struct_asym.entity_id 
_struct_asym.details 
A N N 1 ? 
B N N 2 ? 
# 
_struct_ref.id                         1 
_struct_ref.db_name                    GB 
_struct_ref.db_code                    CAA19998 
_struct_ref.pdbx_db_accession          3355698 
_struct_ref.entity_id                  1 
_struct_ref.pdbx_seq_one_letter_code   
;MRLADLSKRSGVSTATIKYYLREGLLPPGRQVNATTAEYDEDHLRRLRLVRALIQVGKVPVATAREVLGHVDDDSLGRTV
RLGAALWALPQDAEPDEADPAVAAARVEVDRLLELLGWETSRELAPLSPVHRSLVVAVAALRRLDYPWDAELMAPYGELM
MEVARRDLDFMETHASEAEKVEMAVAAAVLFQPVLRALHRLAQEEESARRYGIE
;
_struct_ref.pdbx_align_begin           1 
_struct_ref.pdbx_db_isoform            ? 
# 
_struct_ref_seq.align_id                      1 
_struct_ref_seq.ref_id                        1 
_struct_ref_seq.pdbx_PDB_id_code              2DG6 
_struct_ref_seq.pdbx_strand_id                A 
_struct_ref_seq.seq_align_beg                 1 
_struct_ref_seq.pdbx_seq_align_beg_ins_code   ? 
_struct_ref_seq.seq_align_end                 214 
_struct_ref_seq.pdbx_seq_align_end_ins_code   ? 
_struct_ref_seq.pdbx_db_accession             3355698 
_struct_ref_seq.db_align_beg                  1 
_struct_ref_seq.pdbx_db_align_beg_ins_code    ? 
_struct_ref_seq.db_align_end                  214 
_struct_ref_seq.pdbx_db_align_end_ins_code    ? 
_struct_ref_seq.pdbx_auth_seq_align_beg       1 
_struct_ref_seq.pdbx_auth_seq_align_end       214 
# 
loop_
_struct_ref_seq_dif.align_id 
_struct_ref_seq_dif.pdbx_pdb_id_code 
_struct_ref_seq_dif.mon_id 
_struct_ref_seq_dif.pdbx_pdb_strand_id 
_struct_ref_seq_dif.seq_num 
_struct_ref_seq_dif.pdbx_pdb_ins_code 
_struct_ref_seq_dif.pdbx_seq_db_name 
_struct_ref_seq_dif.pdbx_seq_db_accession_code 
_struct_ref_seq_dif.db_mon_id 
_struct_ref_seq_dif.pdbx_seq_db_seq_num 
_struct_ref_seq_dif.details 
_struct_ref_seq_dif.pdbx_auth_seq_num 
_struct_ref_seq_dif.pdbx_ordinal 
1 2DG6 MSE A 1   ? GB 3355698 MET 1   'modified residue' 1   1  
1 2DG6 MSE A 153 ? GB 3355698 MET 153 'modified residue' 153 2  
1 2DG6 MSE A 160 ? GB 3355698 MET 160 'modified residue' 160 3  
1 2DG6 MSE A 161 ? GB 3355698 MET 161 'modified residue' 161 4  
1 2DG6 MSE A 171 ? GB 3355698 MET 171 'modified residue' 171 5  
1 2DG6 MSE A 183 ? GB 3355698 MET 183 'modified residue' 183 6  
1 2DG6 LEU A 215 ? GB 3355698 ?   ?   'expression tag'   215 7  
1 2DG6 GLU A 216 ? GB 3355698 ?   ?   'expression tag'   216 8  
1 2DG6 HIS A 217 ? GB 3355698 ?   ?   'expression tag'   217 9  
1 2DG6 HIS A 218 ? GB 3355698 ?   ?   'expression tag'   218 10 
1 2DG6 HIS A 219 ? GB 3355698 ?   ?   'expression tag'   219 11 
1 2DG6 HIS A 220 ? GB 3355698 ?   ?   'expression tag'   220 12 
1 2DG6 HIS A 221 ? GB 3355698 ?   ?   'expression tag'   221 13 
1 2DG6 HIS A 222 ? GB 3355698 ?   ?   'expression tag'   222 14 
# 
_pdbx_struct_assembly.id                   1 
_pdbx_struct_assembly.details              author_and_software_defined_assembly 
_pdbx_struct_assembly.method_details       PISA,PQS 
_pdbx_struct_assembly.oligomeric_details   dimeric 
_pdbx_struct_assembly.oligomeric_count     2 
# 
loop_
_pdbx_struct_assembly_prop.biol_id 
_pdbx_struct_assembly_prop.type 
_pdbx_struct_assembly_prop.value 
_pdbx_struct_assembly_prop.details 
1 'ABSA (A^2)' 8890  ? 
1 MORE         -62   ? 
1 'SSA (A^2)'  17690 ? 
# 
_pdbx_struct_assembly_gen.assembly_id       1 
_pdbx_struct_assembly_gen.oper_expression   1,2 
_pdbx_struct_assembly_gen.asym_id_list      A,B 
# 
loop_
_pdbx_struct_oper_list.id 
_pdbx_struct_oper_list.type 
_pdbx_struct_oper_list.name 
_pdbx_struct_oper_list.symmetry_operation 
_pdbx_struct_oper_list.matrix[1][1] 
_pdbx_struct_oper_list.matrix[1][2] 
_pdbx_struct_oper_list.matrix[1][3] 
_pdbx_struct_oper_list.vector[1] 
_pdbx_struct_oper_list.matrix[2][1] 
_pdbx_struct_oper_list.matrix[2][2] 
_pdbx_struct_oper_list.matrix[2][3] 
_pdbx_struct_oper_list.vector[2] 
_pdbx_struct_oper_list.matrix[3][1] 
_pdbx_struct_oper_list.matrix[3][2] 
_pdbx_struct_oper_list.matrix[3][3] 
_pdbx_struct_oper_list.vector[3] 
1 'identity operation'         1_555 x,y,z     1.0000000000  0.0000000000 0.0000000000 0.0000000000  0.0000000000 1.0000000000 0.0000000000 0.0000000000  0.0000000000 0.0000000000 1.0000000000  0.0000000000  
2 'crystal symmetry operation' 2_565 -x,-y+1,z -0.5876930882 0.7340339622 0.3403101180 -0.2254627409 0.7340339622 0.3068077256 0.6058573774 -8.5742586441 0.3403101180 0.6058573774 -0.7191146374 18.7674610720 
# 
_struct_biol.id                    1 
_struct_biol.details               
'The biological assembly is a dimer generated from the monomer in the asymmetric unit by the operations:  -x, -y+1, z.' 
_struct_biol.pdbx_parent_biol_id   ? 
# 
loop_
_struct_conf.conf_type_id 
_struct_conf.id 
_struct_conf.pdbx_PDB_helix_id 
_struct_conf.beg_label_comp_id 
_struct_conf.beg_label_asym_id 
_struct_conf.beg_label_seq_id 
_struct_conf.pdbx_beg_PDB_ins_code 
_struct_conf.end_label_comp_id 
_struct_conf.end_label_asym_id 
_struct_conf.end_label_seq_id 
_struct_conf.pdbx_end_PDB_ins_code 
_struct_conf.beg_auth_comp_id 
_struct_conf.beg_auth_asym_id 
_struct_conf.beg_auth_seq_id 
_struct_conf.end_auth_comp_id 
_struct_conf.end_auth_asym_id 
_struct_conf.end_auth_seq_id 
_struct_conf.pdbx_PDB_helix_class 
_struct_conf.details 
_struct_conf.pdbx_PDB_helix_length 
HELX_P HELX_P1  1  ARG A 2   ? GLY A 11  ? ARG A 2   GLY A 11  1 ? 10 
HELX_P HELX_P2  2  SER A 13  ? GLU A 23  ? SER A 13  GLU A 23  1 ? 11 
HELX_P HELX_P3  3  ASP A 40  ? VAL A 56  ? ASP A 40  VAL A 56  1 ? 17 
HELX_P HELX_P4  4  PRO A 60  ? ASP A 72  ? PRO A 60  ASP A 72  1 ? 13 
HELX_P HELX_P5  5  GLY A 77  ? TRP A 87  ? GLY A 77  TRP A 87  1 ? 11 
HELX_P HELX_P6  6  ASP A 99  ? GLY A 117 ? ASP A 99  GLY A 117 1 ? 19 
HELX_P HELX_P7  7  TRP A 118 ? ALA A 125 ? TRP A 118 ALA A 125 1 ? 8  
HELX_P HELX_P8  8  SER A 128 ? LEU A 144 ? SER A 128 LEU A 144 1 ? 17 
HELX_P HELX_P9  9  ASP A 149 ? ALA A 175 ? ASP A 149 ALA A 175 1 ? 27 
HELX_P HELX_P10 10 GLU A 179 ? PHE A 191 ? GLU A 179 PHE A 191 1 ? 13 
HELX_P HELX_P11 11 PHE A 191 ? TYR A 211 ? PHE A 191 TYR A 211 1 ? 21 
# 
_struct_conf_type.id          HELX_P 
_struct_conf_type.criteria    ? 
_struct_conf_type.reference   ? 
# 
loop_
_struct_conn.id 
_struct_conn.conn_type_id 
_struct_conn.pdbx_leaving_atom_flag 
_struct_conn.pdbx_PDB_id 
_struct_conn.ptnr1_label_asym_id 
_struct_conn.ptnr1_label_comp_id 
_struct_conn.ptnr1_label_seq_id 
_struct_conn.ptnr1_label_atom_id 
_struct_conn.pdbx_ptnr1_label_alt_id 
_struct_conn.pdbx_ptnr1_PDB_ins_code 
_struct_conn.pdbx_ptnr1_standard_comp_id 
_struct_conn.ptnr1_symmetry 
_struct_conn.ptnr2_label_asym_id 
_struct_conn.ptnr2_label_comp_id 
_struct_conn.ptnr2_label_seq_id 
_struct_conn.ptnr2_label_atom_id 
_struct_conn.pdbx_ptnr2_label_alt_id 
_struct_conn.pdbx_ptnr2_PDB_ins_code 
_struct_conn.ptnr1_auth_asym_id 
_struct_conn.ptnr1_auth_comp_id 
_struct_conn.ptnr1_auth_seq_id 
_struct_conn.ptnr2_auth_asym_id 
_struct_conn.ptnr2_auth_comp_id 
_struct_conn.ptnr2_auth_seq_id 
_struct_conn.ptnr2_symmetry 
_struct_conn.pdbx_ptnr3_label_atom_id 
_struct_conn.pdbx_ptnr3_label_seq_id 
_struct_conn.pdbx_ptnr3_label_comp_id 
_struct_conn.pdbx_ptnr3_label_asym_id 
_struct_conn.pdbx_ptnr3_label_alt_id 
_struct_conn.pdbx_ptnr3_PDB_ins_code 
_struct_conn.details 
_struct_conn.pdbx_dist_value 
_struct_conn.pdbx_value_order 
_struct_conn.pdbx_role 
covale1  covale both ? A MSE 1   C ? ? ? 1_555 A ARG 2   N ? ? A MSE 1   A ARG 2   1_555 ? ? ? ? ? ? ? 1.329 ? ? 
covale2  covale both ? A LEU 152 C ? ? ? 1_555 A MSE 153 N ? ? A LEU 152 A MSE 153 1_555 ? ? ? ? ? ? ? 1.329 ? ? 
covale3  covale both ? A MSE 153 C ? ? ? 1_555 A ALA 154 N ? ? A MSE 153 A ALA 154 1_555 ? ? ? ? ? ? ? 1.329 ? ? 
covale4  covale both ? A LEU 159 C ? ? ? 1_555 A MSE 160 N ? ? A LEU 159 A MSE 160 1_555 ? ? ? ? ? ? ? 1.328 ? ? 
covale5  covale both ? A MSE 160 C ? ? ? 1_555 A MSE 161 N ? ? A MSE 160 A MSE 161 1_555 ? ? ? ? ? ? ? 1.326 ? ? 
covale6  covale both ? A MSE 161 C ? ? ? 1_555 A GLU 162 N ? ? A MSE 161 A GLU 162 1_555 ? ? ? ? ? ? ? 1.329 ? ? 
covale7  covale both ? A PHE 170 C ? ? ? 1_555 A MSE 171 N ? ? A PHE 170 A MSE 171 1_555 ? ? ? ? ? ? ? 1.331 ? ? 
covale8  covale both ? A MSE 171 C ? ? ? 1_555 A GLU 172 N ? ? A MSE 171 A GLU 172 1_555 ? ? ? ? ? ? ? 1.326 ? ? 
covale9  covale both ? A GLU 182 C ? ? ? 1_555 A MSE 183 N ? ? A GLU 182 A MSE 183 1_555 ? ? ? ? ? ? ? 1.324 ? ? 
covale10 covale both ? A MSE 183 C ? ? ? 1_555 A ALA 184 N ? ? A MSE 183 A ALA 184 1_555 ? ? ? ? ? ? ? 1.329 ? ? 
# 
_struct_conn_type.id          covale 
_struct_conn_type.criteria    ? 
_struct_conn_type.reference   ? 
# 
loop_
_pdbx_modification_feature.ordinal 
_pdbx_modification_feature.label_comp_id 
_pdbx_modification_feature.label_asym_id 
_pdbx_modification_feature.label_seq_id 
_pdbx_modification_feature.label_alt_id 
_pdbx_modification_feature.modified_residue_label_comp_id 
_pdbx_modification_feature.modified_residue_label_asym_id 
_pdbx_modification_feature.modified_residue_label_seq_id 
_pdbx_modification_feature.modified_residue_label_alt_id 
_pdbx_modification_feature.auth_comp_id 
_pdbx_modification_feature.auth_asym_id 
_pdbx_modification_feature.auth_seq_id 
_pdbx_modification_feature.PDB_ins_code 
_pdbx_modification_feature.symmetry 
_pdbx_modification_feature.modified_residue_auth_comp_id 
_pdbx_modification_feature.modified_residue_auth_asym_id 
_pdbx_modification_feature.modified_residue_auth_seq_id 
_pdbx_modification_feature.modified_residue_PDB_ins_code 
_pdbx_modification_feature.modified_residue_symmetry 
_pdbx_modification_feature.comp_id_linking_atom 
_pdbx_modification_feature.modified_residue_id_linking_atom 
_pdbx_modification_feature.modified_residue_id 
_pdbx_modification_feature.ref_pcm_id 
_pdbx_modification_feature.ref_comp_id 
_pdbx_modification_feature.type 
_pdbx_modification_feature.category 
1 MSE A 1   ? . . . . MSE A 1   ? 1_555 . . . . . . . MET 1 MSE Selenomethionine 'Named protein modification' 
2 MSE A 153 ? . . . . MSE A 153 ? 1_555 . . . . . . . MET 1 MSE Selenomethionine 'Named protein modification' 
3 MSE A 160 ? . . . . MSE A 160 ? 1_555 . . . . . . . MET 1 MSE Selenomethionine 'Named protein modification' 
4 MSE A 161 ? . . . . MSE A 161 ? 1_555 . . . . . . . MET 1 MSE Selenomethionine 'Named protein modification' 
5 MSE A 171 ? . . . . MSE A 171 ? 1_555 . . . . . . . MET 1 MSE Selenomethionine 'Named protein modification' 
6 MSE A 183 ? . . . . MSE A 183 ? 1_555 . . . . . . . MET 1 MSE Selenomethionine 'Named protein modification' 
# 
_pdbx_entry_details.entry_id                   2DG6 
_pdbx_entry_details.compound_details           ? 
_pdbx_entry_details.source_details             ? 
_pdbx_entry_details.nonpolymer_details         ? 
_pdbx_entry_details.sequence_details           ? 
_pdbx_entry_details.has_ligand_of_interest     ? 
_pdbx_entry_details.has_protein_modification   Y 
# 
_pdbx_validate_torsion.id              1 
_pdbx_validate_torsion.PDB_model_num   1 
_pdbx_validate_torsion.auth_comp_id    PRO 
_pdbx_validate_torsion.auth_asym_id    A 
_pdbx_validate_torsion.auth_seq_id     147 
_pdbx_validate_torsion.PDB_ins_code    ? 
_pdbx_validate_torsion.label_alt_id    ? 
_pdbx_validate_torsion.phi             -65.54 
_pdbx_validate_torsion.psi             53.51 
# 
loop_
_pdbx_struct_mod_residue.id 
_pdbx_struct_mod_residue.label_asym_id 
_pdbx_struct_mod_residue.label_comp_id 
_pdbx_struct_mod_residue.label_seq_id 
_pdbx_struct_mod_residue.auth_asym_id 
_pdbx_struct_mod_residue.auth_comp_id 
_pdbx_struct_mod_residue.auth_seq_id 
_pdbx_struct_mod_residue.PDB_ins_code 
_pdbx_struct_mod_residue.parent_comp_id 
_pdbx_struct_mod_residue.details 
1 A MSE 1   A MSE 1   ? MET SELENOMETHIONINE 
2 A MSE 153 A MSE 153 ? MET SELENOMETHIONINE 
3 A MSE 160 A MSE 160 ? MET SELENOMETHIONINE 
4 A MSE 161 A MSE 161 ? MET SELENOMETHIONINE 
5 A MSE 171 A MSE 171 ? MET SELENOMETHIONINE 
6 A MSE 183 A MSE 183 ? MET SELENOMETHIONINE 
# 
loop_
_pdbx_unobs_or_zero_occ_residues.id 
_pdbx_unobs_or_zero_occ_residues.PDB_model_num 
_pdbx_unobs_or_zero_occ_residues.polymer_flag 
_pdbx_unobs_or_zero_occ_residues.occupancy_flag 
_pdbx_unobs_or_zero_occ_residues.auth_asym_id 
_pdbx_unobs_or_zero_occ_residues.auth_comp_id 
_pdbx_unobs_or_zero_occ_residues.auth_seq_id 
_pdbx_unobs_or_zero_occ_residues.PDB_ins_code 
_pdbx_unobs_or_zero_occ_residues.label_asym_id 
_pdbx_unobs_or_zero_occ_residues.label_comp_id 
_pdbx_unobs_or_zero_occ_residues.label_seq_id 
1  1 Y 1 A ARG 30  ? A ARG 30  
2  1 Y 1 A GLN 31  ? A GLN 31  
3  1 Y 1 A VAL 32  ? A VAL 32  
4  1 Y 1 A ASN 33  ? A ASN 33  
5  1 Y 1 A ALA 34  ? A ALA 34  
6  1 Y 1 A THR 35  ? A THR 35  
7  1 Y 1 A THR 36  ? A THR 36  
8  1 Y 1 A ALA 37  ? A ALA 37  
9  1 Y 1 A GLU 38  ? A GLU 38  
10 1 Y 1 A HIS 217 ? A HIS 217 
11 1 Y 1 A HIS 218 ? A HIS 218 
12 1 Y 1 A HIS 219 ? A HIS 219 
13 1 Y 1 A HIS 220 ? A HIS 220 
14 1 Y 1 A HIS 221 ? A HIS 221 
15 1 Y 1 A HIS 222 ? A HIS 222 
# 
loop_
_chem_comp_atom.comp_id 
_chem_comp_atom.atom_id 
_chem_comp_atom.type_symbol 
_chem_comp_atom.pdbx_aromatic_flag 
_chem_comp_atom.pdbx_stereo_config 
_chem_comp_atom.pdbx_ordinal 
ALA N    N  N N 1   
ALA CA   C  N S 2   
ALA C    C  N N 3   
ALA O    O  N N 4   
ALA CB   C  N N 5   
ALA OXT  O  N N 6   
ALA H    H  N N 7   
ALA H2   H  N N 8   
ALA HA   H  N N 9   
ALA HB1  H  N N 10  
ALA HB2  H  N N 11  
ALA HB3  H  N N 12  
ALA HXT  H  N N 13  
ARG N    N  N N 14  
ARG CA   C  N S 15  
ARG C    C  N N 16  
ARG O    O  N N 17  
ARG CB   C  N N 18  
ARG CG   C  N N 19  
ARG CD   C  N N 20  
ARG NE   N  N N 21  
ARG CZ   C  N N 22  
ARG NH1  N  N N 23  
ARG NH2  N  N N 24  
ARG OXT  O  N N 25  
ARG H    H  N N 26  
ARG H2   H  N N 27  
ARG HA   H  N N 28  
ARG HB2  H  N N 29  
ARG HB3  H  N N 30  
ARG HG2  H  N N 31  
ARG HG3  H  N N 32  
ARG HD2  H  N N 33  
ARG HD3  H  N N 34  
ARG HE   H  N N 35  
ARG HH11 H  N N 36  
ARG HH12 H  N N 37  
ARG HH21 H  N N 38  
ARG HH22 H  N N 39  
ARG HXT  H  N N 40  
ASN N    N  N N 41  
ASN CA   C  N S 42  
ASN C    C  N N 43  
ASN O    O  N N 44  
ASN CB   C  N N 45  
ASN CG   C  N N 46  
ASN OD1  O  N N 47  
ASN ND2  N  N N 48  
ASN OXT  O  N N 49  
ASN H    H  N N 50  
ASN H2   H  N N 51  
ASN HA   H  N N 52  
ASN HB2  H  N N 53  
ASN HB3  H  N N 54  
ASN HD21 H  N N 55  
ASN HD22 H  N N 56  
ASN HXT  H  N N 57  
ASP N    N  N N 58  
ASP CA   C  N S 59  
ASP C    C  N N 60  
ASP O    O  N N 61  
ASP CB   C  N N 62  
ASP CG   C  N N 63  
ASP OD1  O  N N 64  
ASP OD2  O  N N 65  
ASP OXT  O  N N 66  
ASP H    H  N N 67  
ASP H2   H  N N 68  
ASP HA   H  N N 69  
ASP HB2  H  N N 70  
ASP HB3  H  N N 71  
ASP HD2  H  N N 72  
ASP HXT  H  N N 73  
GLN N    N  N N 74  
GLN CA   C  N S 75  
GLN C    C  N N 76  
GLN O    O  N N 77  
GLN CB   C  N N 78  
GLN CG   C  N N 79  
GLN CD   C  N N 80  
GLN OE1  O  N N 81  
GLN NE2  N  N N 82  
GLN OXT  O  N N 83  
GLN H    H  N N 84  
GLN H2   H  N N 85  
GLN HA   H  N N 86  
GLN HB2  H  N N 87  
GLN HB3  H  N N 88  
GLN HG2  H  N N 89  
GLN HG3  H  N N 90  
GLN HE21 H  N N 91  
GLN HE22 H  N N 92  
GLN HXT  H  N N 93  
GLU N    N  N N 94  
GLU CA   C  N S 95  
GLU C    C  N N 96  
GLU O    O  N N 97  
GLU CB   C  N N 98  
GLU CG   C  N N 99  
GLU CD   C  N N 100 
GLU OE1  O  N N 101 
GLU OE2  O  N N 102 
GLU OXT  O  N N 103 
GLU H    H  N N 104 
GLU H2   H  N N 105 
GLU HA   H  N N 106 
GLU HB2  H  N N 107 
GLU HB3  H  N N 108 
GLU HG2  H  N N 109 
GLU HG3  H  N N 110 
GLU HE2  H  N N 111 
GLU HXT  H  N N 112 
GLY N    N  N N 113 
GLY CA   C  N N 114 
GLY C    C  N N 115 
GLY O    O  N N 116 
GLY OXT  O  N N 117 
GLY H    H  N N 118 
GLY H2   H  N N 119 
GLY HA2  H  N N 120 
GLY HA3  H  N N 121 
GLY HXT  H  N N 122 
HIS N    N  N N 123 
HIS CA   C  N S 124 
HIS C    C  N N 125 
HIS O    O  N N 126 
HIS CB   C  N N 127 
HIS CG   C  Y N 128 
HIS ND1  N  Y N 129 
HIS CD2  C  Y N 130 
HIS CE1  C  Y N 131 
HIS NE2  N  Y N 132 
HIS OXT  O  N N 133 
HIS H    H  N N 134 
HIS H2   H  N N 135 
HIS HA   H  N N 136 
HIS HB2  H  N N 137 
HIS HB3  H  N N 138 
HIS HD1  H  N N 139 
HIS HD2  H  N N 140 
HIS HE1  H  N N 141 
HIS HE2  H  N N 142 
HIS HXT  H  N N 143 
HOH O    O  N N 144 
HOH H1   H  N N 145 
HOH H2   H  N N 146 
ILE N    N  N N 147 
ILE CA   C  N S 148 
ILE C    C  N N 149 
ILE O    O  N N 150 
ILE CB   C  N S 151 
ILE CG1  C  N N 152 
ILE CG2  C  N N 153 
ILE CD1  C  N N 154 
ILE OXT  O  N N 155 
ILE H    H  N N 156 
ILE H2   H  N N 157 
ILE HA   H  N N 158 
ILE HB   H  N N 159 
ILE HG12 H  N N 160 
ILE HG13 H  N N 161 
ILE HG21 H  N N 162 
ILE HG22 H  N N 163 
ILE HG23 H  N N 164 
ILE HD11 H  N N 165 
ILE HD12 H  N N 166 
ILE HD13 H  N N 167 
ILE HXT  H  N N 168 
LEU N    N  N N 169 
LEU CA   C  N S 170 
LEU C    C  N N 171 
LEU O    O  N N 172 
LEU CB   C  N N 173 
LEU CG   C  N N 174 
LEU CD1  C  N N 175 
LEU CD2  C  N N 176 
LEU OXT  O  N N 177 
LEU H    H  N N 178 
LEU H2   H  N N 179 
LEU HA   H  N N 180 
LEU HB2  H  N N 181 
LEU HB3  H  N N 182 
LEU HG   H  N N 183 
LEU HD11 H  N N 184 
LEU HD12 H  N N 185 
LEU HD13 H  N N 186 
LEU HD21 H  N N 187 
LEU HD22 H  N N 188 
LEU HD23 H  N N 189 
LEU HXT  H  N N 190 
LYS N    N  N N 191 
LYS CA   C  N S 192 
LYS C    C  N N 193 
LYS O    O  N N 194 
LYS CB   C  N N 195 
LYS CG   C  N N 196 
LYS CD   C  N N 197 
LYS CE   C  N N 198 
LYS NZ   N  N N 199 
LYS OXT  O  N N 200 
LYS H    H  N N 201 
LYS H2   H  N N 202 
LYS HA   H  N N 203 
LYS HB2  H  N N 204 
LYS HB3  H  N N 205 
LYS HG2  H  N N 206 
LYS HG3  H  N N 207 
LYS HD2  H  N N 208 
LYS HD3  H  N N 209 
LYS HE2  H  N N 210 
LYS HE3  H  N N 211 
LYS HZ1  H  N N 212 
LYS HZ2  H  N N 213 
LYS HZ3  H  N N 214 
LYS HXT  H  N N 215 
MET N    N  N N 216 
MET CA   C  N S 217 
MET C    C  N N 218 
MET O    O  N N 219 
MET CB   C  N N 220 
MET CG   C  N N 221 
MET SD   S  N N 222 
MET CE   C  N N 223 
MET OXT  O  N N 224 
MET H    H  N N 225 
MET H2   H  N N 226 
MET HA   H  N N 227 
MET HB2  H  N N 228 
MET HB3  H  N N 229 
MET HG2  H  N N 230 
MET HG3  H  N N 231 
MET HE1  H  N N 232 
MET HE2  H  N N 233 
MET HE3  H  N N 234 
MET HXT  H  N N 235 
MSE N    N  N N 236 
MSE CA   C  N S 237 
MSE C    C  N N 238 
MSE O    O  N N 239 
MSE OXT  O  N N 240 
MSE CB   C  N N 241 
MSE CG   C  N N 242 
MSE SE   SE N N 243 
MSE CE   C  N N 244 
MSE H    H  N N 245 
MSE H2   H  N N 246 
MSE HA   H  N N 247 
MSE HXT  H  N N 248 
MSE HB2  H  N N 249 
MSE HB3  H  N N 250 
MSE HG2  H  N N 251 
MSE HG3  H  N N 252 
MSE HE1  H  N N 253 
MSE HE2  H  N N 254 
MSE HE3  H  N N 255 
PHE N    N  N N 256 
PHE CA   C  N S 257 
PHE C    C  N N 258 
PHE O    O  N N 259 
PHE CB   C  N N 260 
PHE CG   C  Y N 261 
PHE CD1  C  Y N 262 
PHE CD2  C  Y N 263 
PHE CE1  C  Y N 264 
PHE CE2  C  Y N 265 
PHE CZ   C  Y N 266 
PHE OXT  O  N N 267 
PHE H    H  N N 268 
PHE H2   H  N N 269 
PHE HA   H  N N 270 
PHE HB2  H  N N 271 
PHE HB3  H  N N 272 
PHE HD1  H  N N 273 
PHE HD2  H  N N 274 
PHE HE1  H  N N 275 
PHE HE2  H  N N 276 
PHE HZ   H  N N 277 
PHE HXT  H  N N 278 
PRO N    N  N N 279 
PRO CA   C  N S 280 
PRO C    C  N N 281 
PRO O    O  N N 282 
PRO CB   C  N N 283 
PRO CG   C  N N 284 
PRO CD   C  N N 285 
PRO OXT  O  N N 286 
PRO H    H  N N 287 
PRO HA   H  N N 288 
PRO HB2  H  N N 289 
PRO HB3  H  N N 290 
PRO HG2  H  N N 291 
PRO HG3  H  N N 292 
PRO HD2  H  N N 293 
PRO HD3  H  N N 294 
PRO HXT  H  N N 295 
SER N    N  N N 296 
SER CA   C  N S 297 
SER C    C  N N 298 
SER O    O  N N 299 
SER CB   C  N N 300 
SER OG   O  N N 301 
SER OXT  O  N N 302 
SER H    H  N N 303 
SER H2   H  N N 304 
SER HA   H  N N 305 
SER HB2  H  N N 306 
SER HB3  H  N N 307 
SER HG   H  N N 308 
SER HXT  H  N N 309 
THR N    N  N N 310 
THR CA   C  N S 311 
THR C    C  N N 312 
THR O    O  N N 313 
THR CB   C  N R 314 
THR OG1  O  N N 315 
THR CG2  C  N N 316 
THR OXT  O  N N 317 
THR H    H  N N 318 
THR H2   H  N N 319 
THR HA   H  N N 320 
THR HB   H  N N 321 
THR HG1  H  N N 322 
THR HG21 H  N N 323 
THR HG22 H  N N 324 
THR HG23 H  N N 325 
THR HXT  H  N N 326 
TRP N    N  N N 327 
TRP CA   C  N S 328 
TRP C    C  N N 329 
TRP O    O  N N 330 
TRP CB   C  N N 331 
TRP CG   C  Y N 332 
TRP CD1  C  Y N 333 
TRP CD2  C  Y N 334 
TRP NE1  N  Y N 335 
TRP CE2  C  Y N 336 
TRP CE3  C  Y N 337 
TRP CZ2  C  Y N 338 
TRP CZ3  C  Y N 339 
TRP CH2  C  Y N 340 
TRP OXT  O  N N 341 
TRP H    H  N N 342 
TRP H2   H  N N 343 
TRP HA   H  N N 344 
TRP HB2  H  N N 345 
TRP HB3  H  N N 346 
TRP HD1  H  N N 347 
TRP HE1  H  N N 348 
TRP HE3  H  N N 349 
TRP HZ2  H  N N 350 
TRP HZ3  H  N N 351 
TRP HH2  H  N N 352 
TRP HXT  H  N N 353 
TYR N    N  N N 354 
TYR CA   C  N S 355 
TYR C    C  N N 356 
TYR O    O  N N 357 
TYR CB   C  N N 358 
TYR CG   C  Y N 359 
TYR CD1  C  Y N 360 
TYR CD2  C  Y N 361 
TYR CE1  C  Y N 362 
TYR CE2  C  Y N 363 
TYR CZ   C  Y N 364 
TYR OH   O  N N 365 
TYR OXT  O  N N 366 
TYR H    H  N N 367 
TYR H2   H  N N 368 
TYR HA   H  N N 369 
TYR HB2  H  N N 370 
TYR HB3  H  N N 371 
TYR HD1  H  N N 372 
TYR HD2  H  N N 373 
TYR HE1  H  N N 374 
TYR HE2  H  N N 375 
TYR HH   H  N N 376 
TYR HXT  H  N N 377 
VAL N    N  N N 378 
VAL CA   C  N S 379 
VAL C    C  N N 380 
VAL O    O  N N 381 
VAL CB   C  N N 382 
VAL CG1  C  N N 383 
VAL CG2  C  N N 384 
VAL OXT  O  N N 385 
VAL H    H  N N 386 
VAL H2   H  N N 387 
VAL HA   H  N N 388 
VAL HB   H  N N 389 
VAL HG11 H  N N 390 
VAL HG12 H  N N 391 
VAL HG13 H  N N 392 
VAL HG21 H  N N 393 
VAL HG22 H  N N 394 
VAL HG23 H  N N 395 
VAL HXT  H  N N 396 
# 
loop_
_chem_comp_bond.comp_id 
_chem_comp_bond.atom_id_1 
_chem_comp_bond.atom_id_2 
_chem_comp_bond.value_order 
_chem_comp_bond.pdbx_aromatic_flag 
_chem_comp_bond.pdbx_stereo_config 
_chem_comp_bond.pdbx_ordinal 
ALA N   CA   sing N N 1   
ALA N   H    sing N N 2   
ALA N   H2   sing N N 3   
ALA CA  C    sing N N 4   
ALA CA  CB   sing N N 5   
ALA CA  HA   sing N N 6   
ALA C   O    doub N N 7   
ALA C   OXT  sing N N 8   
ALA CB  HB1  sing N N 9   
ALA CB  HB2  sing N N 10  
ALA CB  HB3  sing N N 11  
ALA OXT HXT  sing N N 12  
ARG N   CA   sing N N 13  
ARG N   H    sing N N 14  
ARG N   H2   sing N N 15  
ARG CA  C    sing N N 16  
ARG CA  CB   sing N N 17  
ARG CA  HA   sing N N 18  
ARG C   O    doub N N 19  
ARG C   OXT  sing N N 20  
ARG CB  CG   sing N N 21  
ARG CB  HB2  sing N N 22  
ARG CB  HB3  sing N N 23  
ARG CG  CD   sing N N 24  
ARG CG  HG2  sing N N 25  
ARG CG  HG3  sing N N 26  
ARG CD  NE   sing N N 27  
ARG CD  HD2  sing N N 28  
ARG CD  HD3  sing N N 29  
ARG NE  CZ   sing N N 30  
ARG NE  HE   sing N N 31  
ARG CZ  NH1  sing N N 32  
ARG CZ  NH2  doub N N 33  
ARG NH1 HH11 sing N N 34  
ARG NH1 HH12 sing N N 35  
ARG NH2 HH21 sing N N 36  
ARG NH2 HH22 sing N N 37  
ARG OXT HXT  sing N N 38  
ASN N   CA   sing N N 39  
ASN N   H    sing N N 40  
ASN N   H2   sing N N 41  
ASN CA  C    sing N N 42  
ASN CA  CB   sing N N 43  
ASN CA  HA   sing N N 44  
ASN C   O    doub N N 45  
ASN C   OXT  sing N N 46  
ASN CB  CG   sing N N 47  
ASN CB  HB2  sing N N 48  
ASN CB  HB3  sing N N 49  
ASN CG  OD1  doub N N 50  
ASN CG  ND2  sing N N 51  
ASN ND2 HD21 sing N N 52  
ASN ND2 HD22 sing N N 53  
ASN OXT HXT  sing N N 54  
ASP N   CA   sing N N 55  
ASP N   H    sing N N 56  
ASP N   H2   sing N N 57  
ASP CA  C    sing N N 58  
ASP CA  CB   sing N N 59  
ASP CA  HA   sing N N 60  
ASP C   O    doub N N 61  
ASP C   OXT  sing N N 62  
ASP CB  CG   sing N N 63  
ASP CB  HB2  sing N N 64  
ASP CB  HB3  sing N N 65  
ASP CG  OD1  doub N N 66  
ASP CG  OD2  sing N N 67  
ASP OD2 HD2  sing N N 68  
ASP OXT HXT  sing N N 69  
GLN N   CA   sing N N 70  
GLN N   H    sing N N 71  
GLN N   H2   sing N N 72  
GLN CA  C    sing N N 73  
GLN CA  CB   sing N N 74  
GLN CA  HA   sing N N 75  
GLN C   O    doub N N 76  
GLN C   OXT  sing N N 77  
GLN CB  CG   sing N N 78  
GLN CB  HB2  sing N N 79  
GLN CB  HB3  sing N N 80  
GLN CG  CD   sing N N 81  
GLN CG  HG2  sing N N 82  
GLN CG  HG3  sing N N 83  
GLN CD  OE1  doub N N 84  
GLN CD  NE2  sing N N 85  
GLN NE2 HE21 sing N N 86  
GLN NE2 HE22 sing N N 87  
GLN OXT HXT  sing N N 88  
GLU N   CA   sing N N 89  
GLU N   H    sing N N 90  
GLU N   H2   sing N N 91  
GLU CA  C    sing N N 92  
GLU CA  CB   sing N N 93  
GLU CA  HA   sing N N 94  
GLU C   O    doub N N 95  
GLU C   OXT  sing N N 96  
GLU CB  CG   sing N N 97  
GLU CB  HB2  sing N N 98  
GLU CB  HB3  sing N N 99  
GLU CG  CD   sing N N 100 
GLU CG  HG2  sing N N 101 
GLU CG  HG3  sing N N 102 
GLU CD  OE1  doub N N 103 
GLU CD  OE2  sing N N 104 
GLU OE2 HE2  sing N N 105 
GLU OXT HXT  sing N N 106 
GLY N   CA   sing N N 107 
GLY N   H    sing N N 108 
GLY N   H2   sing N N 109 
GLY CA  C    sing N N 110 
GLY CA  HA2  sing N N 111 
GLY CA  HA3  sing N N 112 
GLY C   O    doub N N 113 
GLY C   OXT  sing N N 114 
GLY OXT HXT  sing N N 115 
HIS N   CA   sing N N 116 
HIS N   H    sing N N 117 
HIS N   H2   sing N N 118 
HIS CA  C    sing N N 119 
HIS CA  CB   sing N N 120 
HIS CA  HA   sing N N 121 
HIS C   O    doub N N 122 
HIS C   OXT  sing N N 123 
HIS CB  CG   sing N N 124 
HIS CB  HB2  sing N N 125 
HIS CB  HB3  sing N N 126 
HIS CG  ND1  sing Y N 127 
HIS CG  CD2  doub Y N 128 
HIS ND1 CE1  doub Y N 129 
HIS ND1 HD1  sing N N 130 
HIS CD2 NE2  sing Y N 131 
HIS CD2 HD2  sing N N 132 
HIS CE1 NE2  sing Y N 133 
HIS CE1 HE1  sing N N 134 
HIS NE2 HE2  sing N N 135 
HIS OXT HXT  sing N N 136 
HOH O   H1   sing N N 137 
HOH O   H2   sing N N 138 
ILE N   CA   sing N N 139 
ILE N   H    sing N N 140 
ILE N   H2   sing N N 141 
ILE CA  C    sing N N 142 
ILE CA  CB   sing N N 143 
ILE CA  HA   sing N N 144 
ILE C   O    doub N N 145 
ILE C   OXT  sing N N 146 
ILE CB  CG1  sing N N 147 
ILE CB  CG2  sing N N 148 
ILE CB  HB   sing N N 149 
ILE CG1 CD1  sing N N 150 
ILE CG1 HG12 sing N N 151 
ILE CG1 HG13 sing N N 152 
ILE CG2 HG21 sing N N 153 
ILE CG2 HG22 sing N N 154 
ILE CG2 HG23 sing N N 155 
ILE CD1 HD11 sing N N 156 
ILE CD1 HD12 sing N N 157 
ILE CD1 HD13 sing N N 158 
ILE OXT HXT  sing N N 159 
LEU N   CA   sing N N 160 
LEU N   H    sing N N 161 
LEU N   H2   sing N N 162 
LEU CA  C    sing N N 163 
LEU CA  CB   sing N N 164 
LEU CA  HA   sing N N 165 
LEU C   O    doub N N 166 
LEU C   OXT  sing N N 167 
LEU CB  CG   sing N N 168 
LEU CB  HB2  sing N N 169 
LEU CB  HB3  sing N N 170 
LEU CG  CD1  sing N N 171 
LEU CG  CD2  sing N N 172 
LEU CG  HG   sing N N 173 
LEU CD1 HD11 sing N N 174 
LEU CD1 HD12 sing N N 175 
LEU CD1 HD13 sing N N 176 
LEU CD2 HD21 sing N N 177 
LEU CD2 HD22 sing N N 178 
LEU CD2 HD23 sing N N 179 
LEU OXT HXT  sing N N 180 
LYS N   CA   sing N N 181 
LYS N   H    sing N N 182 
LYS N   H2   sing N N 183 
LYS CA  C    sing N N 184 
LYS CA  CB   sing N N 185 
LYS CA  HA   sing N N 186 
LYS C   O    doub N N 187 
LYS C   OXT  sing N N 188 
LYS CB  CG   sing N N 189 
LYS CB  HB2  sing N N 190 
LYS CB  HB3  sing N N 191 
LYS CG  CD   sing N N 192 
LYS CG  HG2  sing N N 193 
LYS CG  HG3  sing N N 194 
LYS CD  CE   sing N N 195 
LYS CD  HD2  sing N N 196 
LYS CD  HD3  sing N N 197 
LYS CE  NZ   sing N N 198 
LYS CE  HE2  sing N N 199 
LYS CE  HE3  sing N N 200 
LYS NZ  HZ1  sing N N 201 
LYS NZ  HZ2  sing N N 202 
LYS NZ  HZ3  sing N N 203 
LYS OXT HXT  sing N N 204 
MET N   CA   sing N N 205 
MET N   H    sing N N 206 
MET N   H2   sing N N 207 
MET CA  C    sing N N 208 
MET CA  CB   sing N N 209 
MET CA  HA   sing N N 210 
MET C   O    doub N N 211 
MET C   OXT  sing N N 212 
MET CB  CG   sing N N 213 
MET CB  HB2  sing N N 214 
MET CB  HB3  sing N N 215 
MET CG  SD   sing N N 216 
MET CG  HG2  sing N N 217 
MET CG  HG3  sing N N 218 
MET SD  CE   sing N N 219 
MET CE  HE1  sing N N 220 
MET CE  HE2  sing N N 221 
MET CE  HE3  sing N N 222 
MET OXT HXT  sing N N 223 
MSE N   CA   sing N N 224 
MSE N   H    sing N N 225 
MSE N   H2   sing N N 226 
MSE CA  C    sing N N 227 
MSE CA  CB   sing N N 228 
MSE CA  HA   sing N N 229 
MSE C   O    doub N N 230 
MSE C   OXT  sing N N 231 
MSE OXT HXT  sing N N 232 
MSE CB  CG   sing N N 233 
MSE CB  HB2  sing N N 234 
MSE CB  HB3  sing N N 235 
MSE CG  SE   sing N N 236 
MSE CG  HG2  sing N N 237 
MSE CG  HG3  sing N N 238 
MSE SE  CE   sing N N 239 
MSE CE  HE1  sing N N 240 
MSE CE  HE2  sing N N 241 
MSE CE  HE3  sing N N 242 
PHE N   CA   sing N N 243 
PHE N   H    sing N N 244 
PHE N   H2   sing N N 245 
PHE CA  C    sing N N 246 
PHE CA  CB   sing N N 247 
PHE CA  HA   sing N N 248 
PHE C   O    doub N N 249 
PHE C   OXT  sing N N 250 
PHE CB  CG   sing N N 251 
PHE CB  HB2  sing N N 252 
PHE CB  HB3  sing N N 253 
PHE CG  CD1  doub Y N 254 
PHE CG  CD2  sing Y N 255 
PHE CD1 CE1  sing Y N 256 
PHE CD1 HD1  sing N N 257 
PHE CD2 CE2  doub Y N 258 
PHE CD2 HD2  sing N N 259 
PHE CE1 CZ   doub Y N 260 
PHE CE1 HE1  sing N N 261 
PHE CE2 CZ   sing Y N 262 
PHE CE2 HE2  sing N N 263 
PHE CZ  HZ   sing N N 264 
PHE OXT HXT  sing N N 265 
PRO N   CA   sing N N 266 
PRO N   CD   sing N N 267 
PRO N   H    sing N N 268 
PRO CA  C    sing N N 269 
PRO CA  CB   sing N N 270 
PRO CA  HA   sing N N 271 
PRO C   O    doub N N 272 
PRO C   OXT  sing N N 273 
PRO CB  CG   sing N N 274 
PRO CB  HB2  sing N N 275 
PRO CB  HB3  sing N N 276 
PRO CG  CD   sing N N 277 
PRO CG  HG2  sing N N 278 
PRO CG  HG3  sing N N 279 
PRO CD  HD2  sing N N 280 
PRO CD  HD3  sing N N 281 
PRO OXT HXT  sing N N 282 
SER N   CA   sing N N 283 
SER N   H    sing N N 284 
SER N   H2   sing N N 285 
SER CA  C    sing N N 286 
SER CA  CB   sing N N 287 
SER CA  HA   sing N N 288 
SER C   O    doub N N 289 
SER C   OXT  sing N N 290 
SER CB  OG   sing N N 291 
SER CB  HB2  sing N N 292 
SER CB  HB3  sing N N 293 
SER OG  HG   sing N N 294 
SER OXT HXT  sing N N 295 
THR N   CA   sing N N 296 
THR N   H    sing N N 297 
THR N   H2   sing N N 298 
THR CA  C    sing N N 299 
THR CA  CB   sing N N 300 
THR CA  HA   sing N N 301 
THR C   O    doub N N 302 
THR C   OXT  sing N N 303 
THR CB  OG1  sing N N 304 
THR CB  CG2  sing N N 305 
THR CB  HB   sing N N 306 
THR OG1 HG1  sing N N 307 
THR CG2 HG21 sing N N 308 
THR CG2 HG22 sing N N 309 
THR CG2 HG23 sing N N 310 
THR OXT HXT  sing N N 311 
TRP N   CA   sing N N 312 
TRP N   H    sing N N 313 
TRP N   H2   sing N N 314 
TRP CA  C    sing N N 315 
TRP CA  CB   sing N N 316 
TRP CA  HA   sing N N 317 
TRP C   O    doub N N 318 
TRP C   OXT  sing N N 319 
TRP CB  CG   sing N N 320 
TRP CB  HB2  sing N N 321 
TRP CB  HB3  sing N N 322 
TRP CG  CD1  doub Y N 323 
TRP CG  CD2  sing Y N 324 
TRP CD1 NE1  sing Y N 325 
TRP CD1 HD1  sing N N 326 
TRP CD2 CE2  doub Y N 327 
TRP CD2 CE3  sing Y N 328 
TRP NE1 CE2  sing Y N 329 
TRP NE1 HE1  sing N N 330 
TRP CE2 CZ2  sing Y N 331 
TRP CE3 CZ3  doub Y N 332 
TRP CE3 HE3  sing N N 333 
TRP CZ2 CH2  doub Y N 334 
TRP CZ2 HZ2  sing N N 335 
TRP CZ3 CH2  sing Y N 336 
TRP CZ3 HZ3  sing N N 337 
TRP CH2 HH2  sing N N 338 
TRP OXT HXT  sing N N 339 
TYR N   CA   sing N N 340 
TYR N   H    sing N N 341 
TYR N   H2   sing N N 342 
TYR CA  C    sing N N 343 
TYR CA  CB   sing N N 344 
TYR CA  HA   sing N N 345 
TYR C   O    doub N N 346 
TYR C   OXT  sing N N 347 
TYR CB  CG   sing N N 348 
TYR CB  HB2  sing N N 349 
TYR CB  HB3  sing N N 350 
TYR CG  CD1  doub Y N 351 
TYR CG  CD2  sing Y N 352 
TYR CD1 CE1  sing Y N 353 
TYR CD1 HD1  sing N N 354 
TYR CD2 CE2  doub Y N 355 
TYR CD2 HD2  sing N N 356 
TYR CE1 CZ   doub Y N 357 
TYR CE1 HE1  sing N N 358 
TYR CE2 CZ   sing Y N 359 
TYR CE2 HE2  sing N N 360 
TYR CZ  OH   sing N N 361 
TYR OH  HH   sing N N 362 
TYR OXT HXT  sing N N 363 
VAL N   CA   sing N N 364 
VAL N   H    sing N N 365 
VAL N   H2   sing N N 366 
VAL CA  C    sing N N 367 
VAL CA  CB   sing N N 368 
VAL CA  HA   sing N N 369 
VAL C   O    doub N N 370 
VAL C   OXT  sing N N 371 
VAL CB  CG1  sing N N 372 
VAL CB  CG2  sing N N 373 
VAL CB  HB   sing N N 374 
VAL CG1 HG11 sing N N 375 
VAL CG1 HG12 sing N N 376 
VAL CG1 HG13 sing N N 377 
VAL CG2 HG21 sing N N 378 
VAL CG2 HG22 sing N N 379 
VAL CG2 HG23 sing N N 380 
VAL OXT HXT  sing N N 381 
# 
_atom_sites.entry_id                    2DG6 
_atom_sites.fract_transf_matrix[1][1]   0.01598003 
_atom_sites.fract_transf_matrix[1][2]   -0.00354822 
_atom_sites.fract_transf_matrix[1][3]   -0.01170745 
_atom_sites.fract_transf_matrix[2][1]   -0.00402386 
_atom_sites.fract_transf_matrix[2][2]   0.00559232 
_atom_sites.fract_transf_matrix[2][3]   -0.00718724 
_atom_sites.fract_transf_matrix[3][1]   0.01164525 
_atom_sites.fract_transf_matrix[3][2]   0.02073215 
_atom_sites.fract_transf_matrix[3][3]   0.00961176 
_atom_sites.fract_transf_vector[1]      0.096449 
_atom_sites.fract_transf_vector[2]      0.590965 
_atom_sites.fract_transf_vector[3]      0.147105 
# 
loop_
_atom_type.symbol 
C  
N  
O  
SE 
# 
loop_
_atom_site.group_PDB 
_atom_site.id 
_atom_site.type_symbol 
_atom_site.label_atom_id 
_atom_site.label_alt_id 
_atom_site.label_comp_id 
_atom_site.label_asym_id 
_atom_site.label_entity_id 
_atom_site.label_seq_id 
_atom_site.pdbx_PDB_ins_code 
_atom_site.Cartn_x 
_atom_site.Cartn_y 
_atom_site.Cartn_z 
_atom_site.occupancy 
_atom_site.B_iso_or_equiv 
_atom_site.pdbx_formal_charge 
_atom_site.auth_seq_id 
_atom_site.auth_comp_id 
_atom_site.auth_asym_id 
_atom_site.auth_atom_id 
_atom_site.pdbx_PDB_model_num 
HETATM 1    N  N   . MSE A 1 1   ? -19.756 20.216  -12.110 1.00 45.79 ? 1   MSE A N   1 
HETATM 2    C  CA  . MSE A 1 1   ? -19.796 20.446  -10.640 1.00 45.70 ? 1   MSE A CA  1 
HETATM 3    C  C   . MSE A 1 1   ? -19.142 21.771  -10.249 1.00 45.49 ? 1   MSE A C   1 
HETATM 4    O  O   . MSE A 1 1   ? -18.224 22.250  -10.918 1.00 45.42 ? 1   MSE A O   1 
HETATM 5    C  CB  . MSE A 1 1   ? -19.111 19.275  -9.934  1.00 45.91 ? 1   MSE A CB  1 
HETATM 6    C  CG  . MSE A 1 1   ? -18.821 19.485  -8.458  1.00 46.43 ? 1   MSE A CG  1 
HETATM 7    SE SE  . MSE A 1 1   ? -18.201 17.852  -7.631  1.00 46.99 ? 1   MSE A SE  1 
HETATM 8    C  CE  . MSE A 1 1   ? -16.594 17.523  -8.695  1.00 47.48 ? 1   MSE A CE  1 
ATOM   9    N  N   . ARG A 1 2   ? -19.635 22.363  -9.166  1.00 45.25 ? 2   ARG A N   1 
ATOM   10   C  CA  . ARG A 1 2   ? -19.113 23.630  -8.670  1.00 44.96 ? 2   ARG A CA  1 
ATOM   11   C  C   . ARG A 1 2   ? -18.131 23.399  -7.522  1.00 44.46 ? 2   ARG A C   1 
ATOM   12   O  O   . ARG A 1 2   ? -17.877 22.262  -7.118  1.00 44.32 ? 2   ARG A O   1 
ATOM   13   C  CB  . ARG A 1 2   ? -20.254 24.513  -8.157  1.00 45.49 ? 2   ARG A CB  1 
ATOM   14   C  CG  . ARG A 1 2   ? -21.455 24.639  -9.079  1.00 46.29 ? 2   ARG A CG  1 
ATOM   15   C  CD  . ARG A 1 2   ? -21.195 25.537  -10.278 1.00 47.00 ? 2   ARG A CD  1 
ATOM   16   N  NE  . ARG A 1 2   ? -20.300 24.936  -11.260 1.00 47.88 ? 2   ARG A NE  1 
ATOM   17   C  CZ  . ARG A 1 2   ? -20.235 25.313  -12.533 1.00 48.48 ? 2   ARG A CZ  1 
ATOM   18   N  NH1 . ARG A 1 2   ? -21.016 26.290  -12.978 1.00 48.29 ? 2   ARG A NH1 1 
ATOM   19   N  NH2 . ARG A 1 2   ? -19.396 24.708  -13.364 1.00 48.84 ? 2   ARG A NH2 1 
ATOM   20   N  N   . LEU A 1 3   ? -17.598 24.499  -6.998  1.00 44.06 ? 3   LEU A N   1 
ATOM   21   C  CA  . LEU A 1 3   ? -16.658 24.464  -5.884  1.00 43.29 ? 3   LEU A CA  1 
ATOM   22   C  C   . LEU A 1 3   ? -17.407 23.917  -4.674  1.00 42.69 ? 3   LEU A C   1 
ATOM   23   O  O   . LEU A 1 3   ? -16.940 23.000  -3.994  1.00 42.46 ? 3   LEU A O   1 
ATOM   24   C  CB  . LEU A 1 3   ? -16.160 25.878  -5.564  1.00 43.92 ? 3   LEU A CB  1 
ATOM   25   C  CG  . LEU A 1 3   ? -15.393 26.727  -6.590  1.00 44.45 ? 3   LEU A CG  1 
ATOM   26   C  CD1 . LEU A 1 3   ? -13.938 26.307  -6.622  1.00 44.66 ? 3   LEU A CD1 1 
ATOM   27   C  CD2 . LEU A 1 3   ? -16.041 26.618  -7.967  1.00 44.56 ? 3   LEU A CD2 1 
ATOM   28   N  N   . ALA A 1 4   ? -18.578 24.494  -4.418  1.00 41.75 ? 4   ALA A N   1 
ATOM   29   C  CA  . ALA A 1 4   ? -19.421 24.094  -3.298  1.00 40.86 ? 4   ALA A CA  1 
ATOM   30   C  C   . ALA A 1 4   ? -19.737 22.607  -3.359  1.00 40.28 ? 4   ALA A C   1 
ATOM   31   O  O   . ALA A 1 4   ? -19.617 21.897  -2.361  1.00 40.29 ? 4   ALA A O   1 
ATOM   32   C  CB  . ALA A 1 4   ? -20.708 24.901  -3.304  1.00 40.88 ? 4   ALA A CB  1 
ATOM   33   N  N   . ASP A 1 5   ? -20.150 22.139  -4.532  1.00 39.57 ? 5   ASP A N   1 
ATOM   34   C  CA  . ASP A 1 5   ? -20.467 20.729  -4.705  1.00 39.17 ? 5   ASP A CA  1 
ATOM   35   C  C   . ASP A 1 5   ? -19.235 19.897  -4.373  1.00 38.72 ? 5   ASP A C   1 
ATOM   36   O  O   . ASP A 1 5   ? -19.328 18.869  -3.693  1.00 38.30 ? 5   ASP A O   1 
ATOM   37   C  CB  . ASP A 1 5   ? -20.900 20.448  -6.149  1.00 39.38 ? 5   ASP A CB  1 
ATOM   38   C  CG  . ASP A 1 5   ? -22.107 21.263  -6.567  1.00 39.60 ? 5   ASP A CG  1 
ATOM   39   O  OD1 . ASP A 1 5   ? -21.964 22.135  -7.451  1.00 39.46 ? 5   ASP A OD1 1 
ATOM   40   O  OD2 . ASP A 1 5   ? -23.199 21.030  -6.011  1.00 39.78 ? 5   ASP A OD2 1 
ATOM   41   N  N   . LEU A 1 6   ? -18.082 20.352  -4.856  1.00 38.11 ? 6   LEU A N   1 
ATOM   42   C  CA  . LEU A 1 6   ? -16.825 19.654  -4.630  1.00 37.81 ? 6   LEU A CA  1 
ATOM   43   C  C   . LEU A 1 6   ? -16.494 19.560  -3.149  1.00 37.64 ? 6   LEU A C   1 
ATOM   44   O  O   . LEU A 1 6   ? -16.119 18.494  -2.656  1.00 37.48 ? 6   LEU A O   1 
ATOM   45   C  CB  . LEU A 1 6   ? -15.686 20.362  -5.368  1.00 37.85 ? 6   LEU A CB  1 
ATOM   46   C  CG  . LEU A 1 6   ? -14.325 19.661  -5.321  1.00 37.74 ? 6   LEU A CG  1 
ATOM   47   C  CD1 . LEU A 1 6   ? -14.465 18.237  -5.847  1.00 37.79 ? 6   LEU A CD1 1 
ATOM   48   C  CD2 . LEU A 1 6   ? -13.313 20.441  -6.148  1.00 37.51 ? 6   LEU A CD2 1 
ATOM   49   N  N   . SER A 1 7   ? -16.639 20.671  -2.438  1.00 37.36 ? 7   SER A N   1 
ATOM   50   C  CA  . SER A 1 7   ? -16.348 20.697  -1.013  1.00 37.16 ? 7   SER A CA  1 
ATOM   51   C  C   . SER A 1 7   ? -17.341 19.854  -0.220  1.00 37.25 ? 7   SER A C   1 
ATOM   52   O  O   . SER A 1 7   ? -16.946 19.004  0.579   1.00 37.03 ? 7   SER A O   1 
ATOM   53   C  CB  . SER A 1 7   ? -16.367 22.138  -0.494  1.00 37.16 ? 7   SER A CB  1 
ATOM   54   O  OG  . SER A 1 7   ? -16.068 22.179  0.890   1.00 36.90 ? 7   SER A OG  1 
ATOM   55   N  N   . LYS A 1 8   ? -18.629 20.080  -0.453  1.00 37.49 ? 8   LYS A N   1 
ATOM   56   C  CA  . LYS A 1 8   ? -19.660 19.347  0.270   1.00 37.73 ? 8   LYS A CA  1 
ATOM   57   C  C   . LYS A 1 8   ? -19.649 17.848  -0.008  1.00 37.40 ? 8   LYS A C   1 
ATOM   58   O  O   . LYS A 1 8   ? -19.889 17.049  0.894   1.00 37.43 ? 8   LYS A O   1 
ATOM   59   C  CB  . LYS A 1 8   ? -21.045 19.924  -0.039  1.00 38.32 ? 8   LYS A CB  1 
ATOM   60   C  CG  . LYS A 1 8   ? -22.141 19.338  0.837   1.00 39.45 ? 8   LYS A CG  1 
ATOM   61   C  CD  . LYS A 1 8   ? -23.449 20.105  0.731   1.00 40.36 ? 8   LYS A CD  1 
ATOM   62   C  CE  . LYS A 1 8   ? -24.485 19.519  1.683   1.00 40.93 ? 8   LYS A CE  1 
ATOM   63   N  NZ  . LYS A 1 8   ? -25.759 20.290  1.690   1.00 41.44 ? 8   LYS A NZ  1 
ATOM   64   N  N   . ARG A 1 9   ? -19.370 17.461  -1.248  1.00 37.14 ? 9   ARG A N   1 
ATOM   65   C  CA  . ARG A 1 9   ? -19.333 16.042  -1.592  1.00 37.09 ? 9   ARG A CA  1 
ATOM   66   C  C   . ARG A 1 9   ? -18.080 15.340  -1.078  1.00 37.31 ? 9   ARG A C   1 
ATOM   67   O  O   . ARG A 1 9   ? -18.111 14.144  -0.784  1.00 37.00 ? 9   ARG A O   1 
ATOM   68   C  CB  . ARG A 1 9   ? -19.432 15.846  -3.110  1.00 36.42 ? 9   ARG A CB  1 
ATOM   69   C  CG  . ARG A 1 9   ? -20.842 15.955  -3.664  1.00 35.53 ? 9   ARG A CG  1 
ATOM   70   C  CD  . ARG A 1 9   ? -21.029 14.995  -4.827  1.00 34.84 ? 9   ARG A CD  1 
ATOM   71   N  NE  . ARG A 1 9   ? -20.691 15.590  -6.114  1.00 34.68 ? 9   ARG A NE  1 
ATOM   72   C  CZ  . ARG A 1 9   ? -20.479 14.891  -7.224  1.00 34.11 ? 9   ARG A CZ  1 
ATOM   73   N  NH1 . ARG A 1 9   ? -20.560 13.567  -7.202  1.00 33.88 ? 9   ARG A NH1 1 
ATOM   74   N  NH2 . ARG A 1 9   ? -20.200 15.518  -8.359  1.00 33.53 ? 9   ARG A NH2 1 
ATOM   75   N  N   . SER A 1 10  ? -16.984 16.085  -0.964  1.00 37.67 ? 10  SER A N   1 
ATOM   76   C  CA  . SER A 1 10  ? -15.721 15.520  -0.501  1.00 38.49 ? 10  SER A CA  1 
ATOM   77   C  C   . SER A 1 10  ? -15.527 15.615  1.006   1.00 38.99 ? 10  SER A C   1 
ATOM   78   O  O   . SER A 1 10  ? -14.702 14.901  1.575   1.00 39.12 ? 10  SER A O   1 
ATOM   79   C  CB  . SER A 1 10  ? -14.548 16.215  -1.195  1.00 38.27 ? 10  SER A CB  1 
ATOM   80   O  OG  . SER A 1 10  ? -14.457 17.573  -0.795  1.00 38.39 ? 10  SER A OG  1 
ATOM   81   N  N   . GLY A 1 11  ? -16.282 16.494  1.653   1.00 39.76 ? 11  GLY A N   1 
ATOM   82   C  CA  . GLY A 1 11  ? -16.139 16.653  3.087   1.00 40.57 ? 11  GLY A CA  1 
ATOM   83   C  C   . GLY A 1 11  ? -14.862 17.413  3.390   1.00 41.25 ? 11  GLY A C   1 
ATOM   84   O  O   . GLY A 1 11  ? -14.430 17.503  4.541   1.00 41.51 ? 11  GLY A O   1 
ATOM   85   N  N   . VAL A 1 12  ? -14.253 17.957  2.342   1.00 41.73 ? 12  VAL A N   1 
ATOM   86   C  CA  . VAL A 1 12  ? -13.022 18.724  2.474   1.00 42.42 ? 12  VAL A CA  1 
ATOM   87   C  C   . VAL A 1 12  ? -13.335 20.214  2.416   1.00 42.86 ? 12  VAL A C   1 
ATOM   88   O  O   . VAL A 1 12  ? -13.944 20.692  1.459   1.00 42.77 ? 12  VAL A O   1 
ATOM   89   C  CB  . VAL A 1 12  ? -12.028 18.386  1.343   1.00 42.42 ? 12  VAL A CB  1 
ATOM   90   C  CG1 . VAL A 1 12  ? -10.811 19.301  1.424   1.00 42.30 ? 12  VAL A CG1 1 
ATOM   91   C  CG2 . VAL A 1 12  ? -11.607 16.934  1.447   1.00 42.45 ? 12  VAL A CG2 1 
ATOM   92   N  N   . SER A 1 13  ? -12.916 20.938  3.449   1.00 43.28 ? 13  SER A N   1 
ATOM   93   C  CA  . SER A 1 13  ? -13.144 22.374  3.527   1.00 43.74 ? 13  SER A CA  1 
ATOM   94   C  C   . SER A 1 13  ? -12.809 23.061  2.205   1.00 43.93 ? 13  SER A C   1 
ATOM   95   O  O   . SER A 1 13  ? -11.873 22.667  1.508   1.00 44.33 ? 13  SER A O   1 
ATOM   96   C  CB  . SER A 1 13  ? -12.302 22.971  4.656   1.00 43.87 ? 13  SER A CB  1 
ATOM   97   O  OG  . SER A 1 13  ? -10.950 22.563  4.549   1.00 43.82 ? 13  SER A OG  1 
ATOM   98   N  N   . THR A 1 14  ? -13.582 24.086  1.865   1.00 44.05 ? 14  THR A N   1 
ATOM   99   C  CA  . THR A 1 14  ? -13.375 24.824  0.627   1.00 44.13 ? 14  THR A CA  1 
ATOM   100  C  C   . THR A 1 14  ? -12.027 25.534  0.614   1.00 44.21 ? 14  THR A C   1 
ATOM   101  O  O   . THR A 1 14  ? -11.597 26.046  -0.420  1.00 44.32 ? 14  THR A O   1 
ATOM   102  C  CB  . THR A 1 14  ? -14.483 25.870  0.409   1.00 44.06 ? 14  THR A CB  1 
ATOM   103  O  OG1 . THR A 1 14  ? -14.187 26.642  -0.761  1.00 44.21 ? 14  THR A OG1 1 
ATOM   104  C  CG2 . THR A 1 14  ? -14.588 26.793  1.612   1.00 43.99 ? 14  THR A CG2 1 
ATOM   105  N  N   . ALA A 1 15  ? -11.368 25.566  1.769   1.00 44.00 ? 15  ALA A N   1 
ATOM   106  C  CA  . ALA A 1 15  ? -10.064 26.208  1.883   1.00 43.77 ? 15  ALA A CA  1 
ATOM   107  C  C   . ALA A 1 15  ? -8.975  25.201  1.542   1.00 43.35 ? 15  ALA A C   1 
ATOM   108  O  O   . ALA A 1 15  ? -8.115  25.462  0.700   1.00 43.50 ? 15  ALA A O   1 
ATOM   109  C  CB  . ALA A 1 15  ? -9.860  26.739  3.297   1.00 43.83 ? 15  ALA A CB  1 
ATOM   110  N  N   . THR A 1 16  ? -9.025  24.049  2.204   1.00 42.70 ? 16  THR A N   1 
ATOM   111  C  CA  . THR A 1 16  ? -8.055  22.985  1.984   1.00 41.94 ? 16  THR A CA  1 
ATOM   112  C  C   . THR A 1 16  ? -7.983  22.623  0.503   1.00 41.48 ? 16  THR A C   1 
ATOM   113  O  O   . THR A 1 16  ? -6.930  22.225  0.001   1.00 41.44 ? 16  THR A O   1 
ATOM   114  C  CB  . THR A 1 16  ? -8.425  21.729  2.790   1.00 41.97 ? 16  THR A CB  1 
ATOM   115  O  OG1 . THR A 1 16  ? -8.576  22.078  4.171   1.00 42.19 ? 16  THR A OG1 1 
ATOM   116  C  CG2 . THR A 1 16  ? -7.341  20.675  2.665   1.00 41.96 ? 16  THR A CG2 1 
ATOM   117  N  N   . ILE A 1 17  ? -9.107  22.761  -0.191  1.00 40.80 ? 17  ILE A N   1 
ATOM   118  C  CA  . ILE A 1 17  ? -9.156  22.459  -1.613  1.00 40.28 ? 17  ILE A CA  1 
ATOM   119  C  C   . ILE A 1 17  ? -8.283  23.457  -2.363  1.00 40.12 ? 17  ILE A C   1 
ATOM   120  O  O   . ILE A 1 17  ? -7.428  23.066  -3.154  1.00 40.04 ? 17  ILE A O   1 
ATOM   121  C  CB  . ILE A 1 17  ? -10.606 22.515  -2.148  1.00 40.13 ? 17  ILE A CB  1 
ATOM   122  C  CG1 . ILE A 1 17  ? -11.398 21.323  -1.602  1.00 40.15 ? 17  ILE A CG1 1 
ATOM   123  C  CG2 . ILE A 1 17  ? -10.610 22.508  -3.667  1.00 40.00 ? 17  ILE A CG2 1 
ATOM   124  C  CD1 . ILE A 1 17  ? -12.853 21.288  -2.035  1.00 40.06 ? 17  ILE A CD1 1 
ATOM   125  N  N   . LYS A 1 18  ? -8.494  24.745  -2.106  1.00 39.75 ? 18  LYS A N   1 
ATOM   126  C  CA  . LYS A 1 18  ? -7.700  25.785  -2.748  1.00 39.42 ? 18  LYS A CA  1 
ATOM   127  C  C   . LYS A 1 18  ? -6.225  25.562  -2.431  1.00 38.90 ? 18  LYS A C   1 
ATOM   128  O  O   . LYS A 1 18  ? -5.348  25.866  -3.239  1.00 39.07 ? 18  LYS A O   1 
ATOM   129  C  CB  . LYS A 1 18  ? -8.129  27.168  -2.253  1.00 39.85 ? 18  LYS A CB  1 
ATOM   130  C  CG  . LYS A 1 18  ? -7.163  28.290  -2.615  1.00 40.40 ? 18  LYS A CG  1 
ATOM   131  C  CD  . LYS A 1 18  ? -6.814  28.301  -4.101  1.00 40.74 ? 18  LYS A CD  1 
ATOM   132  C  CE  . LYS A 1 18  ? -5.907  29.479  -4.444  1.00 41.09 ? 18  LYS A CE  1 
ATOM   133  N  NZ  . LYS A 1 18  ? -4.688  29.521  -3.584  1.00 41.03 ? 18  LYS A NZ  1 
ATOM   134  N  N   . TYR A 1 19  ? -5.965  25.030  -1.243  1.00 38.43 ? 19  TYR A N   1 
ATOM   135  C  CA  . TYR A 1 19  ? -4.606  24.738  -0.807  1.00 38.07 ? 19  TYR A CA  1 
ATOM   136  C  C   . TYR A 1 19  ? -4.030  23.609  -1.659  1.00 37.88 ? 19  TYR A C   1 
ATOM   137  O  O   . TYR A 1 19  ? -2.881  23.675  -2.101  1.00 37.72 ? 19  TYR A O   1 
ATOM   138  C  CB  . TYR A 1 19  ? -4.615  24.352  0.674   1.00 38.10 ? 19  TYR A CB  1 
ATOM   139  C  CG  . TYR A 1 19  ? -3.372  23.638  1.158   1.00 38.31 ? 19  TYR A CG  1 
ATOM   140  C  CD1 . TYR A 1 19  ? -3.382  22.262  1.382   1.00 38.22 ? 19  TYR A CD1 1 
ATOM   141  C  CD2 . TYR A 1 19  ? -2.196  24.338  1.418   1.00 38.40 ? 19  TYR A CD2 1 
ATOM   142  C  CE1 . TYR A 1 19  ? -2.254  21.601  1.859   1.00 38.66 ? 19  TYR A CE1 1 
ATOM   143  C  CE2 . TYR A 1 19  ? -1.057  23.684  1.895   1.00 38.61 ? 19  TYR A CE2 1 
ATOM   144  C  CZ  . TYR A 1 19  ? -1.095  22.315  2.115   1.00 38.66 ? 19  TYR A CZ  1 
ATOM   145  O  OH  . TYR A 1 19  ? 0.016   21.661  2.604   1.00 38.81 ? 19  TYR A OH  1 
ATOM   146  N  N   . TYR A 1 20  ? -4.834  22.575  -1.895  1.00 37.28 ? 20  TYR A N   1 
ATOM   147  C  CA  . TYR A 1 20  ? -4.389  21.455  -2.713  1.00 36.65 ? 20  TYR A CA  1 
ATOM   148  C  C   . TYR A 1 20  ? -4.194  21.918  -4.148  1.00 36.24 ? 20  TYR A C   1 
ATOM   149  O  O   . TYR A 1 20  ? -3.298  21.441  -4.844  1.00 36.09 ? 20  TYR A O   1 
ATOM   150  C  CB  . TYR A 1 20  ? -5.403  20.310  -2.681  1.00 36.42 ? 20  TYR A CB  1 
ATOM   151  C  CG  . TYR A 1 20  ? -5.515  19.615  -1.346  1.00 36.47 ? 20  TYR A CG  1 
ATOM   152  C  CD1 . TYR A 1 20  ? -4.400  19.468  -0.515  1.00 36.41 ? 20  TYR A CD1 1 
ATOM   153  C  CD2 . TYR A 1 20  ? -6.726  19.065  -0.925  1.00 36.51 ? 20  TYR A CD2 1 
ATOM   154  C  CE1 . TYR A 1 20  ? -4.491  18.792  0.702   1.00 36.31 ? 20  TYR A CE1 1 
ATOM   155  C  CE2 . TYR A 1 20  ? -6.827  18.384  0.288   1.00 36.41 ? 20  TYR A CE2 1 
ATOM   156  C  CZ  . TYR A 1 20  ? -5.707  18.253  1.095   1.00 36.56 ? 20  TYR A CZ  1 
ATOM   157  O  OH  . TYR A 1 20  ? -5.807  17.588  2.295   1.00 36.85 ? 20  TYR A OH  1 
ATOM   158  N  N   . LEU A 1 21  ? -5.035  22.849  -4.594  1.00 36.10 ? 21  LEU A N   1 
ATOM   159  C  CA  . LEU A 1 21  ? -4.921  23.366  -5.949  1.00 35.87 ? 21  LEU A CA  1 
ATOM   160  C  C   . LEU A 1 21  ? -3.561  24.013  -6.156  1.00 35.91 ? 21  LEU A C   1 
ATOM   161  O  O   . LEU A 1 21  ? -2.866  23.693  -7.118  1.00 35.95 ? 21  LEU A O   1 
ATOM   162  C  CB  . LEU A 1 21  ? -6.024  24.388  -6.253  1.00 35.86 ? 21  LEU A CB  1 
ATOM   163  C  CG  . LEU A 1 21  ? -7.359  23.901  -6.831  1.00 35.63 ? 21  LEU A CG  1 
ATOM   164  C  CD1 . LEU A 1 21  ? -7.107  23.068  -8.077  1.00 35.33 ? 21  LEU A CD1 1 
ATOM   165  C  CD2 . LEU A 1 21  ? -8.104  23.087  -5.805  1.00 35.90 ? 21  LEU A CD2 1 
ATOM   166  N  N   . ARG A 1 22  ? -3.171  24.915  -5.258  1.00 35.84 ? 22  ARG A N   1 
ATOM   167  C  CA  . ARG A 1 22  ? -1.877  25.574  -5.405  1.00 35.87 ? 22  ARG A CA  1 
ATOM   168  C  C   . ARG A 1 22  ? -0.705  24.681  -5.006  1.00 35.91 ? 22  ARG A C   1 
ATOM   169  O  O   . ARG A 1 22  ? 0.433   24.940  -5.395  1.00 35.92 ? 22  ARG A O   1 
ATOM   170  C  CB  . ARG A 1 22  ? -1.836  26.897  -4.621  1.00 35.32 ? 22  ARG A CB  1 
ATOM   171  C  CG  . ARG A 1 22  ? -2.039  26.797  -3.124  1.00 34.81 ? 22  ARG A CG  1 
ATOM   172  C  CD  . ARG A 1 22  ? -1.780  28.159  -2.477  1.00 34.15 ? 22  ARG A CD  1 
ATOM   173  N  NE  . ARG A 1 22  ? -1.888  28.121  -1.020  1.00 33.43 ? 22  ARG A NE  1 
ATOM   174  C  CZ  . ARG A 1 22  ? -3.036  28.089  -0.350  1.00 33.16 ? 22  ARG A CZ  1 
ATOM   175  N  NH1 . ARG A 1 22  ? -3.028  28.047  0.976   1.00 33.17 ? 22  ARG A NH1 1 
ATOM   176  N  NH2 . ARG A 1 22  ? -4.191  28.114  -1.000  1.00 32.93 ? 22  ARG A NH2 1 
ATOM   177  N  N   . GLU A 1 23  ? -0.977  23.630  -4.238  1.00 36.21 ? 23  GLU A N   1 
ATOM   178  C  CA  . GLU A 1 23  ? 0.080   22.705  -3.837  1.00 36.30 ? 23  GLU A CA  1 
ATOM   179  C  C   . GLU A 1 23  ? 0.377   21.717  -4.966  1.00 36.00 ? 23  GLU A C   1 
ATOM   180  O  O   . GLU A 1 23  ? 1.358   20.977  -4.916  1.00 35.93 ? 23  GLU A O   1 
ATOM   181  C  CB  . GLU A 1 23  ? -0.318  21.941  -2.572  1.00 37.29 ? 23  GLU A CB  1 
ATOM   182  C  CG  . GLU A 1 23  ? -0.082  22.709  -1.282  1.00 38.23 ? 23  GLU A CG  1 
ATOM   183  C  CD  . GLU A 1 23  ? 1.382   23.064  -1.075  1.00 39.29 ? 23  GLU A CD  1 
ATOM   184  O  OE1 . GLU A 1 23  ? 2.232   22.148  -1.093  1.00 39.40 ? 23  GLU A OE1 1 
ATOM   185  O  OE2 . GLU A 1 23  ? 1.682   24.264  -0.890  1.00 39.95 ? 23  GLU A OE2 1 
ATOM   186  N  N   . GLY A 1 24  ? -0.479  21.714  -5.984  1.00 35.77 ? 24  GLY A N   1 
ATOM   187  C  CA  . GLY A 1 24  ? -0.288  20.831  -7.120  1.00 35.52 ? 24  GLY A CA  1 
ATOM   188  C  C   . GLY A 1 24  ? -0.927  19.461  -6.982  1.00 35.32 ? 24  GLY A C   1 
ATOM   189  O  O   . GLY A 1 24  ? -0.941  18.682  -7.932  1.00 35.16 ? 24  GLY A O   1 
ATOM   190  N  N   . LEU A 1 25  ? -1.456  19.162  -5.803  1.00 35.14 ? 25  LEU A N   1 
ATOM   191  C  CA  . LEU A 1 25  ? -2.093  17.873  -5.557  1.00 35.41 ? 25  LEU A CA  1 
ATOM   192  C  C   . LEU A 1 25  ? -3.376  17.680  -6.369  1.00 35.50 ? 25  LEU A C   1 
ATOM   193  O  O   . LEU A 1 25  ? -3.728  16.557  -6.734  1.00 35.55 ? 25  LEU A O   1 
ATOM   194  C  CB  . LEU A 1 25  ? -2.395  17.721  -4.062  1.00 35.24 ? 25  LEU A CB  1 
ATOM   195  C  CG  . LEU A 1 25  ? -1.206  17.440  -3.136  1.00 35.25 ? 25  LEU A CG  1 
ATOM   196  C  CD1 . LEU A 1 25  ? -0.117  18.476  -3.331  1.00 35.24 ? 25  LEU A CD1 1 
ATOM   197  C  CD2 . LEU A 1 25  ? -1.687  17.437  -1.697  1.00 35.28 ? 25  LEU A CD2 1 
ATOM   198  N  N   . LEU A 1 26  ? -4.072  18.777  -6.648  1.00 35.51 ? 26  LEU A N   1 
ATOM   199  C  CA  . LEU A 1 26  ? -5.312  18.720  -7.418  1.00 35.66 ? 26  LEU A CA  1 
ATOM   200  C  C   . LEU A 1 26  ? -5.190  19.564  -8.684  1.00 35.85 ? 26  LEU A C   1 
ATOM   201  O  O   . LEU A 1 26  ? -4.875  20.751  -8.618  1.00 35.70 ? 26  LEU A O   1 
ATOM   202  C  CB  . LEU A 1 26  ? -6.484  19.236  -6.577  1.00 35.50 ? 26  LEU A CB  1 
ATOM   203  C  CG  . LEU A 1 26  ? -7.862  19.201  -7.246  1.00 35.39 ? 26  LEU A CG  1 
ATOM   204  C  CD1 . LEU A 1 26  ? -8.320  17.759  -7.400  1.00 35.09 ? 26  LEU A CD1 1 
ATOM   205  C  CD2 . LEU A 1 26  ? -8.861  19.981  -6.411  1.00 35.16 ? 26  LEU A CD2 1 
ATOM   206  N  N   . PRO A 1 27  ? -5.438  18.958  -9.857  1.00 36.26 ? 27  PRO A N   1 
ATOM   207  C  CA  . PRO A 1 27  ? -5.347  19.691  -11.123 1.00 36.69 ? 27  PRO A CA  1 
ATOM   208  C  C   . PRO A 1 27  ? -6.333  20.857  -11.143 1.00 37.28 ? 27  PRO A C   1 
ATOM   209  O  O   . PRO A 1 27  ? -7.393  20.794  -10.519 1.00 37.26 ? 27  PRO A O   1 
ATOM   210  C  CB  . PRO A 1 27  ? -5.699  18.629  -12.164 1.00 36.61 ? 27  PRO A CB  1 
ATOM   211  C  CG  . PRO A 1 27  ? -5.248  17.354  -11.516 1.00 36.57 ? 27  PRO A CG  1 
ATOM   212  C  CD  . PRO A 1 27  ? -5.722  17.534  -10.098 1.00 36.22 ? 27  PRO A CD  1 
ATOM   213  N  N   . PRO A 1 28  ? -5.995  21.939  -11.861 1.00 37.80 ? 28  PRO A N   1 
ATOM   214  C  CA  . PRO A 1 28  ? -6.886  23.101  -11.933 1.00 38.18 ? 28  PRO A CA  1 
ATOM   215  C  C   . PRO A 1 28  ? -8.198  22.776  -12.641 1.00 38.38 ? 28  PRO A C   1 
ATOM   216  O  O   . PRO A 1 28  ? -8.261  21.858  -13.458 1.00 38.38 ? 28  PRO A O   1 
ATOM   217  C  CB  . PRO A 1 28  ? -6.049  24.124  -12.693 1.00 38.17 ? 28  PRO A CB  1 
ATOM   218  C  CG  . PRO A 1 28  ? -5.222  23.266  -13.599 1.00 38.03 ? 28  PRO A CG  1 
ATOM   219  C  CD  . PRO A 1 28  ? -4.790  22.149  -12.679 1.00 37.80 ? 28  PRO A CD  1 
ATOM   220  N  N   . GLY A 1 29  ? -9.243  23.530  -12.317 1.00 38.73 ? 29  GLY A N   1 
ATOM   221  C  CA  . GLY A 1 29  ? -10.536 23.305  -12.937 1.00 39.28 ? 29  GLY A CA  1 
ATOM   222  C  C   . GLY A 1 29  ? -10.689 24.061  -14.244 1.00 39.57 ? 29  GLY A C   1 
ATOM   223  O  O   . GLY A 1 29  ? -11.254 23.547  -15.210 1.00 39.96 ? 29  GLY A O   1 
ATOM   224  N  N   . TYR A 1 39  ? -14.844 21.488  -12.657 1.00 35.03 ? 39  TYR A N   1 
ATOM   225  C  CA  . TYR A 1 39  ? -14.639 20.400  -11.705 1.00 34.74 ? 39  TYR A CA  1 
ATOM   226  C  C   . TYR A 1 39  ? -15.503 19.193  -12.036 1.00 34.12 ? 39  TYR A C   1 
ATOM   227  O  O   . TYR A 1 39  ? -16.720 19.221  -11.855 1.00 34.24 ? 39  TYR A O   1 
ATOM   228  C  CB  . TYR A 1 39  ? -14.949 20.878  -10.287 1.00 35.70 ? 39  TYR A CB  1 
ATOM   229  C  CG  . TYR A 1 39  ? -13.958 21.882  -9.741  1.00 36.84 ? 39  TYR A CG  1 
ATOM   230  C  CD1 . TYR A 1 39  ? -14.310 22.732  -8.698  1.00 37.21 ? 39  TYR A CD1 1 
ATOM   231  C  CD2 . TYR A 1 39  ? -12.663 21.971  -10.255 1.00 37.22 ? 39  TYR A CD2 1 
ATOM   232  C  CE1 . TYR A 1 39  ? -13.402 23.647  -8.180  1.00 37.90 ? 39  TYR A CE1 1 
ATOM   233  C  CE2 . TYR A 1 39  ? -11.746 22.886  -9.741  1.00 37.76 ? 39  TYR A CE2 1 
ATOM   234  C  CZ  . TYR A 1 39  ? -12.123 23.722  -8.705  1.00 37.83 ? 39  TYR A CZ  1 
ATOM   235  O  OH  . TYR A 1 39  ? -11.229 24.635  -8.195  1.00 38.22 ? 39  TYR A OH  1 
ATOM   236  N  N   . ASP A 1 40  ? -14.865 18.134  -12.523 1.00 33.31 ? 40  ASP A N   1 
ATOM   237  C  CA  . ASP A 1 40  ? -15.568 16.907  -12.878 1.00 32.60 ? 40  ASP A CA  1 
ATOM   238  C  C   . ASP A 1 40  ? -15.419 15.844  -11.791 1.00 31.87 ? 40  ASP A C   1 
ATOM   239  O  O   . ASP A 1 40  ? -14.811 16.085  -10.745 1.00 31.48 ? 40  ASP A O   1 
ATOM   240  C  CB  . ASP A 1 40  ? -15.034 16.364  -14.206 1.00 32.92 ? 40  ASP A CB  1 
ATOM   241  C  CG  . ASP A 1 40  ? -13.518 16.289  -14.238 1.00 33.22 ? 40  ASP A CG  1 
ATOM   242  O  OD1 . ASP A 1 40  ? -12.929 15.730  -13.292 1.00 32.99 ? 40  ASP A OD1 1 
ATOM   243  O  OD2 . ASP A 1 40  ? -12.916 16.788  -15.212 1.00 33.90 ? 40  ASP A OD2 1 
ATOM   244  N  N   . GLU A 1 41  ? -15.980 14.667  -12.047 1.00 30.92 ? 41  GLU A N   1 
ATOM   245  C  CA  . GLU A 1 41  ? -15.917 13.565  -11.097 1.00 30.18 ? 41  GLU A CA  1 
ATOM   246  C  C   . GLU A 1 41  ? -14.482 13.120  -10.850 1.00 29.47 ? 41  GLU A C   1 
ATOM   247  O  O   . GLU A 1 41  ? -14.184 12.503  -9.830  1.00 29.27 ? 41  GLU A O   1 
ATOM   248  C  CB  . GLU A 1 41  ? -16.743 12.380  -11.602 1.00 30.15 ? 41  GLU A CB  1 
ATOM   249  C  CG  . GLU A 1 41  ? -18.235 12.651  -11.678 1.00 30.25 ? 41  GLU A CG  1 
ATOM   250  C  CD  . GLU A 1 41  ? -18.830 13.071  -10.342 1.00 30.49 ? 41  GLU A CD  1 
ATOM   251  O  OE1 . GLU A 1 41  ? -18.354 12.588  -9.290  1.00 30.99 ? 41  GLU A OE1 1 
ATOM   252  O  OE2 . GLU A 1 41  ? -19.786 13.874  -10.345 1.00 30.52 ? 41  GLU A OE2 1 
ATOM   253  N  N   . ASP A 1 42  ? -13.598 13.426  -11.794 1.00 28.79 ? 42  ASP A N   1 
ATOM   254  C  CA  . ASP A 1 42  ? -12.191 13.072  -11.662 1.00 28.31 ? 42  ASP A CA  1 
ATOM   255  C  C   . ASP A 1 42  ? -11.526 13.984  -10.640 1.00 27.70 ? 42  ASP A C   1 
ATOM   256  O  O   . ASP A 1 42  ? -10.606 13.571  -9.937  1.00 27.46 ? 42  ASP A O   1 
ATOM   257  C  CB  . ASP A 1 42  ? -11.492 13.174  -13.020 1.00 28.72 ? 42  ASP A CB  1 
ATOM   258  C  CG  . ASP A 1 42  ? -11.583 11.888  -13.820 1.00 29.18 ? 42  ASP A CG  1 
ATOM   259  O  OD1 . ASP A 1 42  ? -11.511 11.950  -15.065 1.00 29.54 ? 42  ASP A OD1 1 
ATOM   260  O  OD2 . ASP A 1 42  ? -11.711 10.811  -13.202 1.00 29.07 ? 42  ASP A OD2 1 
ATOM   261  N  N   . HIS A 1 43  ? -11.996 15.226  -10.558 1.00 27.21 ? 43  HIS A N   1 
ATOM   262  C  CA  . HIS A 1 43  ? -11.449 16.166  -9.588  1.00 26.49 ? 43  HIS A CA  1 
ATOM   263  C  C   . HIS A 1 43  ? -11.825 15.669  -8.200  1.00 25.94 ? 43  HIS A C   1 
ATOM   264  O  O   . HIS A 1 43  ? -11.028 15.738  -7.264  1.00 25.80 ? 43  HIS A O   1 
ATOM   265  C  CB  . HIS A 1 43  ? -12.027 17.571  -9.780  1.00 27.73 ? 43  HIS A CB  1 
ATOM   266  C  CG  . HIS A 1 43  ? -11.403 18.343  -10.901 1.00 28.88 ? 43  HIS A CG  1 
ATOM   267  N  ND1 . HIS A 1 43  ? -11.900 18.330  -12.187 1.00 28.95 ? 43  HIS A ND1 1 
ATOM   268  C  CD2 . HIS A 1 43  ? -10.321 19.160  -10.924 1.00 29.26 ? 43  HIS A CD2 1 
ATOM   269  C  CE1 . HIS A 1 43  ? -11.153 19.106  -12.951 1.00 29.63 ? 43  HIS A CE1 1 
ATOM   270  N  NE2 . HIS A 1 43  ? -10.189 19.621  -12.210 1.00 29.87 ? 43  HIS A NE2 1 
ATOM   271  N  N   . LEU A 1 44  ? -13.050 15.168  -8.079  1.00 24.63 ? 44  LEU A N   1 
ATOM   272  C  CA  . LEU A 1 44  ? -13.548 14.659  -6.809  1.00 23.86 ? 44  LEU A CA  1 
ATOM   273  C  C   . LEU A 1 44  ? -12.764 13.422  -6.386  1.00 23.13 ? 44  LEU A C   1 
ATOM   274  O  O   . LEU A 1 44  ? -12.293 13.337  -5.255  1.00 22.63 ? 44  LEU A O   1 
ATOM   275  C  CB  . LEU A 1 44  ? -15.038 14.324  -6.923  1.00 23.90 ? 44  LEU A CB  1 
ATOM   276  C  CG  . LEU A 1 44  ? -15.732 13.858  -5.640  1.00 24.31 ? 44  LEU A CG  1 
ATOM   277  C  CD1 . LEU A 1 44  ? -15.510 14.880  -4.534  1.00 24.71 ? 44  LEU A CD1 1 
ATOM   278  C  CD2 . LEU A 1 44  ? -17.225 13.672  -5.903  1.00 24.18 ? 44  LEU A CD2 1 
ATOM   279  N  N   . ARG A 1 45  ? -12.618 12.471  -7.304  1.00 22.30 ? 45  ARG A N   1 
ATOM   280  C  CA  . ARG A 1 45  ? -11.878 11.249  -7.012  1.00 21.94 ? 45  ARG A CA  1 
ATOM   281  C  C   . ARG A 1 45  ? -10.438 11.553  -6.614  1.00 21.90 ? 45  ARG A C   1 
ATOM   282  O  O   . ARG A 1 45  ? -9.870  10.886  -5.748  1.00 21.35 ? 45  ARG A O   1 
ATOM   283  C  CB  . ARG A 1 45  ? -11.902 10.309  -8.221  1.00 21.23 ? 45  ARG A CB  1 
ATOM   284  C  CG  . ARG A 1 45  ? -13.205 9.529   -8.362  1.00 20.98 ? 45  ARG A CG  1 
ATOM   285  C  CD  . ARG A 1 45  ? -13.108 8.493   -9.478  1.00 20.15 ? 45  ARG A CD  1 
ATOM   286  N  NE  . ARG A 1 45  ? -13.282 9.079   -10.803 1.00 20.31 ? 45  ARG A NE  1 
ATOM   287  C  CZ  . ARG A 1 45  ? -14.465 9.352   -11.345 1.00 20.44 ? 45  ARG A CZ  1 
ATOM   288  N  NH1 . ARG A 1 45  ? -15.575 9.088   -10.670 1.00 20.45 ? 45  ARG A NH1 1 
ATOM   289  N  NH2 . ARG A 1 45  ? -14.540 9.888   -12.557 1.00 19.50 ? 45  ARG A NH2 1 
ATOM   290  N  N   . ARG A 1 46  ? -9.843  12.553  -7.253  1.00 22.33 ? 46  ARG A N   1 
ATOM   291  C  CA  . ARG A 1 46  ? -8.474  12.934  -6.924  1.00 22.91 ? 46  ARG A CA  1 
ATOM   292  C  C   . ARG A 1 46  ? -8.453  13.404  -5.473  1.00 23.25 ? 46  ARG A C   1 
ATOM   293  O  O   . ARG A 1 46  ? -7.613  12.983  -4.679  1.00 23.10 ? 46  ARG A O   1 
ATOM   294  C  CB  . ARG A 1 46  ? -7.985  14.059  -7.845  1.00 22.32 ? 46  ARG A CB  1 
ATOM   295  C  CG  . ARG A 1 46  ? -6.633  14.659  -7.443  1.00 22.37 ? 46  ARG A CG  1 
ATOM   296  C  CD  . ARG A 1 46  ? -5.590  13.578  -7.165  1.00 21.72 ? 46  ARG A CD  1 
ATOM   297  N  NE  . ARG A 1 46  ? -5.248  12.812  -8.357  1.00 22.32 ? 46  ARG A NE  1 
ATOM   298  C  CZ  . ARG A 1 46  ? -4.425  13.235  -9.313  1.00 22.52 ? 46  ARG A CZ  1 
ATOM   299  N  NH1 . ARG A 1 46  ? -3.845  14.427  -9.221  1.00 22.42 ? 46  ARG A NH1 1 
ATOM   300  N  NH2 . ARG A 1 46  ? -4.184  12.466  -10.362 1.00 22.33 ? 46  ARG A NH2 1 
ATOM   301  N  N   . LEU A 1 47  ? -9.404  14.265  -5.134  1.00 24.31 ? 47  LEU A N   1 
ATOM   302  C  CA  . LEU A 1 47  ? -9.510  14.799  -3.785  1.00 25.16 ? 47  LEU A CA  1 
ATOM   303  C  C   . LEU A 1 47  ? -9.634  13.655  -2.778  1.00 25.65 ? 47  LEU A C   1 
ATOM   304  O  O   . LEU A 1 47  ? -8.938  13.634  -1.761  1.00 25.25 ? 47  LEU A O   1 
ATOM   305  C  CB  . LEU A 1 47  ? -10.720 15.730  -3.694  1.00 25.14 ? 47  LEU A CB  1 
ATOM   306  C  CG  . LEU A 1 47  ? -10.674 16.789  -2.593  1.00 26.15 ? 47  LEU A CG  1 
ATOM   307  C  CD1 . LEU A 1 47  ? -9.386  17.592  -2.711  1.00 26.25 ? 47  LEU A CD1 1 
ATOM   308  C  CD2 . LEU A 1 47  ? -11.884 17.707  -2.713  1.00 25.81 ? 47  LEU A CD2 1 
ATOM   309  N  N   . ARG A 1 48  ? -10.511 12.698  -3.072  1.00 26.10 ? 48  ARG A N   1 
ATOM   310  C  CA  . ARG A 1 48  ? -10.701 11.554  -2.191  1.00 26.67 ? 48  ARG A CA  1 
ATOM   311  C  C   . ARG A 1 48  ? -9.383  10.819  -1.986  1.00 26.19 ? 48  ARG A C   1 
ATOM   312  O  O   . ARG A 1 48  ? -9.069  10.389  -0.879  1.00 26.26 ? 48  ARG A O   1 
ATOM   313  C  CB  . ARG A 1 48  ? -11.735 10.582  -2.767  1.00 28.09 ? 48  ARG A CB  1 
ATOM   314  C  CG  . ARG A 1 48  ? -13.179 11.061  -2.710  1.00 30.27 ? 48  ARG A CG  1 
ATOM   315  C  CD  . ARG A 1 48  ? -14.128 9.937   -3.126  1.00 32.32 ? 48  ARG A CD  1 
ATOM   316  N  NE  . ARG A 1 48  ? -15.530 10.349  -3.142  1.00 34.04 ? 48  ARG A NE  1 
ATOM   317  C  CZ  . ARG A 1 48  ? -16.240 10.659  -2.059  1.00 34.80 ? 48  ARG A CZ  1 
ATOM   318  N  NH1 . ARG A 1 48  ? -15.686 10.607  -0.856  1.00 35.28 ? 48  ARG A NH1 1 
ATOM   319  N  NH2 . ARG A 1 48  ? -17.510 11.021  -2.183  1.00 35.32 ? 48  ARG A NH2 1 
ATOM   320  N  N   . LEU A 1 49  ? -8.611  10.676  -3.057  1.00 25.89 ? 49  LEU A N   1 
ATOM   321  C  CA  . LEU A 1 49  ? -7.333  9.989   -2.969  1.00 25.98 ? 49  LEU A CA  1 
ATOM   322  C  C   . LEU A 1 49  ? -6.389  10.763  -2.059  1.00 25.96 ? 49  LEU A C   1 
ATOM   323  O  O   . LEU A 1 49  ? -5.662  10.170  -1.261  1.00 25.94 ? 49  LEU A O   1 
ATOM   324  C  CB  . LEU A 1 49  ? -6.722  9.824   -4.364  1.00 26.29 ? 49  LEU A CB  1 
ATOM   325  C  CG  . LEU A 1 49  ? -5.411  9.041   -4.501  1.00 27.04 ? 49  LEU A CG  1 
ATOM   326  C  CD1 . LEU A 1 49  ? -4.233  9.964   -4.285  1.00 27.61 ? 49  LEU A CD1 1 
ATOM   327  C  CD2 . LEU A 1 49  ? -5.391  7.877   -3.515  1.00 27.08 ? 49  LEU A CD2 1 
ATOM   328  N  N   . VAL A 1 50  ? -6.411  12.087  -2.175  1.00 25.78 ? 50  VAL A N   1 
ATOM   329  C  CA  . VAL A 1 50  ? -5.561  12.933  -1.347  1.00 26.03 ? 50  VAL A CA  1 
ATOM   330  C  C   . VAL A 1 50  ? -5.895  12.731  0.125   1.00 26.59 ? 50  VAL A C   1 
ATOM   331  O  O   . VAL A 1 50  ? -5.000  12.595  0.957   1.00 26.69 ? 50  VAL A O   1 
ATOM   332  C  CB  . VAL A 1 50  ? -5.741  14.427  -1.703  1.00 25.59 ? 50  VAL A CB  1 
ATOM   333  C  CG1 . VAL A 1 50  ? -5.054  15.306  -0.664  1.00 25.12 ? 50  VAL A CG1 1 
ATOM   334  C  CG2 . VAL A 1 50  ? -5.164  14.699  -3.085  1.00 25.23 ? 50  VAL A CG2 1 
ATOM   335  N  N   . ARG A 1 51  ? -7.186  12.711  0.439   1.00 27.12 ? 51  ARG A N   1 
ATOM   336  C  CA  . ARG A 1 51  ? -7.637  12.530  1.813   1.00 28.37 ? 51  ARG A CA  1 
ATOM   337  C  C   . ARG A 1 51  ? -7.287  11.147  2.350   1.00 28.30 ? 51  ARG A C   1 
ATOM   338  O  O   . ARG A 1 51  ? -7.007  10.988  3.536   1.00 28.51 ? 51  ARG A O   1 
ATOM   339  C  CB  . ARG A 1 51  ? -9.148  12.742  1.908   1.00 29.41 ? 51  ARG A CB  1 
ATOM   340  C  CG  . ARG A 1 51  ? -9.610  14.119  1.469   1.00 31.68 ? 51  ARG A CG  1 
ATOM   341  C  CD  . ARG A 1 51  ? -8.882  15.219  2.222   1.00 33.37 ? 51  ARG A CD  1 
ATOM   342  N  NE  . ARG A 1 51  ? -9.083  15.137  3.666   1.00 35.21 ? 51  ARG A NE  1 
ATOM   343  C  CZ  . ARG A 1 51  ? -8.586  16.009  4.538   1.00 36.00 ? 51  ARG A CZ  1 
ATOM   344  N  NH1 . ARG A 1 51  ? -8.813  15.861  5.834   1.00 36.30 ? 51  ARG A NH1 1 
ATOM   345  N  NH2 . ARG A 1 51  ? -7.862  17.035  4.112   1.00 36.94 ? 51  ARG A NH2 1 
ATOM   346  N  N   . ALA A 1 52  ? -7.310  10.147  1.476   1.00 28.16 ? 52  ALA A N   1 
ATOM   347  C  CA  . ALA A 1 52  ? -6.987  8.783   1.876   1.00 27.80 ? 52  ALA A CA  1 
ATOM   348  C  C   . ALA A 1 52  ? -5.496  8.678   2.178   1.00 27.88 ? 52  ALA A C   1 
ATOM   349  O  O   . ALA A 1 52  ? -5.088  8.006   3.125   1.00 27.92 ? 52  ALA A O   1 
ATOM   350  C  CB  . ALA A 1 52  ? -7.366  7.815   0.766   1.00 27.25 ? 52  ALA A CB  1 
ATOM   351  N  N   . LEU A 1 53  ? -4.690  9.352   1.364   1.00 27.71 ? 53  LEU A N   1 
ATOM   352  C  CA  . LEU A 1 53  ? -3.243  9.349   1.530   1.00 27.82 ? 53  LEU A CA  1 
ATOM   353  C  C   . LEU A 1 53  ? -2.844  10.036  2.826   1.00 28.04 ? 53  LEU A C   1 
ATOM   354  O  O   . LEU A 1 53  ? -2.010  9.529   3.579   1.00 27.66 ? 53  LEU A O   1 
ATOM   355  C  CB  . LEU A 1 53  ? -2.577  10.060  0.346   1.00 28.01 ? 53  LEU A CB  1 
ATOM   356  C  CG  . LEU A 1 53  ? -1.965  9.204   -0.770  1.00 28.18 ? 53  LEU A CG  1 
ATOM   357  C  CD1 . LEU A 1 53  ? -2.834  7.996   -1.069  1.00 28.23 ? 53  LEU A CD1 1 
ATOM   358  C  CD2 . LEU A 1 53  ? -1.786  10.068  -2.009  1.00 27.94 ? 53  LEU A CD2 1 
ATOM   359  N  N   . ILE A 1 54  ? -3.455  11.186  3.088   1.00 28.25 ? 54  ILE A N   1 
ATOM   360  C  CA  . ILE A 1 54  ? -3.150  11.953  4.285   1.00 28.60 ? 54  ILE A CA  1 
ATOM   361  C  C   . ILE A 1 54  ? -3.789  11.419  5.566   1.00 28.84 ? 54  ILE A C   1 
ATOM   362  O  O   . ILE A 1 54  ? -3.100  11.213  6.565   1.00 28.74 ? 54  ILE A O   1 
ATOM   363  C  CB  . ILE A 1 54  ? -3.554  13.433  4.097   1.00 28.79 ? 54  ILE A CB  1 
ATOM   364  C  CG1 . ILE A 1 54  ? -2.679  14.063  3.008   1.00 29.03 ? 54  ILE A CG1 1 
ATOM   365  C  CG2 . ILE A 1 54  ? -3.410  14.193  5.409   1.00 28.58 ? 54  ILE A CG2 1 
ATOM   366  C  CD1 . ILE A 1 54  ? -3.028  15.495  2.684   1.00 30.00 ? 54  ILE A CD1 1 
ATOM   367  N  N   . GLN A 1 55  ? -5.098  11.187  5.538   1.00 28.94 ? 55  GLN A N   1 
ATOM   368  C  CA  . GLN A 1 55  ? -5.808  10.699  6.715   1.00 29.29 ? 55  GLN A CA  1 
ATOM   369  C  C   . GLN A 1 55  ? -5.517  9.254   7.111   1.00 28.97 ? 55  GLN A C   1 
ATOM   370  O  O   . GLN A 1 55  ? -5.195  8.979   8.268   1.00 29.17 ? 55  GLN A O   1 
ATOM   371  C  CB  . GLN A 1 55  ? -7.315  10.871  6.529   1.00 30.49 ? 55  GLN A CB  1 
ATOM   372  C  CG  . GLN A 1 55  ? -7.758  12.311  6.387   1.00 32.77 ? 55  GLN A CG  1 
ATOM   373  C  CD  . GLN A 1 55  ? -9.268  12.465  6.433   1.00 34.21 ? 55  GLN A CD  1 
ATOM   374  O  OE1 . GLN A 1 55  ? -9.795  13.564  6.272   1.00 35.48 ? 55  GLN A OE1 1 
ATOM   375  N  NE2 . GLN A 1 55  ? -9.971  11.359  6.656   1.00 34.78 ? 55  GLN A NE2 1 
ATOM   376  N  N   . VAL A 1 56  ? -5.634  8.332   6.160   1.00 28.25 ? 56  VAL A N   1 
ATOM   377  C  CA  . VAL A 1 56  ? -5.396  6.920   6.444   1.00 27.53 ? 56  VAL A CA  1 
ATOM   378  C  C   . VAL A 1 56  ? -3.944  6.498   6.243   1.00 27.44 ? 56  VAL A C   1 
ATOM   379  O  O   . VAL A 1 56  ? -3.393  5.745   7.045   1.00 27.36 ? 56  VAL A O   1 
ATOM   380  C  CB  . VAL A 1 56  ? -6.298  6.014   5.567   1.00 27.40 ? 56  VAL A CB  1 
ATOM   381  C  CG1 . VAL A 1 56  ? -6.075  4.543   5.913   1.00 26.78 ? 56  VAL A CG1 1 
ATOM   382  C  CG2 . VAL A 1 56  ? -7.752  6.386   5.773   1.00 27.33 ? 56  VAL A CG2 1 
ATOM   383  N  N   . GLY A 1 57  ? -3.327  6.982   5.172   1.00 27.05 ? 57  GLY A N   1 
ATOM   384  C  CA  . GLY A 1 57  ? -1.950  6.614   4.897   1.00 27.25 ? 57  GLY A CA  1 
ATOM   385  C  C   . GLY A 1 57  ? -0.912  7.352   5.720   1.00 27.45 ? 57  GLY A C   1 
ATOM   386  O  O   . GLY A 1 57  ? 0.243   6.935   5.779   1.00 27.36 ? 57  GLY A O   1 
ATOM   387  N  N   . LYS A 1 58  ? -1.313  8.447   6.357   1.00 27.90 ? 58  LYS A N   1 
ATOM   388  C  CA  . LYS A 1 58  ? -0.390  9.239   7.161   1.00 28.59 ? 58  LYS A CA  1 
ATOM   389  C  C   . LYS A 1 58  ? 0.762   9.712   6.286   1.00 28.59 ? 58  LYS A C   1 
ATOM   390  O  O   . LYS A 1 58  ? 1.898   9.808   6.743   1.00 28.89 ? 58  LYS A O   1 
ATOM   391  C  CB  . LYS A 1 58  ? 0.166   8.409   8.321   1.00 29.25 ? 58  LYS A CB  1 
ATOM   392  C  CG  . LYS A 1 58  ? -0.868  7.989   9.353   1.00 30.93 ? 58  LYS A CG  1 
ATOM   393  C  CD  . LYS A 1 58  ? -0.249  7.132   10.460  1.00 32.08 ? 58  LYS A CD  1 
ATOM   394  C  CE  . LYS A 1 58  ? 0.143   5.736   9.972   1.00 32.81 ? 58  LYS A CE  1 
ATOM   395  N  NZ  . LYS A 1 58  ? 1.242   5.744   8.961   1.00 33.63 ? 58  LYS A NZ  1 
ATOM   396  N  N   . VAL A 1 59  ? 0.461   10.001  5.024   1.00 28.60 ? 59  VAL A N   1 
ATOM   397  C  CA  . VAL A 1 59  ? 1.475   10.456  4.078   1.00 28.28 ? 59  VAL A CA  1 
ATOM   398  C  C   . VAL A 1 59  ? 1.657   11.970  4.120   1.00 28.38 ? 59  VAL A C   1 
ATOM   399  O  O   . VAL A 1 59  ? 0.689   12.723  4.024   1.00 28.36 ? 59  VAL A O   1 
ATOM   400  C  CB  . VAL A 1 59  ? 1.101   10.071  2.631   1.00 28.15 ? 59  VAL A CB  1 
ATOM   401  C  CG1 . VAL A 1 59  ? 2.181   10.546  1.676   1.00 27.86 ? 59  VAL A CG1 1 
ATOM   402  C  CG2 . VAL A 1 59  ? 0.908   8.571   2.522   1.00 27.84 ? 59  VAL A CG2 1 
ATOM   403  N  N   . PRO A 1 60  ? 2.907   12.435  4.266   1.00 28.61 ? 60  PRO A N   1 
ATOM   404  C  CA  . PRO A 1 60  ? 3.174   13.875  4.310   1.00 28.91 ? 60  PRO A CA  1 
ATOM   405  C  C   . PRO A 1 60  ? 2.752   14.528  2.997   1.00 29.25 ? 60  PRO A C   1 
ATOM   406  O  O   . PRO A 1 60  ? 2.808   13.901  1.939   1.00 29.19 ? 60  PRO A O   1 
ATOM   407  C  CB  . PRO A 1 60  ? 4.684   13.935  4.524   1.00 28.86 ? 60  PRO A CB  1 
ATOM   408  C  CG  . PRO A 1 60  ? 4.956   12.684  5.314   1.00 29.04 ? 60  PRO A CG  1 
ATOM   409  C  CD  . PRO A 1 60  ? 4.126   11.668  4.575   1.00 28.73 ? 60  PRO A CD  1 
ATOM   410  N  N   . VAL A 1 61  ? 2.334   15.787  3.068   1.00 29.75 ? 61  VAL A N   1 
ATOM   411  C  CA  . VAL A 1 61  ? 1.900   16.513  1.881   1.00 30.36 ? 61  VAL A CA  1 
ATOM   412  C  C   . VAL A 1 61  ? 2.970   16.525  0.795   1.00 30.33 ? 61  VAL A C   1 
ATOM   413  O  O   . VAL A 1 61  ? 2.673   16.310  -0.380  1.00 30.58 ? 61  VAL A O   1 
ATOM   414  C  CB  . VAL A 1 61  ? 1.527   17.970  2.228   1.00 30.78 ? 61  VAL A CB  1 
ATOM   415  C  CG1 . VAL A 1 61  ? 1.155   18.728  0.962   1.00 31.12 ? 61  VAL A CG1 1 
ATOM   416  C  CG2 . VAL A 1 61  ? 0.367   17.985  3.212   1.00 31.35 ? 61  VAL A CG2 1 
ATOM   417  N  N   . ALA A 1 62  ? 4.214   16.777  1.189   1.00 30.01 ? 62  ALA A N   1 
ATOM   418  C  CA  . ALA A 1 62  ? 5.319   16.818  0.237   1.00 29.46 ? 62  ALA A CA  1 
ATOM   419  C  C   . ALA A 1 62  ? 5.450   15.482  -0.486  1.00 29.09 ? 62  ALA A C   1 
ATOM   420  O  O   . ALA A 1 62  ? 5.708   15.436  -1.689  1.00 29.08 ? 62  ALA A O   1 
ATOM   421  C  CB  . ALA A 1 62  ? 6.615   17.152  0.959   1.00 29.06 ? 62  ALA A CB  1 
ATOM   422  N  N   . THR A 1 63  ? 5.269   14.395  0.256   1.00 28.61 ? 63  THR A N   1 
ATOM   423  C  CA  . THR A 1 63  ? 5.372   13.059  -0.313  1.00 28.27 ? 63  THR A CA  1 
ATOM   424  C  C   . THR A 1 63  ? 4.191   12.787  -1.238  1.00 28.00 ? 63  THR A C   1 
ATOM   425  O  O   . THR A 1 63  ? 4.353   12.238  -2.328  1.00 27.52 ? 63  THR A O   1 
ATOM   426  C  CB  . THR A 1 63  ? 5.408   11.987  0.793   1.00 28.36 ? 63  THR A CB  1 
ATOM   427  O  OG1 . THR A 1 63  ? 6.491   12.266  1.689   1.00 28.47 ? 63  THR A OG1 1 
ATOM   428  C  CG2 . THR A 1 63  ? 5.600   10.599  0.187   1.00 28.10 ? 63  THR A CG2 1 
ATOM   429  N  N   . ALA A 1 64  ? 2.999   13.178  -0.800  1.00 27.78 ? 64  ALA A N   1 
ATOM   430  C  CA  . ALA A 1 64  ? 1.806   12.979  -1.607  1.00 27.64 ? 64  ALA A CA  1 
ATOM   431  C  C   . ALA A 1 64  ? 1.962   13.721  -2.927  1.00 27.35 ? 64  ALA A C   1 
ATOM   432  O  O   . ALA A 1 64  ? 1.491   13.261  -3.967  1.00 26.88 ? 64  ALA A O   1 
ATOM   433  C  CB  . ALA A 1 64  ? 0.579   13.487  -0.860  1.00 27.51 ? 64  ALA A CB  1 
ATOM   434  N  N   . ARG A 1 65  ? 2.639   14.867  -2.885  1.00 27.41 ? 65  ARG A N   1 
ATOM   435  C  CA  . ARG A 1 65  ? 2.842   15.664  -4.087  1.00 27.58 ? 65  ARG A CA  1 
ATOM   436  C  C   . ARG A 1 65  ? 3.662   14.896  -5.121  1.00 26.84 ? 65  ARG A C   1 
ATOM   437  O  O   . ARG A 1 65  ? 3.368   14.946  -6.313  1.00 26.81 ? 65  ARG A O   1 
ATOM   438  C  CB  . ARG A 1 65  ? 3.548   16.984  -3.753  1.00 28.81 ? 65  ARG A CB  1 
ATOM   439  C  CG  . ARG A 1 65  ? 3.189   18.114  -4.706  1.00 30.45 ? 65  ARG A CG  1 
ATOM   440  C  CD  . ARG A 1 65  ? 4.051   19.363  -4.520  1.00 32.50 ? 65  ARG A CD  1 
ATOM   441  N  NE  . ARG A 1 65  ? 4.122   19.815  -3.132  1.00 33.90 ? 65  ARG A NE  1 
ATOM   442  C  CZ  . ARG A 1 65  ? 5.137   19.552  -2.314  1.00 34.92 ? 65  ARG A CZ  1 
ATOM   443  N  NH1 . ARG A 1 65  ? 6.171   18.840  -2.742  1.00 35.81 ? 65  ARG A NH1 1 
ATOM   444  N  NH2 . ARG A 1 65  ? 5.120   20.003  -1.065  1.00 35.56 ? 65  ARG A NH2 1 
ATOM   445  N  N   . GLU A 1 66  ? 4.688   14.186  -4.667  1.00 26.25 ? 66  GLU A N   1 
ATOM   446  C  CA  . GLU A 1 66  ? 5.527   13.420  -5.582  1.00 26.01 ? 66  GLU A CA  1 
ATOM   447  C  C   . GLU A 1 66  ? 4.748   12.236  -6.158  1.00 25.55 ? 66  GLU A C   1 
ATOM   448  O  O   . GLU A 1 66  ? 4.836   11.941  -7.350  1.00 25.12 ? 66  GLU A O   1 
ATOM   449  C  CB  . GLU A 1 66  ? 6.780   12.905  -4.873  1.00 26.40 ? 66  GLU A CB  1 
ATOM   450  C  CG  . GLU A 1 66  ? 7.884   12.514  -5.848  1.00 28.92 ? 66  GLU A CG  1 
ATOM   451  C  CD  . GLU A 1 66  ? 8.793   11.414  -5.332  1.00 29.86 ? 66  GLU A CD  1 
ATOM   452  O  OE1 . GLU A 1 66  ? 9.301   11.532  -4.197  1.00 30.73 ? 66  GLU A OE1 1 
ATOM   453  O  OE2 . GLU A 1 66  ? 9.007   10.431  -6.075  1.00 31.22 ? 66  GLU A OE2 1 
ATOM   454  N  N   . VAL A 1 67  ? 3.989   11.557  -5.302  1.00 24.94 ? 67  VAL A N   1 
ATOM   455  C  CA  . VAL A 1 67  ? 3.196   10.412  -5.730  1.00 24.33 ? 67  VAL A CA  1 
ATOM   456  C  C   . VAL A 1 67  ? 2.227   10.813  -6.836  1.00 24.18 ? 67  VAL A C   1 
ATOM   457  O  O   . VAL A 1 67  ? 2.154   10.165  -7.877  1.00 24.14 ? 67  VAL A O   1 
ATOM   458  C  CB  . VAL A 1 67  ? 2.379   9.825   -4.560  1.00 24.07 ? 67  VAL A CB  1 
ATOM   459  C  CG1 . VAL A 1 67  ? 1.476   8.697   -5.069  1.00 24.00 ? 67  VAL A CG1 1 
ATOM   460  C  CG2 . VAL A 1 67  ? 3.315   9.313   -3.481  1.00 23.03 ? 67  VAL A CG2 1 
ATOM   461  N  N   . LEU A 1 68  ? 1.486   11.891  -6.602  1.00 23.98 ? 68  LEU A N   1 
ATOM   462  C  CA  . LEU A 1 68  ? 0.519   12.369  -7.574  1.00 24.14 ? 68  LEU A CA  1 
ATOM   463  C  C   . LEU A 1 68  ? 1.212   12.894  -8.819  1.00 24.24 ? 68  LEU A C   1 
ATOM   464  O  O   . LEU A 1 68  ? 0.646   12.860  -9.913  1.00 24.60 ? 68  LEU A O   1 
ATOM   465  C  CB  . LEU A 1 68  ? -0.362  13.449  -6.942  1.00 23.46 ? 68  LEU A CB  1 
ATOM   466  C  CG  . LEU A 1 68  ? -1.142  12.913  -5.738  1.00 22.67 ? 68  LEU A CG  1 
ATOM   467  C  CD1 . LEU A 1 68  ? -1.959  14.021  -5.107  1.00 22.93 ? 68  LEU A CD1 1 
ATOM   468  C  CD2 . LEU A 1 68  ? -2.043  11.774  -6.188  1.00 21.93 ? 68  LEU A CD2 1 
ATOM   469  N  N   . GLY A 1 69  ? 2.441   13.371  -8.651  1.00 24.33 ? 69  GLY A N   1 
ATOM   470  C  CA  . GLY A 1 69  ? 3.195   13.865  -9.787  1.00 24.11 ? 69  GLY A CA  1 
ATOM   471  C  C   . GLY A 1 69  ? 3.439   12.728  -10.766 1.00 24.08 ? 69  GLY A C   1 
ATOM   472  O  O   . GLY A 1 69  ? 3.403   12.917  -11.981 1.00 24.13 ? 69  GLY A O   1 
ATOM   473  N  N   . HIS A 1 70  ? 3.692   11.539  -10.227 1.00 23.88 ? 70  HIS A N   1 
ATOM   474  C  CA  . HIS A 1 70  ? 3.930   10.363  -11.051 1.00 24.38 ? 70  HIS A CA  1 
ATOM   475  C  C   . HIS A 1 70  ? 2.612   9.907   -11.661 1.00 24.45 ? 70  HIS A C   1 
ATOM   476  O  O   . HIS A 1 70  ? 2.571   9.463   -12.806 1.00 24.19 ? 70  HIS A O   1 
ATOM   477  C  CB  . HIS A 1 70  ? 4.535   9.234   -10.212 1.00 24.58 ? 70  HIS A CB  1 
ATOM   478  C  CG  . HIS A 1 70  ? 5.943   9.494   -9.780  1.00 25.11 ? 70  HIS A CG  1 
ATOM   479  N  ND1 . HIS A 1 70  ? 6.984   9.615   -10.675 1.00 25.36 ? 70  HIS A ND1 1 
ATOM   480  C  CD2 . HIS A 1 70  ? 6.483   9.659   -8.550  1.00 25.42 ? 70  HIS A CD2 1 
ATOM   481  C  CE1 . HIS A 1 70  ? 8.105   9.844   -10.014 1.00 25.70 ? 70  HIS A CE1 1 
ATOM   482  N  NE2 . HIS A 1 70  ? 7.829   9.876   -8.723  1.00 25.71 ? 70  HIS A NE2 1 
ATOM   483  N  N   . VAL A 1 71  ? 1.534   10.028  -10.892 1.00 24.95 ? 71  VAL A N   1 
ATOM   484  C  CA  . VAL A 1 71  ? 0.217   9.641   -11.376 1.00 25.85 ? 71  VAL A CA  1 
ATOM   485  C  C   . VAL A 1 71  ? -0.154  10.528  -12.559 1.00 26.69 ? 71  VAL A C   1 
ATOM   486  O  O   . VAL A 1 71  ? -0.830  10.088  -13.487 1.00 26.30 ? 71  VAL A O   1 
ATOM   487  C  CB  . VAL A 1 71  ? -0.861  9.799   -10.277 1.00 25.62 ? 71  VAL A CB  1 
ATOM   488  C  CG1 . VAL A 1 71  ? -2.235  9.452   -10.841 1.00 25.45 ? 71  VAL A CG1 1 
ATOM   489  C  CG2 . VAL A 1 71  ? -0.536  8.904   -9.092  1.00 25.35 ? 71  VAL A CG2 1 
ATOM   490  N  N   . ASP A 1 72  ? 0.306   11.776  -12.521 1.00 27.73 ? 72  ASP A N   1 
ATOM   491  C  CA  . ASP A 1 72  ? 0.022   12.741  -13.576 1.00 29.02 ? 72  ASP A CA  1 
ATOM   492  C  C   . ASP A 1 72  ? 1.152   12.921  -14.588 1.00 29.65 ? 72  ASP A C   1 
ATOM   493  O  O   . ASP A 1 72  ? 1.106   13.830  -15.412 1.00 30.13 ? 72  ASP A O   1 
ATOM   494  C  CB  . ASP A 1 72  ? -0.325  14.093  -12.948 1.00 29.36 ? 72  ASP A CB  1 
ATOM   495  C  CG  . ASP A 1 72  ? -1.648  14.069  -12.204 1.00 30.25 ? 72  ASP A CG  1 
ATOM   496  O  OD1 . ASP A 1 72  ? -1.889  14.982  -11.383 1.00 30.63 ? 72  ASP A OD1 1 
ATOM   497  O  OD2 . ASP A 1 72  ? -2.449  13.141  -12.448 1.00 30.24 ? 72  ASP A OD2 1 
ATOM   498  N  N   . ASP A 1 73  ? 2.164   12.061  -14.531 1.00 29.96 ? 73  ASP A N   1 
ATOM   499  C  CA  . ASP A 1 73  ? 3.285   12.158  -15.466 1.00 30.34 ? 73  ASP A CA  1 
ATOM   500  C  C   . ASP A 1 73  ? 2.832   11.703  -16.849 1.00 31.08 ? 73  ASP A C   1 
ATOM   501  O  O   . ASP A 1 73  ? 2.489   10.543  -17.042 1.00 32.02 ? 73  ASP A O   1 
ATOM   502  C  CB  . ASP A 1 73  ? 4.452   11.290  -14.991 1.00 29.55 ? 73  ASP A CB  1 
ATOM   503  C  CG  . ASP A 1 73  ? 5.683   11.428  -15.872 1.00 29.08 ? 73  ASP A CG  1 
ATOM   504  O  OD1 . ASP A 1 73  ? 6.680   10.720  -15.617 1.00 28.34 ? 73  ASP A OD1 1 
ATOM   505  O  OD2 . ASP A 1 73  ? 5.656   12.242  -16.818 1.00 28.77 ? 73  ASP A OD2 1 
ATOM   506  N  N   . ASP A 1 74  ? 2.825   12.615  -17.813 1.00 31.40 ? 74  ASP A N   1 
ATOM   507  C  CA  . ASP A 1 74  ? 2.394   12.272  -19.163 1.00 31.43 ? 74  ASP A CA  1 
ATOM   508  C  C   . ASP A 1 74  ? 3.553   12.029  -20.128 1.00 30.57 ? 74  ASP A C   1 
ATOM   509  O  O   . ASP A 1 74  ? 3.352   11.966  -21.339 1.00 31.05 ? 74  ASP A O   1 
ATOM   510  C  CB  . ASP A 1 74  ? 1.474   13.370  -19.709 1.00 32.78 ? 74  ASP A CB  1 
ATOM   511  C  CG  . ASP A 1 74  ? 2.107   14.753  -19.651 1.00 34.21 ? 74  ASP A CG  1 
ATOM   512  O  OD1 . ASP A 1 74  ? 1.398   15.741  -19.940 1.00 35.47 ? 74  ASP A OD1 1 
ATOM   513  O  OD2 . ASP A 1 74  ? 3.309   14.857  -19.322 1.00 34.95 ? 74  ASP A OD2 1 
ATOM   514  N  N   . SER A 1 75  ? 4.761   11.885  -19.591 1.00 29.31 ? 75  SER A N   1 
ATOM   515  C  CA  . SER A 1 75  ? 5.940   11.642  -20.421 1.00 27.83 ? 75  SER A CA  1 
ATOM   516  C  C   . SER A 1 75  ? 6.344   10.166  -20.387 1.00 26.69 ? 75  SER A C   1 
ATOM   517  O  O   . SER A 1 75  ? 7.283   9.755   -21.066 1.00 26.15 ? 75  SER A O   1 
ATOM   518  C  CB  . SER A 1 75  ? 7.114   12.497  -19.941 1.00 28.04 ? 75  SER A CB  1 
ATOM   519  O  OG  . SER A 1 75  ? 7.605   12.037  -18.692 1.00 28.42 ? 75  SER A OG  1 
ATOM   520  N  N   . LEU A 1 76  ? 5.630   9.375   -19.589 1.00 25.49 ? 76  LEU A N   1 
ATOM   521  C  CA  . LEU A 1 76  ? 5.916   7.948   -19.462 1.00 24.66 ? 76  LEU A CA  1 
ATOM   522  C  C   . LEU A 1 76  ? 4.653   7.106   -19.565 1.00 23.88 ? 76  LEU A C   1 
ATOM   523  O  O   . LEU A 1 76  ? 3.559   7.571   -19.237 1.00 23.46 ? 76  LEU A O   1 
ATOM   524  C  CB  . LEU A 1 76  ? 6.589   7.658   -18.117 1.00 24.28 ? 76  LEU A CB  1 
ATOM   525  C  CG  . LEU A 1 76  ? 8.012   8.159   -17.887 1.00 24.58 ? 76  LEU A CG  1 
ATOM   526  C  CD1 . LEU A 1 76  ? 8.406   7.917   -16.431 1.00 23.62 ? 76  LEU A CD1 1 
ATOM   527  C  CD2 . LEU A 1 76  ? 8.969   7.444   -18.839 1.00 24.35 ? 76  LEU A CD2 1 
ATOM   528  N  N   . GLY A 1 77  ? 4.812   5.866   -20.017 1.00 23.61 ? 77  GLY A N   1 
ATOM   529  C  CA  . GLY A 1 77  ? 3.677   4.968   -20.136 1.00 23.30 ? 77  GLY A CA  1 
ATOM   530  C  C   . GLY A 1 77  ? 3.143   4.670   -18.750 1.00 23.20 ? 77  GLY A C   1 
ATOM   531  O  O   . GLY A 1 77  ? 3.879   4.779   -17.771 1.00 23.30 ? 77  GLY A O   1 
ATOM   532  N  N   . ARG A 1 78  ? 1.875   4.281   -18.660 1.00 23.14 ? 78  ARG A N   1 
ATOM   533  C  CA  . ARG A 1 78  ? 1.244   3.996   -17.373 1.00 23.57 ? 78  ARG A CA  1 
ATOM   534  C  C   . ARG A 1 78  ? 1.904   2.901   -16.530 1.00 23.28 ? 78  ARG A C   1 
ATOM   535  O  O   . ARG A 1 78  ? 1.967   3.017   -15.305 1.00 22.87 ? 78  ARG A O   1 
ATOM   536  C  CB  . ARG A 1 78  ? -0.233  3.649   -17.580 1.00 24.24 ? 78  ARG A CB  1 
ATOM   537  C  CG  . ARG A 1 78  ? -1.092  3.899   -16.350 1.00 24.99 ? 78  ARG A CG  1 
ATOM   538  C  CD  . ARG A 1 78  ? -2.515  3.393   -16.539 1.00 25.91 ? 78  ARG A CD  1 
ATOM   539  N  NE  . ARG A 1 78  ? -2.569  1.934   -16.575 1.00 26.76 ? 78  ARG A NE  1 
ATOM   540  C  CZ  . ARG A 1 78  ? -3.673  1.230   -16.800 1.00 27.03 ? 78  ARG A CZ  1 
ATOM   541  N  NH1 . ARG A 1 78  ? -4.828  1.847   -17.013 1.00 27.43 ? 78  ARG A NH1 1 
ATOM   542  N  NH2 . ARG A 1 78  ? -3.622  -0.094  -16.810 1.00 27.42 ? 78  ARG A NH2 1 
ATOM   543  N  N   . THR A 1 79  ? 2.392   1.843   -17.171 1.00 23.03 ? 79  THR A N   1 
ATOM   544  C  CA  . THR A 1 79  ? 3.025   0.754   -16.427 1.00 22.90 ? 79  THR A CA  1 
ATOM   545  C  C   . THR A 1 79  ? 4.210   1.240   -15.606 1.00 22.69 ? 79  THR A C   1 
ATOM   546  O  O   . THR A 1 79  ? 4.452   0.753   -14.503 1.00 22.35 ? 79  THR A O   1 
ATOM   547  C  CB  . THR A 1 79  ? 3.517   -0.373  -17.352 1.00 22.98 ? 79  THR A CB  1 
ATOM   548  O  OG1 . THR A 1 79  ? 4.405   0.169   -18.336 1.00 23.03 ? 79  THR A OG1 1 
ATOM   549  C  CG2 . THR A 1 79  ? 2.338   -1.055  -18.033 1.00 22.77 ? 79  THR A CG2 1 
ATOM   550  N  N   . VAL A 1 80  ? 4.957   2.194   -16.144 1.00 22.55 ? 80  VAL A N   1 
ATOM   551  C  CA  . VAL A 1 80  ? 6.101   2.728   -15.420 1.00 22.30 ? 80  VAL A CA  1 
ATOM   552  C  C   . VAL A 1 80  ? 5.658   3.756   -14.387 1.00 21.62 ? 80  VAL A C   1 
ATOM   553  O  O   . VAL A 1 80  ? 6.220   3.829   -13.294 1.00 21.70 ? 80  VAL A O   1 
ATOM   554  C  CB  . VAL A 1 80  ? 7.121   3.373   -16.382 1.00 22.66 ? 80  VAL A CB  1 
ATOM   555  C  CG1 . VAL A 1 80  ? 8.196   4.118   -15.592 1.00 22.99 ? 80  VAL A CG1 1 
ATOM   556  C  CG2 . VAL A 1 80  ? 7.763   2.294   -17.237 1.00 22.68 ? 80  VAL A CG2 1 
ATOM   557  N  N   . ARG A 1 81  ? 4.636   4.537   -14.730 1.00 21.27 ? 81  ARG A N   1 
ATOM   558  C  CA  . ARG A 1 81  ? 4.118   5.564   -13.827 1.00 20.81 ? 81  ARG A CA  1 
ATOM   559  C  C   . ARG A 1 81  ? 3.566   4.969   -12.540 1.00 19.80 ? 81  ARG A C   1 
ATOM   560  O  O   . ARG A 1 81  ? 3.769   5.520   -11.460 1.00 19.53 ? 81  ARG A O   1 
ATOM   561  C  CB  . ARG A 1 81  ? 3.006   6.375   -14.499 1.00 21.39 ? 81  ARG A CB  1 
ATOM   562  C  CG  . ARG A 1 81  ? 3.378   6.961   -15.838 1.00 23.47 ? 81  ARG A CG  1 
ATOM   563  C  CD  . ARG A 1 81  ? 2.502   8.154   -16.151 1.00 24.53 ? 81  ARG A CD  1 
ATOM   564  N  NE  . ARG A 1 81  ? 1.075   7.844   -16.158 1.00 24.94 ? 81  ARG A NE  1 
ATOM   565  C  CZ  . ARG A 1 81  ? 0.385   7.517   -17.245 1.00 25.76 ? 81  ARG A CZ  1 
ATOM   566  N  NH1 . ARG A 1 81  ? 0.987   7.458   -18.425 1.00 26.41 ? 81  ARG A NH1 1 
ATOM   567  N  NH2 . ARG A 1 81  ? -0.912  7.255   -17.155 1.00 25.79 ? 81  ARG A NH2 1 
ATOM   568  N  N   . LEU A 1 82  ? 2.859   3.851   -12.661 1.00 18.80 ? 82  LEU A N   1 
ATOM   569  C  CA  . LEU A 1 82  ? 2.274   3.206   -11.493 1.00 18.31 ? 82  LEU A CA  1 
ATOM   570  C  C   . LEU A 1 82  ? 3.366   2.778   -10.523 1.00 17.69 ? 82  LEU A C   1 
ATOM   571  O  O   . LEU A 1 82  ? 3.251   2.974   -9.311  1.00 17.91 ? 82  LEU A O   1 
ATOM   572  C  CB  . LEU A 1 82  ? 1.441   1.988   -11.911 1.00 18.05 ? 82  LEU A CB  1 
ATOM   573  C  CG  . LEU A 1 82  ? 0.827   1.200   -10.749 1.00 17.93 ? 82  LEU A CG  1 
ATOM   574  C  CD1 . LEU A 1 82  ? 0.012   2.133   -9.861  1.00 17.47 ? 82  LEU A CD1 1 
ATOM   575  C  CD2 . LEU A 1 82  ? -0.041  0.081   -11.297 1.00 17.60 ? 82  LEU A CD2 1 
ATOM   576  N  N   . GLY A 1 83  ? 4.427   2.191   -11.064 1.00 17.51 ? 83  GLY A N   1 
ATOM   577  C  CA  . GLY A 1 83  ? 5.520   1.754   -10.224 1.00 17.54 ? 83  GLY A CA  1 
ATOM   578  C  C   . GLY A 1 83  ? 6.121   2.946   -9.507  1.00 17.60 ? 83  GLY A C   1 
ATOM   579  O  O   . GLY A 1 83  ? 6.325   2.922   -8.292  1.00 17.32 ? 83  GLY A O   1 
ATOM   580  N  N   . ALA A 1 84  ? 6.390   3.998   -10.270 1.00 17.24 ? 84  ALA A N   1 
ATOM   581  C  CA  . ALA A 1 84  ? 6.982   5.213   -9.730  1.00 17.56 ? 84  ALA A CA  1 
ATOM   582  C  C   . ALA A 1 84  ? 6.117   5.831   -8.639  1.00 17.53 ? 84  ALA A C   1 
ATOM   583  O  O   . ALA A 1 84  ? 6.628   6.241   -7.598  1.00 17.97 ? 84  ALA A O   1 
ATOM   584  C  CB  . ALA A 1 84  ? 7.213   6.221   -10.850 1.00 17.16 ? 84  ALA A CB  1 
ATOM   585  N  N   . ALA A 1 85  ? 4.808   5.888   -8.878  1.00 17.50 ? 85  ALA A N   1 
ATOM   586  C  CA  . ALA A 1 85  ? 3.872   6.469   -7.919  1.00 17.03 ? 85  ALA A CA  1 
ATOM   587  C  C   . ALA A 1 85  ? 3.816   5.662   -6.631  1.00 17.04 ? 85  ALA A C   1 
ATOM   588  O  O   . ALA A 1 85  ? 3.882   6.218   -5.534  1.00 16.54 ? 85  ALA A O   1 
ATOM   589  C  CB  . ALA A 1 85  ? 2.474   6.569   -8.535  1.00 16.74 ? 85  ALA A CB  1 
ATOM   590  N  N   . LEU A 1 86  ? 3.700   4.345   -6.769  1.00 17.02 ? 86  LEU A N   1 
ATOM   591  C  CA  . LEU A 1 86  ? 3.639   3.450   -5.619  1.00 16.84 ? 86  LEU A CA  1 
ATOM   592  C  C   . LEU A 1 86  ? 4.890   3.517   -4.750  1.00 17.41 ? 86  LEU A C   1 
ATOM   593  O  O   . LEU A 1 86  ? 4.806   3.614   -3.528  1.00 16.82 ? 86  LEU A O   1 
ATOM   594  C  CB  . LEU A 1 86  ? 3.437   2.004   -6.081  1.00 16.13 ? 86  LEU A CB  1 
ATOM   595  C  CG  . LEU A 1 86  ? 2.045   1.597   -6.584  1.00 15.83 ? 86  LEU A CG  1 
ATOM   596  C  CD1 . LEU A 1 86  ? 2.111   0.235   -7.254  1.00 15.81 ? 86  LEU A CD1 1 
ATOM   597  C  CD2 . LEU A 1 86  ? 1.074   1.563   -5.415  1.00 15.14 ? 86  LEU A CD2 1 
ATOM   598  N  N   . TRP A 1 87  ? 6.053   3.459   -5.388  1.00 18.32 ? 87  TRP A N   1 
ATOM   599  C  CA  . TRP A 1 87  ? 7.308   3.472   -4.658  1.00 19.86 ? 87  TRP A CA  1 
ATOM   600  C  C   . TRP A 1 87  ? 7.717   4.836   -4.139  1.00 20.47 ? 87  TRP A C   1 
ATOM   601  O  O   . TRP A 1 87  ? 8.739   4.968   -3.469  1.00 20.24 ? 87  TRP A O   1 
ATOM   602  C  CB  . TRP A 1 87  ? 8.404   2.849   -5.522  1.00 19.66 ? 87  TRP A CB  1 
ATOM   603  C  CG  . TRP A 1 87  ? 8.045   1.445   -5.912  1.00 20.37 ? 87  TRP A CG  1 
ATOM   604  C  CD1 . TRP A 1 87  ? 7.121   0.642   -5.300  1.00 20.24 ? 87  TRP A CD1 1 
ATOM   605  C  CD2 . TRP A 1 87  ? 8.618   0.663   -6.965  1.00 20.50 ? 87  TRP A CD2 1 
ATOM   606  N  NE1 . TRP A 1 87  ? 7.084   -0.587  -5.903  1.00 20.63 ? 87  TRP A NE1 1 
ATOM   607  C  CE2 . TRP A 1 87  ? 7.993   -0.605  -6.928  1.00 20.65 ? 87  TRP A CE2 1 
ATOM   608  C  CE3 . TRP A 1 87  ? 9.599   0.907   -7.938  1.00 20.47 ? 87  TRP A CE3 1 
ATOM   609  C  CZ2 . TRP A 1 87  ? 8.317   -1.627  -7.825  1.00 20.35 ? 87  TRP A CZ2 1 
ATOM   610  C  CZ3 . TRP A 1 87  ? 9.921   -0.113  -8.830  1.00 20.74 ? 87  TRP A CZ3 1 
ATOM   611  C  CH2 . TRP A 1 87  ? 9.280   -1.364  -8.766  1.00 21.39 ? 87  TRP A CH2 1 
ATOM   612  N  N   . ALA A 1 88  ? 6.909   5.845   -4.447  1.00 21.35 ? 88  ALA A N   1 
ATOM   613  C  CA  . ALA A 1 88  ? 7.162   7.200   -3.975  1.00 22.18 ? 88  ALA A CA  1 
ATOM   614  C  C   . ALA A 1 88  ? 6.450   7.335   -2.631  1.00 23.06 ? 88  ALA A C   1 
ATOM   615  O  O   . ALA A 1 88  ? 6.632   8.316   -1.910  1.00 23.06 ? 88  ALA A O   1 
ATOM   616  C  CB  . ALA A 1 88  ? 6.616   8.218   -4.965  1.00 22.41 ? 88  ALA A CB  1 
ATOM   617  N  N   . LEU A 1 89  ? 5.631   6.337   -2.309  1.00 23.72 ? 89  LEU A N   1 
ATOM   618  C  CA  . LEU A 1 89  ? 4.904   6.316   -1.045  1.00 24.88 ? 89  LEU A CA  1 
ATOM   619  C  C   . LEU A 1 89  ? 5.923   6.017   0.055   1.00 25.93 ? 89  LEU A C   1 
ATOM   620  O  O   . LEU A 1 89  ? 6.976   5.436   -0.214  1.00 25.44 ? 89  LEU A O   1 
ATOM   621  C  CB  . LEU A 1 89  ? 3.827   5.223   -1.063  1.00 24.50 ? 89  LEU A CB  1 
ATOM   622  C  CG  . LEU A 1 89  ? 2.583   5.449   -1.930  1.00 24.63 ? 89  LEU A CG  1 
ATOM   623  C  CD1 . LEU A 1 89  ? 1.746   4.176   -1.967  1.00 24.40 ? 89  LEU A CD1 1 
ATOM   624  C  CD2 . LEU A 1 89  ? 1.764   6.611   -1.371  1.00 24.34 ? 89  LEU A CD2 1 
ATOM   625  N  N   . PRO A 1 90  ? 5.628   6.408   1.306   1.00 26.92 ? 90  PRO A N   1 
ATOM   626  C  CA  . PRO A 1 90  ? 6.572   6.147   2.397   1.00 27.91 ? 90  PRO A CA  1 
ATOM   627  C  C   . PRO A 1 90  ? 7.045   4.694   2.414   1.00 28.96 ? 90  PRO A C   1 
ATOM   628  O  O   . PRO A 1 90  ? 6.243   3.770   2.264   1.00 29.11 ? 90  PRO A O   1 
ATOM   629  C  CB  . PRO A 1 90  ? 5.767   6.519   3.640   1.00 27.50 ? 90  PRO A CB  1 
ATOM   630  C  CG  . PRO A 1 90  ? 4.917   7.647   3.145   1.00 27.29 ? 90  PRO A CG  1 
ATOM   631  C  CD  . PRO A 1 90  ? 4.437   7.119   1.804   1.00 27.15 ? 90  PRO A CD  1 
ATOM   632  N  N   . GLN A 1 91  ? 8.351   4.503   2.585   1.00 30.13 ? 91  GLN A N   1 
ATOM   633  C  CA  . GLN A 1 91  ? 8.941   3.169   2.617   1.00 31.82 ? 91  GLN A CA  1 
ATOM   634  C  C   . GLN A 1 91  ? 9.818   2.996   3.858   1.00 33.76 ? 91  GLN A C   1 
ATOM   635  O  O   . GLN A 1 91  ? 10.090  3.959   4.577   1.00 33.78 ? 91  GLN A O   1 
ATOM   636  C  CB  . GLN A 1 91  ? 9.790   2.933   1.364   1.00 30.59 ? 91  GLN A CB  1 
ATOM   637  C  CG  . GLN A 1 91  ? 9.060   3.128   0.040   1.00 29.71 ? 91  GLN A CG  1 
ATOM   638  C  CD  . GLN A 1 91  ? 7.879   2.188   -0.141  1.00 29.10 ? 91  GLN A CD  1 
ATOM   639  O  OE1 . GLN A 1 91  ? 7.876   1.068   0.369   1.00 28.18 ? 91  GLN A OE1 1 
ATOM   640  N  NE2 . GLN A 1 91  ? 6.876   2.639   -0.887  1.00 28.81 ? 91  GLN A NE2 1 
ATOM   641  N  N   . ASP A 1 92  ? 10.264  1.766   4.103   1.00 36.12 ? 92  ASP A N   1 
ATOM   642  C  CA  . ASP A 1 92  ? 11.113  1.481   5.256   1.00 38.70 ? 92  ASP A CA  1 
ATOM   643  C  C   . ASP A 1 92  ? 12.589  1.659   4.920   1.00 40.04 ? 92  ASP A C   1 
ATOM   644  O  O   . ASP A 1 92  ? 12.956  1.837   3.758   1.00 40.55 ? 92  ASP A O   1 
ATOM   645  C  CB  . ASP A 1 92  ? 10.876  0.052   5.762   1.00 39.30 ? 92  ASP A CB  1 
ATOM   646  C  CG  . ASP A 1 92  ? 9.478   -0.147  6.319   1.00 40.01 ? 92  ASP A CG  1 
ATOM   647  O  OD1 . ASP A 1 92  ? 9.059   0.657   7.179   1.00 40.71 ? 92  ASP A OD1 1 
ATOM   648  O  OD2 . ASP A 1 92  ? 8.798   -1.108  5.903   1.00 40.41 ? 92  ASP A OD2 1 
ATOM   649  N  N   . ALA A 1 93  ? 13.429  1.611   5.947   1.00 41.54 ? 93  ALA A N   1 
ATOM   650  C  CA  . ALA A 1 93  ? 14.868  1.761   5.772   1.00 42.92 ? 93  ALA A CA  1 
ATOM   651  C  C   . ALA A 1 93  ? 15.442  0.548   5.044   1.00 43.99 ? 93  ALA A C   1 
ATOM   652  O  O   . ALA A 1 93  ? 14.900  -0.554  5.134   1.00 43.97 ? 93  ALA A O   1 
ATOM   653  C  CB  . ALA A 1 93  ? 15.542  1.922   7.130   1.00 42.67 ? 93  ALA A CB  1 
ATOM   654  N  N   . GLU A 1 94  ? 16.538  0.754   4.321   1.00 45.21 ? 94  GLU A N   1 
ATOM   655  C  CA  . GLU A 1 94  ? 17.169  -0.336  3.593   1.00 46.54 ? 94  GLU A CA  1 
ATOM   656  C  C   . GLU A 1 94  ? 18.042  -1.174  4.519   1.00 46.94 ? 94  GLU A C   1 
ATOM   657  O  O   . GLU A 1 94  ? 18.686  -0.652  5.430   1.00 47.31 ? 94  GLU A O   1 
ATOM   658  C  CB  . GLU A 1 94  ? 17.992  0.206   2.425   1.00 47.49 ? 94  GLU A CB  1 
ATOM   659  C  CG  . GLU A 1 94  ? 17.140  0.868   1.353   1.00 48.92 ? 94  GLU A CG  1 
ATOM   660  C  CD  . GLU A 1 94  ? 17.858  0.993   0.025   1.00 49.83 ? 94  GLU A CD  1 
ATOM   661  O  OE1 . GLU A 1 94  ? 18.884  1.700   -0.035  1.00 50.55 ? 94  GLU A OE1 1 
ATOM   662  O  OE2 . GLU A 1 94  ? 17.394  0.379   -0.961  1.00 50.40 ? 94  GLU A OE2 1 
ATOM   663  N  N   . PRO A 1 95  ? 18.075  -2.493  4.291   1.00 47.18 ? 95  PRO A N   1 
ATOM   664  C  CA  . PRO A 1 95  ? 18.857  -3.437  5.091   1.00 47.50 ? 95  PRO A CA  1 
ATOM   665  C  C   . PRO A 1 95  ? 20.356  -3.415  4.824   1.00 47.91 ? 95  PRO A C   1 
ATOM   666  O  O   . PRO A 1 95  ? 20.826  -2.814  3.854   1.00 47.87 ? 95  PRO A O   1 
ATOM   667  C  CB  . PRO A 1 95  ? 18.240  -4.776  4.717   1.00 47.47 ? 95  PRO A CB  1 
ATOM   668  C  CG  . PRO A 1 95  ? 17.964  -4.585  3.258   1.00 47.08 ? 95  PRO A CG  1 
ATOM   669  C  CD  . PRO A 1 95  ? 17.340  -3.201  3.226   1.00 47.05 ? 95  PRO A CD  1 
ATOM   670  N  N   . ASP A 1 96  ? 21.099  -4.076  5.705   1.00 48.24 ? 96  ASP A N   1 
ATOM   671  C  CA  . ASP A 1 96  ? 22.543  -4.190  5.573   1.00 48.30 ? 96  ASP A CA  1 
ATOM   672  C  C   . ASP A 1 96  ? 22.779  -5.474  4.789   1.00 48.14 ? 96  ASP A C   1 
ATOM   673  O  O   . ASP A 1 96  ? 22.747  -6.565  5.354   1.00 48.07 ? 96  ASP A O   1 
ATOM   674  C  CB  . ASP A 1 96  ? 23.203  -4.305  6.949   1.00 48.63 ? 96  ASP A CB  1 
ATOM   675  C  CG  . ASP A 1 96  ? 24.699  -4.553  6.859   1.00 48.96 ? 96  ASP A CG  1 
ATOM   676  O  OD1 . ASP A 1 96  ? 25.325  -4.818  7.908   1.00 49.16 ? 96  ASP A OD1 1 
ATOM   677  O  OD2 . ASP A 1 96  ? 25.252  -4.480  5.741   1.00 49.00 ? 96  ASP A OD2 1 
ATOM   678  N  N   . GLU A 1 97  ? 22.996  -5.340  3.485   1.00 47.92 ? 97  GLU A N   1 
ATOM   679  C  CA  . GLU A 1 97  ? 23.221  -6.503  2.635   1.00 47.58 ? 97  GLU A CA  1 
ATOM   680  C  C   . GLU A 1 97  ? 24.365  -7.375  3.130   1.00 47.23 ? 97  GLU A C   1 
ATOM   681  O  O   . GLU A 1 97  ? 24.407  -8.573  2.845   1.00 47.17 ? 97  GLU A O   1 
ATOM   682  C  CB  . GLU A 1 97  ? 23.497  -6.065  1.196   1.00 47.92 ? 97  GLU A CB  1 
ATOM   683  C  CG  . GLU A 1 97  ? 22.288  -5.478  0.494   1.00 48.06 ? 97  GLU A CG  1 
ATOM   684  C  CD  . GLU A 1 97  ? 21.075  -6.382  0.591   1.00 48.26 ? 97  GLU A CD  1 
ATOM   685  O  OE1 . GLU A 1 97  ? 21.225  -7.603  0.377   1.00 48.33 ? 97  GLU A OE1 1 
ATOM   686  O  OE2 . GLU A 1 97  ? 19.971  -5.868  0.877   1.00 48.17 ? 97  GLU A OE2 1 
ATOM   687  N  N   . ALA A 1 98  ? 25.290  -6.773  3.874   1.00 46.47 ? 98  ALA A N   1 
ATOM   688  C  CA  . ALA A 1 98  ? 26.435  -7.500  4.409   1.00 45.47 ? 98  ALA A CA  1 
ATOM   689  C  C   . ALA A 1 98  ? 26.001  -8.476  5.496   1.00 44.66 ? 98  ALA A C   1 
ATOM   690  O  O   . ALA A 1 98  ? 26.669  -9.481  5.743   1.00 44.85 ? 98  ALA A O   1 
ATOM   691  C  CB  . ALA A 1 98  ? 27.461  -6.522  4.962   1.00 45.54 ? 98  ALA A CB  1 
ATOM   692  N  N   . ASP A 1 99  ? 24.880  -8.175  6.146   1.00 43.47 ? 99  ASP A N   1 
ATOM   693  C  CA  . ASP A 1 99  ? 24.359  -9.033  7.204   1.00 42.35 ? 99  ASP A CA  1 
ATOM   694  C  C   . ASP A 1 99  ? 24.044  -10.411 6.632   1.00 41.33 ? 99  ASP A C   1 
ATOM   695  O  O   . ASP A 1 99  ? 23.288  -10.536 5.667   1.00 41.37 ? 99  ASP A O   1 
ATOM   696  C  CB  . ASP A 1 99  ? 23.086  -8.429  7.800   1.00 42.70 ? 99  ASP A CB  1 
ATOM   697  C  CG  . ASP A 1 99  ? 22.610  -9.168  9.039   1.00 42.89 ? 99  ASP A CG  1 
ATOM   698  O  OD1 . ASP A 1 99  ? 22.738  -10.410 9.088   1.00 43.19 ? 99  ASP A OD1 1 
ATOM   699  O  OD2 . ASP A 1 99  ? 22.095  -8.507  9.964   1.00 43.11 ? 99  ASP A OD2 1 
ATOM   700  N  N   . PRO A 1 100 ? 24.621  -11.468 7.219   1.00 40.17 ? 100 PRO A N   1 
ATOM   701  C  CA  . PRO A 1 100 ? 24.365  -12.825 6.727   1.00 38.73 ? 100 PRO A CA  1 
ATOM   702  C  C   . PRO A 1 100 ? 22.892  -13.206 6.849   1.00 36.98 ? 100 PRO A C   1 
ATOM   703  O  O   . PRO A 1 100 ? 22.392  -14.033 6.090   1.00 37.17 ? 100 PRO A O   1 
ATOM   704  C  CB  . PRO A 1 100 ? 25.272  -13.686 7.604   1.00 39.51 ? 100 PRO A CB  1 
ATOM   705  C  CG  . PRO A 1 100 ? 25.327  -12.911 8.896   1.00 39.95 ? 100 PRO A CG  1 
ATOM   706  C  CD  . PRO A 1 100 ? 25.495  -11.491 8.407   1.00 39.95 ? 100 PRO A CD  1 
ATOM   707  N  N   . ALA A 1 101 ? 22.202  -12.593 7.806   1.00 34.99 ? 101 ALA A N   1 
ATOM   708  C  CA  . ALA A 1 101 ? 20.785  -12.861 8.022   1.00 32.94 ? 101 ALA A CA  1 
ATOM   709  C  C   . ALA A 1 101 ? 19.966  -12.277 6.874   1.00 31.44 ? 101 ALA A C   1 
ATOM   710  O  O   . ALA A 1 101 ? 18.933  -12.828 6.491   1.00 30.78 ? 101 ALA A O   1 
ATOM   711  C  CB  . ALA A 1 101 ? 20.333  -12.264 9.355   1.00 33.02 ? 101 ALA A CB  1 
ATOM   712  N  N   . VAL A 1 102 ? 20.433  -11.159 6.328   1.00 29.56 ? 102 VAL A N   1 
ATOM   713  C  CA  . VAL A 1 102 ? 19.747  -10.512 5.219   1.00 27.89 ? 102 VAL A CA  1 
ATOM   714  C  C   . VAL A 1 102 ? 19.920  -11.343 3.952   1.00 27.29 ? 102 VAL A C   1 
ATOM   715  O  O   . VAL A 1 102 ? 18.990  -11.485 3.160   1.00 26.50 ? 102 VAL A O   1 
ATOM   716  C  CB  . VAL A 1 102 ? 20.294  -9.091  4.979   1.00 27.80 ? 102 VAL A CB  1 
ATOM   717  C  CG1 . VAL A 1 102 ? 19.724  -8.518  3.692   1.00 27.42 ? 102 VAL A CG1 1 
ATOM   718  C  CG2 . VAL A 1 102 ? 19.933  -8.195  6.155   1.00 27.46 ? 102 VAL A CG2 1 
ATOM   719  N  N   . ALA A 1 103 ? 21.117  -11.895 3.768   1.00 26.18 ? 103 ALA A N   1 
ATOM   720  C  CA  . ALA A 1 103 ? 21.402  -12.723 2.602   1.00 25.63 ? 103 ALA A CA  1 
ATOM   721  C  C   . ALA A 1 103 ? 20.485  -13.948 2.595   1.00 25.25 ? 103 ALA A C   1 
ATOM   722  O  O   . ALA A 1 103 ? 19.884  -14.284 1.576   1.00 24.81 ? 103 ALA A O   1 
ATOM   723  C  CB  . ALA A 1 103 ? 22.864  -13.163 2.620   1.00 25.23 ? 103 ALA A CB  1 
ATOM   724  N  N   . ALA A 1 104 ? 20.389  -14.611 3.743   1.00 25.09 ? 104 ALA A N   1 
ATOM   725  C  CA  . ALA A 1 104 ? 19.542  -15.789 3.878   1.00 25.43 ? 104 ALA A CA  1 
ATOM   726  C  C   . ALA A 1 104 ? 18.082  -15.419 3.619   1.00 25.51 ? 104 ALA A C   1 
ATOM   727  O  O   . ALA A 1 104 ? 17.345  -16.167 2.979   1.00 25.86 ? 104 ALA A O   1 
ATOM   728  C  CB  . ALA A 1 104 ? 19.692  -16.379 5.270   1.00 24.85 ? 104 ALA A CB  1 
ATOM   729  N  N   . ALA A 1 105 ? 17.671  -14.260 4.123   1.00 25.48 ? 105 ALA A N   1 
ATOM   730  C  CA  . ALA A 1 105 ? 16.304  -13.789 3.939   1.00 25.53 ? 105 ALA A CA  1 
ATOM   731  C  C   . ALA A 1 105 ? 16.000  -13.544 2.463   1.00 25.58 ? 105 ALA A C   1 
ATOM   732  O  O   . ALA A 1 105 ? 14.903  -13.847 1.991   1.00 25.82 ? 105 ALA A O   1 
ATOM   733  C  CB  . ALA A 1 105 ? 16.084  -12.513 4.735   1.00 25.45 ? 105 ALA A CB  1 
ATOM   734  N  N   . ARG A 1 106 ? 16.967  -12.994 1.736   1.00 25.27 ? 106 ARG A N   1 
ATOM   735  C  CA  . ARG A 1 106 ? 16.773  -12.725 0.318   1.00 25.41 ? 106 ARG A CA  1 
ATOM   736  C  C   . ARG A 1 106 ? 16.552  -14.014 -0.454  1.00 25.29 ? 106 ARG A C   1 
ATOM   737  O  O   . ARG A 1 106 ? 15.720  -14.069 -1.362  1.00 24.83 ? 106 ARG A O   1 
ATOM   738  C  CB  . ARG A 1 106 ? 17.974  -11.980 -0.267  1.00 25.77 ? 106 ARG A CB  1 
ATOM   739  C  CG  . ARG A 1 106 ? 18.007  -10.513 0.097   1.00 27.01 ? 106 ARG A CG  1 
ATOM   740  C  CD  . ARG A 1 106 ? 19.008  -9.738  -0.753  1.00 27.41 ? 106 ARG A CD  1 
ATOM   741  N  NE  . ARG A 1 106 ? 18.873  -8.298  -0.547  1.00 28.13 ? 106 ARG A NE  1 
ATOM   742  C  CZ  . ARG A 1 106 ? 17.791  -7.593  -0.867  1.00 28.39 ? 106 ARG A CZ  1 
ATOM   743  N  NH1 . ARG A 1 106 ? 16.740  -8.190  -1.415  1.00 28.12 ? 106 ARG A NH1 1 
ATOM   744  N  NH2 . ARG A 1 106 ? 17.755  -6.289  -0.631  1.00 28.41 ? 106 ARG A NH2 1 
ATOM   745  N  N   . VAL A 1 107 ? 17.299  -15.050 -0.086  1.00 24.92 ? 107 VAL A N   1 
ATOM   746  C  CA  . VAL A 1 107 ? 17.179  -16.343 -0.747  1.00 24.55 ? 107 VAL A CA  1 
ATOM   747  C  C   . VAL A 1 107 ? 15.809  -16.946 -0.467  1.00 24.06 ? 107 VAL A C   1 
ATOM   748  O  O   . VAL A 1 107 ? 15.151  -17.455 -1.372  1.00 23.93 ? 107 VAL A O   1 
ATOM   749  C  CB  . VAL A 1 107 ? 18.260  -17.324 -0.258  1.00 24.83 ? 107 VAL A CB  1 
ATOM   750  C  CG1 . VAL A 1 107 ? 18.080  -18.676 -0.938  1.00 25.16 ? 107 VAL A CG1 1 
ATOM   751  C  CG2 . VAL A 1 107 ? 19.640  -16.759 -0.548  1.00 24.83 ? 107 VAL A CG2 1 
ATOM   752  N  N   . GLU A 1 108 ? 15.385  -16.889 0.790   1.00 23.94 ? 108 GLU A N   1 
ATOM   753  C  CA  . GLU A 1 108 ? 14.089  -17.423 1.177   1.00 23.60 ? 108 GLU A CA  1 
ATOM   754  C  C   . GLU A 1 108 ? 12.959  -16.702 0.456   1.00 23.28 ? 108 GLU A C   1 
ATOM   755  O  O   . GLU A 1 108 ? 12.017  -17.331 -0.022  1.00 22.93 ? 108 GLU A O   1 
ATOM   756  C  CB  . GLU A 1 108 ? 13.893  -17.305 2.691   1.00 24.16 ? 108 GLU A CB  1 
ATOM   757  C  CG  . GLU A 1 108 ? 14.721  -18.286 3.508   1.00 25.36 ? 108 GLU A CG  1 
ATOM   758  C  CD  . GLU A 1 108 ? 14.645  -19.703 2.966   1.00 25.93 ? 108 GLU A CD  1 
ATOM   759  O  OE1 . GLU A 1 108 ? 13.553  -20.123 2.533   1.00 26.61 ? 108 GLU A OE1 1 
ATOM   760  O  OE2 . GLU A 1 108 ? 15.679  -20.400 2.979   1.00 26.90 ? 108 GLU A OE2 1 
ATOM   761  N  N   . VAL A 1 109 ? 13.057  -15.379 0.381   1.00 22.62 ? 109 VAL A N   1 
ATOM   762  C  CA  . VAL A 1 109 ? 12.034  -14.585 -0.283  1.00 22.72 ? 109 VAL A CA  1 
ATOM   763  C  C   . VAL A 1 109 ? 11.915  -14.930 -1.766  1.00 23.58 ? 109 VAL A C   1 
ATOM   764  O  O   . VAL A 1 109 ? 10.806  -15.041 -2.293  1.00 23.16 ? 109 VAL A O   1 
ATOM   765  C  CB  . VAL A 1 109 ? 12.316  -13.069 -0.130  1.00 21.99 ? 109 VAL A CB  1 
ATOM   766  C  CG1 . VAL A 1 109 ? 11.422  -12.268 -1.061  1.00 21.61 ? 109 VAL A CG1 1 
ATOM   767  C  CG2 . VAL A 1 109 ? 12.073  -12.646 1.306   1.00 21.37 ? 109 VAL A CG2 1 
ATOM   768  N  N   . ASP A 1 110 ? 13.047  -15.103 -2.442  1.00 24.58 ? 110 ASP A N   1 
ATOM   769  C  CA  . ASP A 1 110 ? 13.008  -15.437 -3.859  1.00 26.03 ? 110 ASP A CA  1 
ATOM   770  C  C   . ASP A 1 110 ? 12.408  -16.823 -4.072  1.00 26.16 ? 110 ASP A C   1 
ATOM   771  O  O   . ASP A 1 110 ? 11.686  -17.051 -5.040  1.00 26.59 ? 110 ASP A O   1 
ATOM   772  C  CB  . ASP A 1 110 ? 14.410  -15.365 -4.469  1.00 27.46 ? 110 ASP A CB  1 
ATOM   773  C  CG  . ASP A 1 110 ? 14.418  -15.694 -5.958  1.00 29.45 ? 110 ASP A CG  1 
ATOM   774  O  OD1 . ASP A 1 110 ? 14.580  -16.883 -6.313  1.00 30.70 ? 110 ASP A OD1 1 
ATOM   775  O  OD2 . ASP A 1 110 ? 14.249  -14.763 -6.777  1.00 30.51 ? 110 ASP A OD2 1 
ATOM   776  N  N   . ARG A 1 111 ? 12.703  -17.746 -3.166  1.00 26.64 ? 111 ARG A N   1 
ATOM   777  C  CA  . ARG A 1 111 ? 12.164  -19.098 -3.269  1.00 27.31 ? 111 ARG A CA  1 
ATOM   778  C  C   . ARG A 1 111 ? 10.658  -19.019 -3.057  1.00 26.92 ? 111 ARG A C   1 
ATOM   779  O  O   . ARG A 1 111 ? 9.889   -19.759 -3.673  1.00 27.00 ? 111 ARG A O   1 
ATOM   780  C  CB  . ARG A 1 111 ? 12.772  -20.001 -2.196  1.00 28.64 ? 111 ARG A CB  1 
ATOM   781  C  CG  . ARG A 1 111 ? 14.283  -20.133 -2.238  1.00 31.05 ? 111 ARG A CG  1 
ATOM   782  C  CD  . ARG A 1 111 ? 14.748  -21.135 -3.281  1.00 32.93 ? 111 ARG A CD  1 
ATOM   783  N  NE  . ARG A 1 111 ? 16.130  -21.551 -3.046  1.00 34.44 ? 111 ARG A NE  1 
ATOM   784  C  CZ  . ARG A 1 111 ? 16.553  -22.146 -1.934  1.00 34.88 ? 111 ARG A CZ  1 
ATOM   785  N  NH1 . ARG A 1 111 ? 15.704  -22.398 -0.947  1.00 35.69 ? 111 ARG A NH1 1 
ATOM   786  N  NH2 . ARG A 1 111 ? 17.827  -22.495 -1.808  1.00 35.62 ? 111 ARG A NH2 1 
ATOM   787  N  N   . LEU A 1 112 ? 10.249  -18.120 -2.167  1.00 26.13 ? 112 LEU A N   1 
ATOM   788  C  CA  . LEU A 1 112 ? 8.839   -17.928 -1.859  1.00 25.53 ? 112 LEU A CA  1 
ATOM   789  C  C   . LEU A 1 112 ? 8.064   -17.446 -3.085  1.00 25.28 ? 112 LEU A C   1 
ATOM   790  O  O   . LEU A 1 112 ? 6.998   -17.978 -3.409  1.00 25.17 ? 112 LEU A O   1 
ATOM   791  C  CB  . LEU A 1 112 ? 8.688   -16.913 -0.724  1.00 24.64 ? 112 LEU A CB  1 
ATOM   792  C  CG  . LEU A 1 112 ? 7.264   -16.474 -0.369  1.00 24.88 ? 112 LEU A CG  1 
ATOM   793  C  CD1 . LEU A 1 112 ? 6.470   -17.653 0.193   1.00 23.56 ? 112 LEU A CD1 1 
ATOM   794  C  CD2 . LEU A 1 112 ? 7.336   -15.332 0.649   1.00 24.49 ? 112 LEU A CD2 1 
ATOM   795  N  N   . LEU A 1 113 ? 8.601   -16.433 -3.757  1.00 24.88 ? 113 LEU A N   1 
ATOM   796  C  CA  . LEU A 1 113 ? 7.952   -15.881 -4.942  1.00 25.37 ? 113 LEU A CA  1 
ATOM   797  C  C   . LEU A 1 113 ? 7.903   -16.932 -6.042  1.00 25.75 ? 113 LEU A C   1 
ATOM   798  O  O   . LEU A 1 113 ? 6.994   -16.943 -6.871  1.00 25.87 ? 113 LEU A O   1 
ATOM   799  C  CB  . LEU A 1 113 ? 8.706   -14.646 -5.438  1.00 24.22 ? 113 LEU A CB  1 
ATOM   800  C  CG  . LEU A 1 113 ? 8.817   -13.477 -4.457  1.00 24.90 ? 113 LEU A CG  1 
ATOM   801  C  CD1 . LEU A 1 113 ? 9.502   -12.295 -5.142  1.00 24.31 ? 113 LEU A CD1 1 
ATOM   802  C  CD2 . LEU A 1 113 ? 7.432   -13.078 -3.973  1.00 24.00 ? 113 LEU A CD2 1 
ATOM   803  N  N   . GLU A 1 114 ? 8.893   -17.816 -6.038  1.00 26.74 ? 114 GLU A N   1 
ATOM   804  C  CA  . GLU A 1 114 ? 8.975   -18.883 -7.026  1.00 27.34 ? 114 GLU A CA  1 
ATOM   805  C  C   . GLU A 1 114 ? 7.857   -19.880 -6.744  1.00 27.17 ? 114 GLU A C   1 
ATOM   806  O  O   . GLU A 1 114 ? 7.147   -20.306 -7.654  1.00 27.17 ? 114 GLU A O   1 
ATOM   807  C  CB  . GLU A 1 114 ? 10.335  -19.577 -6.926  1.00 28.36 ? 114 GLU A CB  1 
ATOM   808  C  CG  . GLU A 1 114 ? 10.755  -20.338 -8.171  1.00 30.07 ? 114 GLU A CG  1 
ATOM   809  C  CD  . GLU A 1 114 ? 12.149  -20.933 -8.050  1.00 31.03 ? 114 GLU A CD  1 
ATOM   810  O  OE1 . GLU A 1 114 ? 12.812  -21.107 -9.095  1.00 32.28 ? 114 GLU A OE1 1 
ATOM   811  O  OE2 . GLU A 1 114 ? 12.581  -21.235 -6.915  1.00 31.81 ? 114 GLU A OE2 1 
ATOM   812  N  N   . LEU A 1 115 ? 7.705   -20.237 -5.471  1.00 26.75 ? 115 LEU A N   1 
ATOM   813  C  CA  . LEU A 1 115 ? 6.677   -21.182 -5.044  1.00 26.65 ? 115 LEU A CA  1 
ATOM   814  C  C   . LEU A 1 115 ? 5.279   -20.632 -5.286  1.00 26.33 ? 115 LEU A C   1 
ATOM   815  O  O   . LEU A 1 115 ? 4.396   -21.353 -5.751  1.00 25.94 ? 115 LEU A O   1 
ATOM   816  C  CB  . LEU A 1 115 ? 6.823   -21.499 -3.551  1.00 27.16 ? 115 LEU A CB  1 
ATOM   817  C  CG  . LEU A 1 115 ? 8.071   -22.222 -3.041  1.00 27.73 ? 115 LEU A CG  1 
ATOM   818  C  CD1 . LEU A 1 115 ? 7.951   -22.405 -1.539  1.00 27.83 ? 115 LEU A CD1 1 
ATOM   819  C  CD2 . LEU A 1 115 ? 8.218   -23.574 -3.724  1.00 28.21 ? 115 LEU A CD2 1 
ATOM   820  N  N   . LEU A 1 116 ? 5.088   -19.355 -4.962  1.00 25.79 ? 116 LEU A N   1 
ATOM   821  C  CA  . LEU A 1 116 ? 3.795   -18.695 -5.123  1.00 25.16 ? 116 LEU A CA  1 
ATOM   822  C  C   . LEU A 1 116 ? 3.475   -18.340 -6.568  1.00 25.03 ? 116 LEU A C   1 
ATOM   823  O  O   . LEU A 1 116 ? 2.319   -18.073 -6.901  1.00 24.96 ? 116 LEU A O   1 
ATOM   824  C  CB  . LEU A 1 116 ? 3.741   -17.425 -4.272  1.00 24.98 ? 116 LEU A CB  1 
ATOM   825  C  CG  . LEU A 1 116 ? 3.735   -17.611 -2.755  1.00 25.39 ? 116 LEU A CG  1 
ATOM   826  C  CD1 . LEU A 1 116 ? 3.895   -16.259 -2.078  1.00 25.33 ? 116 LEU A CD1 1 
ATOM   827  C  CD2 . LEU A 1 116 ? 2.443   -18.279 -2.324  1.00 25.64 ? 116 LEU A CD2 1 
ATOM   828  N  N   . GLY A 1 117 ? 4.496   -18.324 -7.419  1.00 24.59 ? 117 GLY A N   1 
ATOM   829  C  CA  . GLY A 1 117 ? 4.274   -17.999 -8.817  1.00 24.21 ? 117 GLY A CA  1 
ATOM   830  C  C   . GLY A 1 117 ? 4.159   -16.509 -9.077  1.00 24.25 ? 117 GLY A C   1 
ATOM   831  O  O   . GLY A 1 117 ? 3.618   -16.094 -10.099 1.00 24.28 ? 117 GLY A O   1 
ATOM   832  N  N   . TRP A 1 118 ? 4.664   -15.699 -8.150  1.00 24.19 ? 118 TRP A N   1 
ATOM   833  C  CA  . TRP A 1 118 ? 4.618   -14.251 -8.304  1.00 24.22 ? 118 TRP A CA  1 
ATOM   834  C  C   . TRP A 1 118 ? 5.823   -13.839 -9.140  1.00 24.59 ? 118 TRP A C   1 
ATOM   835  O  O   . TRP A 1 118 ? 6.753   -13.196 -8.651  1.00 24.76 ? 118 TRP A O   1 
ATOM   836  C  CB  . TRP A 1 118 ? 4.659   -13.568 -6.933  1.00 23.48 ? 118 TRP A CB  1 
ATOM   837  C  CG  . TRP A 1 118 ? 3.485   -13.905 -6.045  1.00 23.39 ? 118 TRP A CG  1 
ATOM   838  C  CD1 . TRP A 1 118 ? 2.512   -14.836 -6.283  1.00 22.92 ? 118 TRP A CD1 1 
ATOM   839  C  CD2 . TRP A 1 118 ? 3.182   -13.328 -4.766  1.00 22.76 ? 118 TRP A CD2 1 
ATOM   840  N  NE1 . TRP A 1 118 ? 1.625   -14.875 -5.231  1.00 22.73 ? 118 TRP A NE1 1 
ATOM   841  C  CE2 . TRP A 1 118 ? 2.012   -13.959 -4.288  1.00 22.83 ? 118 TRP A CE2 1 
ATOM   842  C  CE3 . TRP A 1 118 ? 3.787   -12.337 -3.978  1.00 22.62 ? 118 TRP A CE3 1 
ATOM   843  C  CZ2 . TRP A 1 118 ? 1.434   -13.634 -3.053  1.00 22.70 ? 118 TRP A CZ2 1 
ATOM   844  C  CZ3 . TRP A 1 118 ? 3.211   -12.014 -2.749  1.00 22.83 ? 118 TRP A CZ3 1 
ATOM   845  C  CH2 . TRP A 1 118 ? 2.046   -12.663 -2.302  1.00 22.81 ? 118 TRP A CH2 1 
ATOM   846  N  N   . GLU A 1 119 ? 5.792   -14.225 -10.409 1.00 24.81 ? 119 GLU A N   1 
ATOM   847  C  CA  . GLU A 1 119 ? 6.872   -13.938 -11.341 1.00 25.31 ? 119 GLU A CA  1 
ATOM   848  C  C   . GLU A 1 119 ? 7.136   -12.461 -11.596 1.00 24.51 ? 119 GLU A C   1 
ATOM   849  O  O   . GLU A 1 119 ? 8.284   -12.055 -11.756 1.00 24.37 ? 119 GLU A O   1 
ATOM   850  C  CB  . GLU A 1 119 ? 6.608   -14.650 -12.669 1.00 26.68 ? 119 GLU A CB  1 
ATOM   851  C  CG  . GLU A 1 119 ? 6.777   -16.155 -12.576 1.00 29.32 ? 119 GLU A CG  1 
ATOM   852  C  CD  . GLU A 1 119 ? 8.123   -16.532 -11.987 1.00 30.39 ? 119 GLU A CD  1 
ATOM   853  O  OE1 . GLU A 1 119 ? 9.152   -16.140 -12.570 1.00 31.64 ? 119 GLU A OE1 1 
ATOM   854  O  OE2 . GLU A 1 119 ? 8.153   -17.211 -10.938 1.00 32.10 ? 119 GLU A OE2 1 
ATOM   855  N  N   . THR A 1 120 ? 6.077   -11.661 -11.639 1.00 23.67 ? 120 THR A N   1 
ATOM   856  C  CA  . THR A 1 120 ? 6.239   -10.236 -11.882 1.00 22.93 ? 120 THR A CA  1 
ATOM   857  C  C   . THR A 1 120 ? 7.065   -9.617  -10.761 1.00 22.60 ? 120 THR A C   1 
ATOM   858  O  O   . THR A 1 120 ? 7.946   -8.796  -11.013 1.00 22.06 ? 120 THR A O   1 
ATOM   859  C  CB  . THR A 1 120 ? 4.878   -9.520  -11.960 1.00 23.48 ? 120 THR A CB  1 
ATOM   860  O  OG1 . THR A 1 120 ? 4.017   -10.231 -12.858 1.00 23.95 ? 120 THR A OG1 1 
ATOM   861  C  CG2 . THR A 1 120 ? 5.058   -8.095  -12.475 1.00 22.48 ? 120 THR A CG2 1 
ATOM   862  N  N   . SER A 1 121 ? 6.780   -10.025 -9.526  1.00 21.85 ? 121 SER A N   1 
ATOM   863  C  CA  . SER A 1 121 ? 7.495   -9.514  -8.363  1.00 21.64 ? 121 SER A CA  1 
ATOM   864  C  C   . SER A 1 121 ? 8.969   -9.891  -8.426  1.00 21.97 ? 121 SER A C   1 
ATOM   865  O  O   . SER A 1 121 ? 9.822   -9.158  -7.936  1.00 20.99 ? 121 SER A O   1 
ATOM   866  C  CB  . SER A 1 121 ? 6.880   -10.062 -7.068  1.00 21.34 ? 121 SER A CB  1 
ATOM   867  O  OG  . SER A 1 121 ? 5.572   -9.553  -6.869  1.00 20.67 ? 121 SER A OG  1 
ATOM   868  N  N   . ARG A 1 122 ? 9.268   -11.036 -9.030  1.00 22.57 ? 122 ARG A N   1 
ATOM   869  C  CA  . ARG A 1 122 ? 10.650  -11.481 -9.151  1.00 23.68 ? 122 ARG A CA  1 
ATOM   870  C  C   . ARG A 1 122 ? 11.409  -10.550 -10.093 1.00 23.92 ? 122 ARG A C   1 
ATOM   871  O  O   . ARG A 1 122 ? 12.621  -10.383 -9.974  1.00 24.30 ? 122 ARG A O   1 
ATOM   872  C  CB  . ARG A 1 122 ? 10.709  -12.913 -9.695  1.00 24.64 ? 122 ARG A CB  1 
ATOM   873  C  CG  . ARG A 1 122 ? 9.980   -13.948 -8.860  1.00 25.80 ? 122 ARG A CG  1 
ATOM   874  C  CD  . ARG A 1 122 ? 10.179  -15.341 -9.441  1.00 27.60 ? 122 ARG A CD  1 
ATOM   875  N  NE  . ARG A 1 122 ? 11.539  -15.837 -9.233  1.00 28.78 ? 122 ARG A NE  1 
ATOM   876  C  CZ  . ARG A 1 122 ? 12.042  -16.919 -9.820  1.00 29.96 ? 122 ARG A CZ  1 
ATOM   877  N  NH1 . ARG A 1 122 ? 11.303  -17.628 -10.660 1.00 30.29 ? 122 ARG A NH1 1 
ATOM   878  N  NH2 . ARG A 1 122 ? 13.287  -17.299 -9.558  1.00 31.05 ? 122 ARG A NH2 1 
ATOM   879  N  N   . GLU A 1 123 ? 10.685  -9.941  -11.026 1.00 24.10 ? 123 GLU A N   1 
ATOM   880  C  CA  . GLU A 1 123 ? 11.292  -9.038  -11.994 1.00 24.26 ? 123 GLU A CA  1 
ATOM   881  C  C   . GLU A 1 123 ? 11.439  -7.614  -11.473 1.00 23.44 ? 123 GLU A C   1 
ATOM   882  O  O   . GLU A 1 123 ? 12.341  -6.885  -11.884 1.00 22.90 ? 123 GLU A O   1 
ATOM   883  C  CB  . GLU A 1 123 ? 10.466  -9.020  -13.280 1.00 25.97 ? 123 GLU A CB  1 
ATOM   884  C  CG  . GLU A 1 123 ? 10.256  -10.390 -13.901 1.00 28.33 ? 123 GLU A CG  1 
ATOM   885  C  CD  . GLU A 1 123 ? 9.645   -10.301 -15.283 1.00 29.76 ? 123 GLU A CD  1 
ATOM   886  O  OE1 . GLU A 1 123 ? 10.283  -9.688  -16.168 1.00 30.54 ? 123 GLU A OE1 1 
ATOM   887  O  OE2 . GLU A 1 123 ? 8.534   -10.839 -15.481 1.00 30.73 ? 123 GLU A OE2 1 
ATOM   888  N  N   . LEU A 1 124 ? 10.544  -7.219  -10.574 1.00 22.59 ? 124 LEU A N   1 
ATOM   889  C  CA  . LEU A 1 124 ? 10.577  -5.879  -10.003 1.00 21.80 ? 124 LEU A CA  1 
ATOM   890  C  C   . LEU A 1 124 ? 11.461  -5.875  -8.767  1.00 21.77 ? 124 LEU A C   1 
ATOM   891  O  O   . LEU A 1 124 ? 11.872  -4.818  -8.279  1.00 21.65 ? 124 LEU A O   1 
ATOM   892  C  CB  . LEU A 1 124 ? 9.159   -5.436  -9.622  1.00 21.18 ? 124 LEU A CB  1 
ATOM   893  C  CG  . LEU A 1 124 ? 8.123   -5.385  -10.750 1.00 20.38 ? 124 LEU A CG  1 
ATOM   894  C  CD1 . LEU A 1 124 ? 6.757   -4.998  -10.180 1.00 20.17 ? 124 LEU A CD1 1 
ATOM   895  C  CD2 . LEU A 1 124 ? 8.567   -4.387  -11.812 1.00 20.28 ? 124 LEU A CD2 1 
ATOM   896  N  N   . ALA A 1 125 ? 11.756  -7.078  -8.280  1.00 21.55 ? 125 ALA A N   1 
ATOM   897  C  CA  . ALA A 1 125 ? 12.564  -7.279  -7.081  1.00 21.86 ? 125 ALA A CA  1 
ATOM   898  C  C   . ALA A 1 125 ? 13.798  -6.395  -6.917  1.00 21.99 ? 125 ALA A C   1 
ATOM   899  O  O   . ALA A 1 125 ? 14.064  -5.895  -5.822  1.00 21.72 ? 125 ALA A O   1 
ATOM   900  C  CB  . ALA A 1 125 ? 12.966  -8.745  -6.972  1.00 20.92 ? 125 ALA A CB  1 
ATOM   901  N  N   . PRO A 1 126 ? 14.570  -6.189  -7.993  1.00 22.06 ? 126 PRO A N   1 
ATOM   902  C  CA  . PRO A 1 126 ? 15.763  -5.348  -7.852  1.00 22.30 ? 126 PRO A CA  1 
ATOM   903  C  C   . PRO A 1 126 ? 15.518  -3.932  -7.337  1.00 22.29 ? 126 PRO A C   1 
ATOM   904  O  O   . PRO A 1 126 ? 16.376  -3.360  -6.668  1.00 22.78 ? 126 PRO A O   1 
ATOM   905  C  CB  . PRO A 1 126 ? 16.360  -5.358  -9.259  1.00 22.41 ? 126 PRO A CB  1 
ATOM   906  C  CG  . PRO A 1 126 ? 15.982  -6.727  -9.764  1.00 22.65 ? 126 PRO A CG  1 
ATOM   907  C  CD  . PRO A 1 126 ? 14.535  -6.829  -9.321  1.00 22.13 ? 126 PRO A CD  1 
ATOM   908  N  N   . LEU A 1 127 ? 14.348  -3.372  -7.630  1.00 21.88 ? 127 LEU A N   1 
ATOM   909  C  CA  . LEU A 1 127 ? 14.042  -2.009  -7.202  1.00 21.56 ? 127 LEU A CA  1 
ATOM   910  C  C   . LEU A 1 127 ? 12.849  -1.847  -6.265  1.00 21.20 ? 127 LEU A C   1 
ATOM   911  O  O   . LEU A 1 127 ? 12.710  -0.807  -5.622  1.00 21.40 ? 127 LEU A O   1 
ATOM   912  C  CB  . LEU A 1 127 ? 13.827  -1.120  -8.429  1.00 21.53 ? 127 LEU A CB  1 
ATOM   913  C  CG  . LEU A 1 127 ? 14.997  -0.978  -9.404  1.00 21.57 ? 127 LEU A CG  1 
ATOM   914  C  CD1 . LEU A 1 127 ? 14.577  -0.097  -10.570 1.00 21.77 ? 127 LEU A CD1 1 
ATOM   915  C  CD2 . LEU A 1 127 ? 16.192  -0.371  -8.687  1.00 22.32 ? 127 LEU A CD2 1 
ATOM   916  N  N   . SER A 1 128 ? 11.986  -2.857  -6.186  1.00 20.21 ? 128 SER A N   1 
ATOM   917  C  CA  . SER A 1 128 ? 10.811  -2.773  -5.321  1.00 19.46 ? 128 SER A CA  1 
ATOM   918  C  C   . SER A 1 128 ? 11.127  -2.584  -3.839  1.00 19.19 ? 128 SER A C   1 
ATOM   919  O  O   . SER A 1 128 ? 11.760  -3.435  -3.215  1.00 18.68 ? 128 SER A O   1 
ATOM   920  C  CB  . SER A 1 128 ? 9.940   -4.023  -5.474  1.00 19.52 ? 128 SER A CB  1 
ATOM   921  O  OG  . SER A 1 128 ? 8.889   -4.009  -4.524  1.00 19.14 ? 128 SER A OG  1 
ATOM   922  N  N   . PRO A 1 129 ? 10.699  -1.454  -3.257  1.00 19.14 ? 129 PRO A N   1 
ATOM   923  C  CA  . PRO A 1 129 ? 10.955  -1.207  -1.836  1.00 18.89 ? 129 PRO A CA  1 
ATOM   924  C  C   . PRO A 1 129 ? 10.051  -2.108  -0.994  1.00 18.23 ? 129 PRO A C   1 
ATOM   925  O  O   . PRO A 1 129 ? 10.338  -2.385  0.172   1.00 18.33 ? 129 PRO A O   1 
ATOM   926  C  CB  . PRO A 1 129 ? 10.626  0.273   -1.678  1.00 18.74 ? 129 PRO A CB  1 
ATOM   927  C  CG  . PRO A 1 129 ? 9.552   0.481   -2.696  1.00 18.89 ? 129 PRO A CG  1 
ATOM   928  C  CD  . PRO A 1 129 ? 10.071  -0.280  -3.888  1.00 19.22 ? 129 PRO A CD  1 
ATOM   929  N  N   . VAL A 1 130 ? 8.953   -2.559  -1.596  1.00 17.59 ? 130 VAL A N   1 
ATOM   930  C  CA  . VAL A 1 130 ? 8.027   -3.452  -0.907  1.00 17.04 ? 130 VAL A CA  1 
ATOM   931  C  C   . VAL A 1 130 ? 8.708   -4.811  -0.782  1.00 17.21 ? 130 VAL A C   1 
ATOM   932  O  O   . VAL A 1 130 ? 8.637   -5.455  0.263   1.00 17.18 ? 130 VAL A O   1 
ATOM   933  C  CB  . VAL A 1 130 ? 6.703   -3.617  -1.680  1.00 16.35 ? 130 VAL A CB  1 
ATOM   934  C  CG1 . VAL A 1 130 ? 5.775   -4.556  -0.929  1.00 15.87 ? 130 VAL A CG1 1 
ATOM   935  C  CG2 . VAL A 1 130 ? 6.033   -2.268  -1.857  1.00 16.82 ? 130 VAL A CG2 1 
ATOM   936  N  N   . HIS A 1 131 ? 9.367   -5.247  -1.852  1.00 17.77 ? 131 HIS A N   1 
ATOM   937  C  CA  . HIS A 1 131 ? 10.085  -6.520  -1.830  1.00 18.56 ? 131 HIS A CA  1 
ATOM   938  C  C   . HIS A 1 131 ? 11.112  -6.432  -0.707  1.00 18.92 ? 131 HIS A C   1 
ATOM   939  O  O   . HIS A 1 131 ? 11.243  -7.340  0.110   1.00 18.49 ? 131 HIS A O   1 
ATOM   940  C  CB  . HIS A 1 131 ? 10.814  -6.756  -3.157  1.00 18.60 ? 131 HIS A CB  1 
ATOM   941  C  CG  . HIS A 1 131 ? 11.658  -7.996  -3.171  1.00 18.86 ? 131 HIS A CG  1 
ATOM   942  N  ND1 . HIS A 1 131 ? 11.246  -9.172  -3.761  1.00 19.27 ? 131 HIS A ND1 1 
ATOM   943  C  CD2 . HIS A 1 131 ? 12.880  -8.247  -2.646  1.00 18.44 ? 131 HIS A CD2 1 
ATOM   944  C  CE1 . HIS A 1 131 ? 12.179  -10.094 -3.598  1.00 19.03 ? 131 HIS A CE1 1 
ATOM   945  N  NE2 . HIS A 1 131 ? 13.181  -9.558  -2.925  1.00 19.05 ? 131 HIS A NE2 1 
ATOM   946  N  N   . ARG A 1 132 ? 11.836  -5.316  -0.684  1.00 19.39 ? 132 ARG A N   1 
ATOM   947  C  CA  . ARG A 1 132 ? 12.861  -5.065  0.318   1.00 20.55 ? 132 ARG A CA  1 
ATOM   948  C  C   . ARG A 1 132 ? 12.337  -5.143  1.751   1.00 20.24 ? 132 ARG A C   1 
ATOM   949  O  O   . ARG A 1 132 ? 13.012  -5.669  2.635   1.00 20.33 ? 132 ARG A O   1 
ATOM   950  C  CB  . ARG A 1 132 ? 13.483  -3.690  0.091   1.00 21.85 ? 132 ARG A CB  1 
ATOM   951  C  CG  . ARG A 1 132 ? 14.537  -3.327  1.117   1.00 24.42 ? 132 ARG A CG  1 
ATOM   952  C  CD  . ARG A 1 132 ? 14.514  -1.836  1.392   1.00 26.76 ? 132 ARG A CD  1 
ATOM   953  N  NE  . ARG A 1 132 ? 14.732  -1.053  0.181   1.00 28.29 ? 132 ARG A NE  1 
ATOM   954  C  CZ  . ARG A 1 132 ? 14.320  0.198   0.017   1.00 28.84 ? 132 ARG A CZ  1 
ATOM   955  N  NH1 . ARG A 1 132 ? 13.660  0.813   0.990   1.00 29.34 ? 132 ARG A NH1 1 
ATOM   956  N  NH2 . ARG A 1 132 ? 14.569  0.836   -1.119  1.00 29.18 ? 132 ARG A NH2 1 
ATOM   957  N  N   . SER A 1 133 ? 11.140  -4.612  1.981   1.00 20.48 ? 133 SER A N   1 
ATOM   958  C  CA  . SER A 1 133 ? 10.548  -4.635  3.314   1.00 20.69 ? 133 SER A CA  1 
ATOM   959  C  C   . SER A 1 133 ? 10.250  -6.058  3.775   1.00 20.27 ? 133 SER A C   1 
ATOM   960  O  O   . SER A 1 133 ? 10.296  -6.351  4.967   1.00 20.22 ? 133 SER A O   1 
ATOM   961  C  CB  . SER A 1 133 ? 9.268   -3.801  3.340   1.00 21.07 ? 133 SER A CB  1 
ATOM   962  O  OG  . SER A 1 133 ? 9.558   -2.450  3.027   1.00 23.50 ? 133 SER A OG  1 
ATOM   963  N  N   . LEU A 1 134 ? 9.933   -6.944  2.835   1.00 19.74 ? 134 LEU A N   1 
ATOM   964  C  CA  . LEU A 1 134 ? 9.663   -8.334  3.185   1.00 19.13 ? 134 LEU A CA  1 
ATOM   965  C  C   . LEU A 1 134 ? 10.991  -8.957  3.595   1.00 19.16 ? 134 LEU A C   1 
ATOM   966  O  O   . LEU A 1 134 ? 11.084  -9.663  4.602   1.00 19.19 ? 134 LEU A O   1 
ATOM   967  C  CB  . LEU A 1 134 ? 9.084   -9.087  1.985   1.00 18.61 ? 134 LEU A CB  1 
ATOM   968  C  CG  . LEU A 1 134 ? 8.787   -10.567 2.220   1.00 18.31 ? 134 LEU A CG  1 
ATOM   969  C  CD1 . LEU A 1 134 ? 7.856   -10.720 3.426   1.00 17.96 ? 134 LEU A CD1 1 
ATOM   970  C  CD2 . LEU A 1 134 ? 8.154   -11.161 0.972   1.00 18.19 ? 134 LEU A CD2 1 
ATOM   971  N  N   . VAL A 1 135 ? 12.020  -8.679  2.802   1.00 19.65 ? 135 VAL A N   1 
ATOM   972  C  CA  . VAL A 1 135 ? 13.356  -9.187  3.070   1.00 19.83 ? 135 VAL A CA  1 
ATOM   973  C  C   . VAL A 1 135 ? 13.778  -8.744  4.467   1.00 20.39 ? 135 VAL A C   1 
ATOM   974  O  O   . VAL A 1 135 ? 14.257  -9.550  5.264   1.00 19.98 ? 135 VAL A O   1 
ATOM   975  C  CB  . VAL A 1 135 ? 14.367  -8.650  2.028   1.00 20.39 ? 135 VAL A CB  1 
ATOM   976  C  CG1 . VAL A 1 135 ? 15.796  -8.946  2.471   1.00 20.14 ? 135 VAL A CG1 1 
ATOM   977  C  CG2 . VAL A 1 135 ? 14.097  -9.291  0.672   1.00 20.01 ? 135 VAL A CG2 1 
ATOM   978  N  N   . VAL A 1 136 ? 13.580  -7.462  4.759   1.00 20.89 ? 136 VAL A N   1 
ATOM   979  C  CA  . VAL A 1 136 ? 13.936  -6.900  6.059   1.00 21.37 ? 136 VAL A CA  1 
ATOM   980  C  C   . VAL A 1 136 ? 13.159  -7.551  7.203   1.00 21.45 ? 136 VAL A C   1 
ATOM   981  O  O   . VAL A 1 136 ? 13.726  -7.852  8.251   1.00 21.04 ? 136 VAL A O   1 
ATOM   982  C  CB  . VAL A 1 136 ? 13.683  -5.364  6.086   1.00 21.75 ? 136 VAL A CB  1 
ATOM   983  C  CG1 . VAL A 1 136 ? 13.781  -4.832  7.512   1.00 21.50 ? 136 VAL A CG1 1 
ATOM   984  C  CG2 . VAL A 1 136 ? 14.697  -4.661  5.193   1.00 21.73 ? 136 VAL A CG2 1 
ATOM   985  N  N   . ALA A 1 137 ? 11.863  -7.765  7.002   1.00 21.45 ? 137 ALA A N   1 
ATOM   986  C  CA  . ALA A 1 137 ? 11.026  -8.376  8.032   1.00 21.52 ? 137 ALA A CA  1 
ATOM   987  C  C   . ALA A 1 137 ? 11.431  -9.819  8.319   1.00 21.54 ? 137 ALA A C   1 
ATOM   988  O  O   . ALA A 1 137 ? 11.466  -10.244 9.477   1.00 21.63 ? 137 ALA A O   1 
ATOM   989  C  CB  . ALA A 1 137 ? 9.558   -8.321  7.615   1.00 21.48 ? 137 ALA A CB  1 
ATOM   990  N  N   . VAL A 1 138 ? 11.722  -10.574 7.264   1.00 21.87 ? 138 VAL A N   1 
ATOM   991  C  CA  . VAL A 1 138 ? 12.115  -11.970 7.409   1.00 21.91 ? 138 VAL A CA  1 
ATOM   992  C  C   . VAL A 1 138 ? 13.467  -12.101 8.105   1.00 22.73 ? 138 VAL A C   1 
ATOM   993  O  O   . VAL A 1 138 ? 13.677  -13.016 8.901   1.00 22.72 ? 138 VAL A O   1 
ATOM   994  C  CB  . VAL A 1 138 ? 12.187  -12.680 6.036   1.00 21.62 ? 138 VAL A CB  1 
ATOM   995  C  CG1 . VAL A 1 138 ? 12.821  -14.059 6.191   1.00 20.85 ? 138 VAL A CG1 1 
ATOM   996  C  CG2 . VAL A 1 138 ? 10.791  -12.809 5.441   1.00 20.31 ? 138 VAL A CG2 1 
ATOM   997  N  N   . ALA A 1 139 ? 14.378  -11.182 7.802   1.00 23.24 ? 139 ALA A N   1 
ATOM   998  C  CA  . ALA A 1 139 ? 15.708  -11.199 8.402   1.00 23.38 ? 139 ALA A CA  1 
ATOM   999  C  C   . ALA A 1 139 ? 15.636  -10.964 9.910   1.00 23.44 ? 139 ALA A C   1 
ATOM   1000 O  O   . ALA A 1 139 ? 16.451  -11.489 10.669  1.00 23.66 ? 139 ALA A O   1 
ATOM   1001 C  CB  . ALA A 1 139 ? 16.589  -10.137 7.750   1.00 23.58 ? 139 ALA A CB  1 
ATOM   1002 N  N   . ALA A 1 140 ? 14.656  -10.171 10.337  1.00 23.49 ? 140 ALA A N   1 
ATOM   1003 C  CA  . ALA A 1 140 ? 14.478  -9.861  11.751  1.00 23.16 ? 140 ALA A CA  1 
ATOM   1004 C  C   . ALA A 1 140 ? 14.013  -11.089 12.526  1.00 23.38 ? 140 ALA A C   1 
ATOM   1005 O  O   . ALA A 1 140 ? 14.447  -11.324 13.658  1.00 22.79 ? 140 ALA A O   1 
ATOM   1006 C  CB  . ALA A 1 140 ? 13.474  -8.735  11.910  1.00 23.22 ? 140 ALA A CB  1 
ATOM   1007 N  N   . LEU A 1 141 ? 13.129  -11.871 11.911  1.00 23.55 ? 141 LEU A N   1 
ATOM   1008 C  CA  . LEU A 1 141 ? 12.615  -13.078 12.540  1.00 24.02 ? 141 LEU A CA  1 
ATOM   1009 C  C   . LEU A 1 141 ? 13.697  -14.143 12.630  1.00 24.46 ? 141 LEU A C   1 
ATOM   1010 O  O   . LEU A 1 141 ? 13.844  -14.808 13.656  1.00 24.56 ? 141 LEU A O   1 
ATOM   1011 C  CB  . LEU A 1 141 ? 11.419  -13.627 11.754  1.00 23.89 ? 141 LEU A CB  1 
ATOM   1012 C  CG  . LEU A 1 141 ? 10.121  -12.821 11.844  1.00 23.62 ? 141 LEU A CG  1 
ATOM   1013 C  CD1 . LEU A 1 141 ? 9.022   -13.514 11.046  1.00 23.17 ? 141 LEU A CD1 1 
ATOM   1014 C  CD2 . LEU A 1 141 ? 9.714   -12.689 13.301  1.00 24.04 ? 141 LEU A CD2 1 
ATOM   1015 N  N   . ARG A 1 142 ? 14.454  -14.309 11.551  1.00 25.31 ? 142 ARG A N   1 
ATOM   1016 C  CA  . ARG A 1 142 ? 15.521  -15.296 11.525  1.00 25.98 ? 142 ARG A CA  1 
ATOM   1017 C  C   . ARG A 1 142 ? 16.615  -14.906 12.510  1.00 26.39 ? 142 ARG A C   1 
ATOM   1018 O  O   . ARG A 1 142 ? 17.255  -15.767 13.112  1.00 26.08 ? 142 ARG A O   1 
ATOM   1019 C  CB  . ARG A 1 142 ? 16.097  -15.419 10.112  1.00 26.47 ? 142 ARG A CB  1 
ATOM   1020 C  CG  . ARG A 1 142 ? 15.087  -15.879 9.071   1.00 27.28 ? 142 ARG A CG  1 
ATOM   1021 C  CD  . ARG A 1 142 ? 15.741  -16.048 7.707   1.00 28.24 ? 142 ARG A CD  1 
ATOM   1022 N  NE  . ARG A 1 142 ? 16.690  -17.158 7.680   1.00 29.58 ? 142 ARG A NE  1 
ATOM   1023 C  CZ  . ARG A 1 142 ? 16.345  -18.441 7.758   1.00 29.55 ? 142 ARG A CZ  1 
ATOM   1024 N  NH1 . ARG A 1 142 ? 15.069  -18.783 7.866   1.00 29.90 ? 142 ARG A NH1 1 
ATOM   1025 N  NH2 . ARG A 1 142 ? 17.277  -19.384 7.734   1.00 29.94 ? 142 ARG A NH2 1 
ATOM   1026 N  N   . ARG A 1 143 ? 16.821  -13.603 12.675  1.00 26.75 ? 143 ARG A N   1 
ATOM   1027 C  CA  . ARG A 1 143 ? 17.836  -13.112 13.602  1.00 27.64 ? 143 ARG A CA  1 
ATOM   1028 C  C   . ARG A 1 143 ? 17.452  -13.537 15.017  1.00 27.50 ? 143 ARG A C   1 
ATOM   1029 O  O   . ARG A 1 143 ? 18.309  -13.739 15.873  1.00 27.54 ? 143 ARG A O   1 
ATOM   1030 C  CB  . ARG A 1 143 ? 17.928  -11.588 13.539  1.00 28.71 ? 143 ARG A CB  1 
ATOM   1031 C  CG  . ARG A 1 143 ? 19.218  -11.021 14.110  1.00 30.17 ? 143 ARG A CG  1 
ATOM   1032 C  CD  . ARG A 1 143 ? 19.054  -9.559  14.498  1.00 31.76 ? 143 ARG A CD  1 
ATOM   1033 N  NE  . ARG A 1 143 ? 18.245  -8.821  13.532  1.00 32.76 ? 143 ARG A NE  1 
ATOM   1034 C  CZ  . ARG A 1 143 ? 18.578  -8.636  12.259  1.00 33.12 ? 143 ARG A CZ  1 
ATOM   1035 N  NH1 . ARG A 1 143 ? 19.714  -9.136  11.790  1.00 33.35 ? 143 ARG A NH1 1 
ATOM   1036 N  NH2 . ARG A 1 143 ? 17.770  -7.956  11.456  1.00 32.61 ? 143 ARG A NH2 1 
ATOM   1037 N  N   . LEU A 1 144 ? 16.152  -13.664 15.256  1.00 27.67 ? 144 LEU A N   1 
ATOM   1038 C  CA  . LEU A 1 144 ? 15.648  -14.078 16.559  1.00 27.93 ? 144 LEU A CA  1 
ATOM   1039 C  C   . LEU A 1 144 ? 15.476  -15.591 16.565  1.00 27.88 ? 144 LEU A C   1 
ATOM   1040 O  O   . LEU A 1 144 ? 14.819  -16.164 17.432  1.00 27.70 ? 144 LEU A O   1 
ATOM   1041 C  CB  . LEU A 1 144 ? 14.322  -13.375 16.855  1.00 27.95 ? 144 LEU A CB  1 
ATOM   1042 C  CG  . LEU A 1 144 ? 14.433  -12.070 17.653  1.00 28.41 ? 144 LEU A CG  1 
ATOM   1043 C  CD1 . LEU A 1 144 ? 15.644  -11.266 17.211  1.00 28.48 ? 144 LEU A CD1 1 
ATOM   1044 C  CD2 . LEU A 1 144 ? 13.155  -11.270 17.482  1.00 28.63 ? 144 LEU A CD2 1 
ATOM   1045 N  N   . ASP A 1 145 ? 16.082  -16.221 15.566  1.00 28.08 ? 145 ASP A N   1 
ATOM   1046 C  CA  . ASP A 1 145 ? 16.067  -17.667 15.400  1.00 28.60 ? 145 ASP A CA  1 
ATOM   1047 C  C   . ASP A 1 145 ? 14.720  -18.340 15.160  1.00 28.28 ? 145 ASP A C   1 
ATOM   1048 O  O   . ASP A 1 145 ? 14.491  -19.463 15.607  1.00 28.26 ? 145 ASP A O   1 
ATOM   1049 C  CB  . ASP A 1 145 ? 16.778  -18.324 16.584  1.00 29.31 ? 145 ASP A CB  1 
ATOM   1050 C  CG  . ASP A 1 145 ? 18.185  -17.788 16.776  1.00 30.48 ? 145 ASP A CG  1 
ATOM   1051 O  OD1 . ASP A 1 145 ? 18.355  -16.822 17.551  1.00 31.21 ? 145 ASP A OD1 1 
ATOM   1052 O  OD2 . ASP A 1 145 ? 19.116  -18.317 16.133  1.00 30.25 ? 145 ASP A OD2 1 
ATOM   1053 N  N   . TYR A 1 146 ? 13.824  -17.655 14.462  1.00 28.03 ? 146 TYR A N   1 
ATOM   1054 C  CA  . TYR A 1 146 ? 12.537  -18.245 14.124  1.00 27.59 ? 146 TYR A CA  1 
ATOM   1055 C  C   . TYR A 1 146 ? 12.724  -18.709 12.681  1.00 27.45 ? 146 TYR A C   1 
ATOM   1056 O  O   . TYR A 1 146 ? 13.004  -17.900 11.799  1.00 27.62 ? 146 TYR A O   1 
ATOM   1057 C  CB  . TYR A 1 146 ? 11.409  -17.216 14.219  1.00 26.90 ? 146 TYR A CB  1 
ATOM   1058 C  CG  . TYR A 1 146 ? 11.080  -16.788 15.633  1.00 26.78 ? 146 TYR A CG  1 
ATOM   1059 C  CD1 . TYR A 1 146 ? 11.686  -15.668 16.204  1.00 26.71 ? 146 TYR A CD1 1 
ATOM   1060 C  CD2 . TYR A 1 146 ? 10.168  -17.507 16.405  1.00 26.23 ? 146 TYR A CD2 1 
ATOM   1061 C  CE1 . TYR A 1 146 ? 11.390  -15.274 17.508  1.00 26.58 ? 146 TYR A CE1 1 
ATOM   1062 C  CE2 . TYR A 1 146 ? 9.865   -17.124 17.709  1.00 26.64 ? 146 TYR A CE2 1 
ATOM   1063 C  CZ  . TYR A 1 146 ? 10.481  -16.007 18.256  1.00 26.85 ? 146 TYR A CZ  1 
ATOM   1064 O  OH  . TYR A 1 146 ? 10.197  -15.628 19.550  1.00 27.01 ? 146 TYR A OH  1 
ATOM   1065 N  N   . PRO A 1 147 ? 12.581  -20.019 12.427  1.00 27.57 ? 147 PRO A N   1 
ATOM   1066 C  CA  . PRO A 1 147 ? 12.747  -20.611 11.094  1.00 27.74 ? 147 PRO A CA  1 
ATOM   1067 C  C   . PRO A 1 147 ? 11.743  -20.215 10.016  1.00 28.01 ? 147 PRO A C   1 
ATOM   1068 O  O   . PRO A 1 147 ? 11.132  -21.079 9.385   1.00 28.05 ? 147 PRO A O   1 
ATOM   1069 C  CB  . PRO A 1 147 ? 12.711  -22.106 11.386  1.00 27.36 ? 147 PRO A CB  1 
ATOM   1070 C  CG  . PRO A 1 147 ? 11.703  -22.179 12.482  1.00 27.45 ? 147 PRO A CG  1 
ATOM   1071 C  CD  . PRO A 1 147 ? 12.129  -21.038 13.392  1.00 27.47 ? 147 PRO A CD  1 
ATOM   1072 N  N   . TRP A 1 148 ? 11.570  -18.918 9.794   1.00 28.39 ? 148 TRP A N   1 
ATOM   1073 C  CA  . TRP A 1 148 ? 10.648  -18.477 8.758   1.00 28.58 ? 148 TRP A CA  1 
ATOM   1074 C  C   . TRP A 1 148 ? 11.316  -18.588 7.390   1.00 28.37 ? 148 TRP A C   1 
ATOM   1075 O  O   . TRP A 1 148 ? 12.190  -17.789 7.050   1.00 28.36 ? 148 TRP A O   1 
ATOM   1076 C  CB  . TRP A 1 148 ? 10.189  -17.036 9.014   1.00 29.21 ? 148 TRP A CB  1 
ATOM   1077 C  CG  . TRP A 1 148 ? 8.935   -16.965 9.831   1.00 30.07 ? 148 TRP A CG  1 
ATOM   1078 C  CD1 . TRP A 1 148 ? 8.752   -17.441 11.100  1.00 30.38 ? 148 TRP A CD1 1 
ATOM   1079 C  CD2 . TRP A 1 148 ? 7.670   -16.436 9.417   1.00 30.27 ? 148 TRP A CD2 1 
ATOM   1080 N  NE1 . TRP A 1 148 ? 7.451   -17.246 11.498  1.00 30.33 ? 148 TRP A NE1 1 
ATOM   1081 C  CE2 . TRP A 1 148 ? 6.766   -16.631 10.486  1.00 30.62 ? 148 TRP A CE2 1 
ATOM   1082 C  CE3 . TRP A 1 148 ? 7.211   -15.819 8.246   1.00 30.67 ? 148 TRP A CE3 1 
ATOM   1083 C  CZ2 . TRP A 1 148 ? 5.426   -16.230 10.416  1.00 30.85 ? 148 TRP A CZ2 1 
ATOM   1084 C  CZ3 . TRP A 1 148 ? 5.877   -15.422 8.178   1.00 31.05 ? 148 TRP A CZ3 1 
ATOM   1085 C  CH2 . TRP A 1 148 ? 5.002   -15.631 9.259   1.00 30.95 ? 148 TRP A CH2 1 
ATOM   1086 N  N   . ASP A 1 149 ? 10.915  -19.601 6.625   1.00 28.06 ? 149 ASP A N   1 
ATOM   1087 C  CA  . ASP A 1 149 ? 11.460  -19.825 5.289   1.00 27.92 ? 149 ASP A CA  1 
ATOM   1088 C  C   . ASP A 1 149 ? 10.360  -19.855 4.228   1.00 27.67 ? 149 ASP A C   1 
ATOM   1089 O  O   . ASP A 1 149 ? 9.176   -19.710 4.537   1.00 27.43 ? 149 ASP A O   1 
ATOM   1090 C  CB  . ASP A 1 149 ? 12.255  -21.136 5.243   1.00 27.99 ? 149 ASP A CB  1 
ATOM   1091 C  CG  . ASP A 1 149 ? 11.482  -22.312 5.814   1.00 28.04 ? 149 ASP A CG  1 
ATOM   1092 O  OD1 . ASP A 1 149 ? 10.242  -22.352 5.660   1.00 28.05 ? 149 ASP A OD1 1 
ATOM   1093 O  OD2 . ASP A 1 149 ? 12.119  -23.208 6.408   1.00 28.57 ? 149 ASP A OD2 1 
ATOM   1094 N  N   . ALA A 1 150 ? 10.761  -20.052 2.977   1.00 27.16 ? 150 ALA A N   1 
ATOM   1095 C  CA  . ALA A 1 150 ? 9.829   -20.083 1.854   1.00 27.04 ? 150 ALA A CA  1 
ATOM   1096 C  C   . ALA A 1 150 ? 8.629   -21.001 2.062   1.00 26.90 ? 150 ALA A C   1 
ATOM   1097 O  O   . ALA A 1 150 ? 7.482   -20.575 1.932   1.00 26.90 ? 150 ALA A O   1 
ATOM   1098 C  CB  . ALA A 1 150 ? 10.569  -20.483 0.583   1.00 26.87 ? 150 ALA A CB  1 
ATOM   1099 N  N   . GLU A 1 151 ? 8.898   -22.264 2.374   1.00 26.84 ? 151 GLU A N   1 
ATOM   1100 C  CA  . GLU A 1 151 ? 7.846   -23.251 2.591   1.00 26.73 ? 151 GLU A CA  1 
ATOM   1101 C  C   . GLU A 1 151 ? 6.863   -22.830 3.678   1.00 25.85 ? 151 GLU A C   1 
ATOM   1102 O  O   . GLU A 1 151 ? 5.655   -23.023 3.541   1.00 25.46 ? 151 GLU A O   1 
ATOM   1103 C  CB  . GLU A 1 151 ? 8.468   -24.608 2.946   1.00 28.03 ? 151 GLU A CB  1 
ATOM   1104 C  CG  . GLU A 1 151 ? 9.870   -24.504 3.519   1.00 30.00 ? 151 GLU A CG  1 
ATOM   1105 C  CD  . GLU A 1 151 ? 10.890  -24.065 2.478   1.00 30.76 ? 151 GLU A CD  1 
ATOM   1106 O  OE1 . GLU A 1 151 ? 11.886  -23.413 2.855   1.00 31.64 ? 151 GLU A OE1 1 
ATOM   1107 O  OE2 . GLU A 1 151 ? 10.698  -24.383 1.284   1.00 31.64 ? 151 GLU A OE2 1 
ATOM   1108 N  N   . LEU A 1 152 ? 7.379   -22.251 4.756   1.00 24.87 ? 152 LEU A N   1 
ATOM   1109 C  CA  . LEU A 1 152 ? 6.525   -21.816 5.851   1.00 24.02 ? 152 LEU A CA  1 
ATOM   1110 C  C   . LEU A 1 152 ? 5.693   -20.588 5.480   1.00 23.11 ? 152 LEU A C   1 
ATOM   1111 O  O   . LEU A 1 152 ? 4.557   -20.451 5.923   1.00 22.97 ? 152 LEU A O   1 
ATOM   1112 C  CB  . LEU A 1 152 ? 7.365   -21.518 7.099   1.00 24.46 ? 152 LEU A CB  1 
ATOM   1113 C  CG  . LEU A 1 152 ? 6.592   -21.057 8.341   1.00 24.88 ? 152 LEU A CG  1 
ATOM   1114 C  CD1 . LEU A 1 152 ? 7.314   -21.510 9.598   1.00 25.39 ? 152 LEU A CD1 1 
ATOM   1115 C  CD2 . LEU A 1 152 ? 6.434   -19.544 8.323   1.00 25.42 ? 152 LEU A CD2 1 
HETATM 1116 N  N   . MSE A 1 153 ? 6.251   -19.708 4.656   1.00 21.80 ? 153 MSE A N   1 
HETATM 1117 C  CA  . MSE A 1 153 ? 5.543   -18.495 4.264   1.00 21.09 ? 153 MSE A CA  1 
HETATM 1118 C  C   . MSE A 1 153 ? 4.528   -18.683 3.137   1.00 20.62 ? 153 MSE A C   1 
HETATM 1119 O  O   . MSE A 1 153 ? 3.586   -17.905 3.014   1.00 20.26 ? 153 MSE A O   1 
HETATM 1120 C  CB  . MSE A 1 153 ? 6.542   -17.401 3.862   1.00 20.14 ? 153 MSE A CB  1 
HETATM 1121 C  CG  . MSE A 1 153 ? 7.449   -16.934 4.996   1.00 20.26 ? 153 MSE A CG  1 
HETATM 1122 SE SE  . MSE A 1 153 ? 8.375   -15.438 4.568   1.00 19.26 ? 153 MSE A SE  1 
HETATM 1123 C  CE  . MSE A 1 153 ? 9.857   -16.171 3.860   1.00 19.24 ? 153 MSE A CE  1 
ATOM   1124 N  N   . ALA A 1 154 ? 4.723   -19.709 2.316   1.00 20.60 ? 154 ALA A N   1 
ATOM   1125 C  CA  . ALA A 1 154 ? 3.825   -19.971 1.190   1.00 20.14 ? 154 ALA A CA  1 
ATOM   1126 C  C   . ALA A 1 154 ? 2.335   -19.863 1.528   1.00 19.80 ? 154 ALA A C   1 
ATOM   1127 O  O   . ALA A 1 154 ? 1.591   -19.170 0.837   1.00 19.94 ? 154 ALA A O   1 
ATOM   1128 C  CB  . ALA A 1 154 ? 4.129   -21.340 0.592   1.00 20.36 ? 154 ALA A CB  1 
ATOM   1129 N  N   . PRO A 1 155 ? 1.877   -20.552 2.584   1.00 19.73 ? 155 PRO A N   1 
ATOM   1130 C  CA  . PRO A 1 155 ? 0.458   -20.484 2.950   1.00 19.92 ? 155 PRO A CA  1 
ATOM   1131 C  C   . PRO A 1 155 ? 0.009   -19.065 3.290   1.00 19.94 ? 155 PRO A C   1 
ATOM   1132 O  O   . PRO A 1 155 ? -1.099  -18.667 2.947   1.00 20.11 ? 155 PRO A O   1 
ATOM   1133 C  CB  . PRO A 1 155 ? 0.364   -21.428 4.147   1.00 20.07 ? 155 PRO A CB  1 
ATOM   1134 C  CG  . PRO A 1 155 ? 1.449   -22.436 3.859   1.00 20.66 ? 155 PRO A CG  1 
ATOM   1135 C  CD  . PRO A 1 155 ? 2.581   -21.549 3.410   1.00 20.06 ? 155 PRO A CD  1 
ATOM   1136 N  N   . TYR A 1 156 ? 0.866   -18.315 3.980   1.00 20.06 ? 156 TYR A N   1 
ATOM   1137 C  CA  . TYR A 1 156 ? 0.550   -16.935 4.341   1.00 20.31 ? 156 TYR A CA  1 
ATOM   1138 C  C   . TYR A 1 156 ? 0.431   -16.099 3.077   1.00 20.87 ? 156 TYR A C   1 
ATOM   1139 O  O   . TYR A 1 156 ? -0.459  -15.252 2.956   1.00 21.25 ? 156 TYR A O   1 
ATOM   1140 C  CB  . TYR A 1 156 ? 1.647   -16.323 5.220   1.00 19.94 ? 156 TYR A CB  1 
ATOM   1141 C  CG  . TYR A 1 156 ? 1.690   -16.813 6.650   1.00 19.78 ? 156 TYR A CG  1 
ATOM   1142 C  CD1 . TYR A 1 156 ? 2.575   -17.821 7.038   1.00 20.14 ? 156 TYR A CD1 1 
ATOM   1143 C  CD2 . TYR A 1 156 ? 0.880   -16.234 7.628   1.00 19.86 ? 156 TYR A CD2 1 
ATOM   1144 C  CE1 . TYR A 1 156 ? 2.657   -18.239 8.371   1.00 19.98 ? 156 TYR A CE1 1 
ATOM   1145 C  CE2 . TYR A 1 156 ? 0.951   -16.645 8.964   1.00 19.62 ? 156 TYR A CE2 1 
ATOM   1146 C  CZ  . TYR A 1 156 ? 1.844   -17.644 9.326   1.00 20.24 ? 156 TYR A CZ  1 
ATOM   1147 O  OH  . TYR A 1 156 ? 1.939   -18.048 10.638  1.00 19.52 ? 156 TYR A OH  1 
ATOM   1148 N  N   . GLY A 1 157 ? 1.342   -16.332 2.137   1.00 21.00 ? 157 GLY A N   1 
ATOM   1149 C  CA  . GLY A 1 157 ? 1.320   -15.590 0.889   1.00 21.57 ? 157 GLY A CA  1 
ATOM   1150 C  C   . GLY A 1 157 ? 0.020   -15.770 0.128   1.00 21.98 ? 157 GLY A C   1 
ATOM   1151 O  O   . GLY A 1 157 ? -0.545  -14.805 -0.390  1.00 21.07 ? 157 GLY A O   1 
ATOM   1152 N  N   . GLU A 1 158 ? -0.450  -17.012 0.055   1.00 22.35 ? 158 GLU A N   1 
ATOM   1153 C  CA  . GLU A 1 158 ? -1.691  -17.326 -0.639  1.00 23.46 ? 158 GLU A CA  1 
ATOM   1154 C  C   . GLU A 1 158 ? -2.850  -16.595 0.025   1.00 23.61 ? 158 GLU A C   1 
ATOM   1155 O  O   . GLU A 1 158 ? -3.702  -16.012 -0.647  1.00 22.94 ? 158 GLU A O   1 
ATOM   1156 C  CB  . GLU A 1 158 ? -1.937  -18.837 -0.606  1.00 24.87 ? 158 GLU A CB  1 
ATOM   1157 C  CG  . GLU A 1 158 ? -0.859  -19.642 -1.313  1.00 27.25 ? 158 GLU A CG  1 
ATOM   1158 C  CD  . GLU A 1 158 ? -0.956  -19.544 -2.823  1.00 28.67 ? 158 GLU A CD  1 
ATOM   1159 O  OE1 . GLU A 1 158 ? -1.405  -18.496 -3.332  1.00 30.26 ? 158 GLU A OE1 1 
ATOM   1160 O  OE2 . GLU A 1 158 ? -0.573  -20.516 -3.505  1.00 30.69 ? 158 GLU A OE2 1 
ATOM   1161 N  N   . LEU A 1 159 ? -2.878  -16.635 1.353   1.00 24.01 ? 159 LEU A N   1 
ATOM   1162 C  CA  . LEU A 1 159 ? -3.924  -15.963 2.113   1.00 24.66 ? 159 LEU A CA  1 
ATOM   1163 C  C   . LEU A 1 159 ? -3.912  -14.466 1.842   1.00 25.74 ? 159 LEU A C   1 
ATOM   1164 O  O   . LEU A 1 159 ? -4.959  -13.866 1.603   1.00 25.73 ? 159 LEU A O   1 
ATOM   1165 C  CB  . LEU A 1 159 ? -3.738  -16.215 3.607   1.00 24.25 ? 159 LEU A CB  1 
ATOM   1166 C  CG  . LEU A 1 159 ? -4.123  -17.613 4.093   1.00 24.12 ? 159 LEU A CG  1 
ATOM   1167 C  CD1 . LEU A 1 159 ? -3.557  -17.866 5.481   1.00 24.27 ? 159 LEU A CD1 1 
ATOM   1168 C  CD2 . LEU A 1 159 ? -5.639  -17.744 4.086   1.00 23.72 ? 159 LEU A CD2 1 
HETATM 1169 N  N   . MSE A 1 160 ? -2.731  -13.861 1.877   1.00 26.89 ? 160 MSE A N   1 
HETATM 1170 C  CA  . MSE A 1 160 ? -2.624  -12.432 1.625   1.00 28.59 ? 160 MSE A CA  1 
HETATM 1171 C  C   . MSE A 1 160 ? -3.005  -12.067 0.198   1.00 28.70 ? 160 MSE A C   1 
HETATM 1172 O  O   . MSE A 1 160 ? -3.513  -10.981 -0.059  1.00 28.40 ? 160 MSE A O   1 
HETATM 1173 C  CB  . MSE A 1 160 ? -1.211  -11.948 1.956   1.00 29.93 ? 160 MSE A CB  1 
HETATM 1174 C  CG  . MSE A 1 160 ? -0.962  -11.929 3.459   1.00 32.46 ? 160 MSE A CG  1 
HETATM 1175 SE SE  . MSE A 1 160 ? -2.310  -10.908 4.437   1.00 36.97 ? 160 MSE A SE  1 
HETATM 1176 C  CE  . MSE A 1 160 ? -3.581  -12.349 4.877   1.00 35.27 ? 160 MSE A CE  1 
HETATM 1177 N  N   . MSE A 1 161 ? -2.756  -12.983 -0.728  1.00 29.05 ? 161 MSE A N   1 
HETATM 1178 C  CA  . MSE A 1 161 ? -3.111  -12.762 -2.117  1.00 29.67 ? 161 MSE A CA  1 
HETATM 1179 C  C   . MSE A 1 161 ? -4.627  -12.719 -2.213  1.00 28.73 ? 161 MSE A C   1 
HETATM 1180 O  O   . MSE A 1 161 ? -5.184  -11.926 -2.967  1.00 28.72 ? 161 MSE A O   1 
HETATM 1181 C  CB  . MSE A 1 161 ? -2.573  -13.891 -2.992  1.00 32.04 ? 161 MSE A CB  1 
HETATM 1182 C  CG  . MSE A 1 161 ? -2.984  -13.797 -4.470  1.00 35.63 ? 161 MSE A CG  1 
HETATM 1183 SE SE  . MSE A 1 161 ? -2.647  -12.073 -5.340  1.00 41.94 ? 161 MSE A SE  1 
HETATM 1184 C  CE  . MSE A 1 161 ? -0.703  -12.019 -5.195  1.00 38.42 ? 161 MSE A CE  1 
ATOM   1185 N  N   . GLU A 1 162 ? -5.307  -13.569 -1.449  1.00 27.77 ? 162 GLU A N   1 
ATOM   1186 C  CA  . GLU A 1 162 ? -6.761  -13.551 -1.492  1.00 26.90 ? 162 GLU A CA  1 
ATOM   1187 C  C   . GLU A 1 162 ? -7.257  -12.225 -0.925  1.00 25.15 ? 162 GLU A C   1 
ATOM   1188 O  O   . GLU A 1 162 ? -8.254  -11.680 -1.395  1.00 24.38 ? 162 GLU A O   1 
ATOM   1189 C  CB  . GLU A 1 162 ? -7.372  -14.717 -0.708  1.00 28.22 ? 162 GLU A CB  1 
ATOM   1190 C  CG  . GLU A 1 162 ? -8.897  -14.661 -0.713  1.00 30.88 ? 162 GLU A CG  1 
ATOM   1191 C  CD  . GLU A 1 162 ? -9.560  -15.959 -0.290  1.00 32.35 ? 162 GLU A CD  1 
ATOM   1192 O  OE1 . GLU A 1 162 ? -10.803 -15.951 -0.129  1.00 32.89 ? 162 GLU A OE1 1 
ATOM   1193 O  OE2 . GLU A 1 162 ? -8.851  -16.977 -0.128  1.00 32.85 ? 162 GLU A OE2 1 
ATOM   1194 N  N   . VAL A 1 163 ? -6.562  -11.707 0.085   1.00 23.56 ? 163 VAL A N   1 
ATOM   1195 C  CA  . VAL A 1 163 ? -6.939  -10.424 0.675   1.00 22.09 ? 163 VAL A CA  1 
ATOM   1196 C  C   . VAL A 1 163 ? -6.749  -9.345  -0.386  1.00 21.24 ? 163 VAL A C   1 
ATOM   1197 O  O   . VAL A 1 163 ? -7.623  -8.501  -0.596  1.00 20.33 ? 163 VAL A O   1 
ATOM   1198 C  CB  . VAL A 1 163 ? -6.064  -10.086 1.906   1.00 22.22 ? 163 VAL A CB  1 
ATOM   1199 C  CG1 . VAL A 1 163 ? -6.362  -8.677  2.392   1.00 21.45 ? 163 VAL A CG1 1 
ATOM   1200 C  CG2 . VAL A 1 163 ? -6.337  -11.080 3.019   1.00 22.09 ? 163 VAL A CG2 1 
ATOM   1201 N  N   . ALA A 1 164 ? -5.602  -9.385  -1.058  1.00 20.43 ? 164 ALA A N   1 
ATOM   1202 C  CA  . ALA A 1 164 ? -5.292  -8.425  -2.115  1.00 20.72 ? 164 ALA A CA  1 
ATOM   1203 C  C   . ALA A 1 164 ? -6.361  -8.437  -3.204  1.00 20.91 ? 164 ALA A C   1 
ATOM   1204 O  O   . ALA A 1 164 ? -6.829  -7.384  -3.633  1.00 20.49 ? 164 ALA A O   1 
ATOM   1205 C  CB  . ALA A 1 164 ? -3.923  -8.736  -2.735  1.00 19.71 ? 164 ALA A CB  1 
ATOM   1206 N  N   . ARG A 1 165 ? -6.739  -9.630  -3.655  1.00 21.59 ? 165 ARG A N   1 
ATOM   1207 C  CA  . ARG A 1 165 ? -7.753  -9.743  -4.696  1.00 22.88 ? 165 ARG A CA  1 
ATOM   1208 C  C   . ARG A 1 165 ? -9.061  -9.115  -4.238  1.00 22.77 ? 165 ARG A C   1 
ATOM   1209 O  O   . ARG A 1 165 ? -9.780  -8.509  -5.033  1.00 22.70 ? 165 ARG A O   1 
ATOM   1210 C  CB  . ARG A 1 165 ? -7.987  -11.210 -5.077  1.00 23.76 ? 165 ARG A CB  1 
ATOM   1211 C  CG  . ARG A 1 165 ? -6.795  -11.894 -5.733  1.00 25.96 ? 165 ARG A CG  1 
ATOM   1212 C  CD  . ARG A 1 165 ? -7.248  -13.086 -6.569  1.00 27.67 ? 165 ARG A CD  1 
ATOM   1213 N  NE  . ARG A 1 165 ? -6.128  -13.863 -7.095  1.00 29.95 ? 165 ARG A NE  1 
ATOM   1214 C  CZ  . ARG A 1 165 ? -5.624  -14.943 -6.505  1.00 30.67 ? 165 ARG A CZ  1 
ATOM   1215 N  NH1 . ARG A 1 165 ? -4.599  -15.583 -7.055  1.00 30.50 ? 165 ARG A NH1 1 
ATOM   1216 N  NH2 . ARG A 1 165 ? -6.154  -15.393 -5.374  1.00 31.58 ? 165 ARG A NH2 1 
ATOM   1217 N  N   . ARG A 1 166 ? -9.371  -9.263  -2.954  1.00 23.00 ? 166 ARG A N   1 
ATOM   1218 C  CA  . ARG A 1 166 ? -10.589 -8.685  -2.413  1.00 23.67 ? 166 ARG A CA  1 
ATOM   1219 C  C   . ARG A 1 166 ? -10.514 -7.161  -2.333  1.00 23.33 ? 166 ARG A C   1 
ATOM   1220 O  O   . ARG A 1 166 ? -11.501 -6.476  -2.596  1.00 23.32 ? 166 ARG A O   1 
ATOM   1221 C  CB  . ARG A 1 166 ? -10.896 -9.265  -1.031  1.00 24.70 ? 166 ARG A CB  1 
ATOM   1222 C  CG  . ARG A 1 166 ? -11.662 -10.574 -1.095  1.00 26.92 ? 166 ARG A CG  1 
ATOM   1223 C  CD  . ARG A 1 166 ? -12.302 -10.918 0.237   1.00 29.18 ? 166 ARG A CD  1 
ATOM   1224 N  NE  . ARG A 1 166 ? -13.467 -11.784 0.060   1.00 31.39 ? 166 ARG A NE  1 
ATOM   1225 C  CZ  . ARG A 1 166 ? -13.420 -13.007 -0.461  1.00 31.99 ? 166 ARG A CZ  1 
ATOM   1226 N  NH1 . ARG A 1 166 ? -14.531 -13.721 -0.587  1.00 32.53 ? 166 ARG A NH1 1 
ATOM   1227 N  NH2 . ARG A 1 166 ? -12.262 -13.518 -0.852  1.00 32.49 ? 166 ARG A NH2 1 
ATOM   1228 N  N   . ASP A 1 167 ? -9.350  -6.626  -1.974  1.00 22.97 ? 167 ASP A N   1 
ATOM   1229 C  CA  . ASP A 1 167 ? -9.203  -5.174  -1.895  1.00 23.02 ? 167 ASP A CA  1 
ATOM   1230 C  C   . ASP A 1 167 ? -9.473  -4.584  -3.275  1.00 22.77 ? 167 ASP A C   1 
ATOM   1231 O  O   . ASP A 1 167 ? -10.309 -3.694  -3.432  1.00 22.70 ? 167 ASP A O   1 
ATOM   1232 C  CB  . ASP A 1 167 ? -7.785  -4.766  -1.472  1.00 22.75 ? 167 ASP A CB  1 
ATOM   1233 C  CG  . ASP A 1 167 ? -7.345  -5.400  -0.168  1.00 23.43 ? 167 ASP A CG  1 
ATOM   1234 O  OD1 . ASP A 1 167 ? -8.178  -5.539  0.749   1.00 23.97 ? 167 ASP A OD1 1 
ATOM   1235 O  OD2 . ASP A 1 167 ? -6.150  -5.745  -0.057  1.00 23.43 ? 167 ASP A OD2 1 
ATOM   1236 N  N   . LEU A 1 168 ? -8.763  -5.100  -4.273  1.00 22.73 ? 168 LEU A N   1 
ATOM   1237 C  CA  . LEU A 1 168 ? -8.895  -4.615  -5.640  1.00 22.63 ? 168 LEU A CA  1 
ATOM   1238 C  C   . LEU A 1 168 ? -10.271 -4.861  -6.255  1.00 22.93 ? 168 LEU A C   1 
ATOM   1239 O  O   . LEU A 1 168 ? -10.772 -4.020  -6.999  1.00 22.49 ? 168 LEU A O   1 
ATOM   1240 C  CB  . LEU A 1 168 ? -7.792  -5.220  -6.514  1.00 22.74 ? 168 LEU A CB  1 
ATOM   1241 C  CG  . LEU A 1 168 ? -6.379  -4.870  -6.027  1.00 22.87 ? 168 LEU A CG  1 
ATOM   1242 C  CD1 . LEU A 1 168 ? -5.327  -5.456  -6.965  1.00 22.73 ? 168 LEU A CD1 1 
ATOM   1243 C  CD2 . LEU A 1 168 ? -6.231  -3.357  -5.945  1.00 22.71 ? 168 LEU A CD2 1 
ATOM   1244 N  N   . ASP A 1 169 ? -10.881 -6.005  -5.958  1.00 23.34 ? 169 ASP A N   1 
ATOM   1245 C  CA  . ASP A 1 169 ? -12.214 -6.289  -6.481  1.00 23.59 ? 169 ASP A CA  1 
ATOM   1246 C  C   . ASP A 1 169 ? -13.154 -5.213  -5.939  1.00 23.91 ? 169 ASP A C   1 
ATOM   1247 O  O   . ASP A 1 169 ? -14.057 -4.746  -6.633  1.00 24.04 ? 169 ASP A O   1 
ATOM   1248 C  CB  . ASP A 1 169 ? -12.692 -7.671  -6.028  1.00 24.11 ? 169 ASP A CB  1 
ATOM   1249 C  CG  . ASP A 1 169 ? -12.123 -8.794  -6.875  1.00 24.07 ? 169 ASP A CG  1 
ATOM   1250 O  OD1 . ASP A 1 169 ? -12.325 -9.969  -6.513  1.00 24.51 ? 169 ASP A OD1 1 
ATOM   1251 O  OD2 . ASP A 1 169 ? -11.481 -8.504  -7.905  1.00 24.31 ? 169 ASP A OD2 1 
ATOM   1252 N  N   . PHE A 1 170 ? -12.924 -4.822  -4.691  1.00 23.97 ? 170 PHE A N   1 
ATOM   1253 C  CA  . PHE A 1 170 ? -13.727 -3.787  -4.050  1.00 23.85 ? 170 PHE A CA  1 
ATOM   1254 C  C   . PHE A 1 170 ? -13.534 -2.458  -4.773  1.00 24.29 ? 170 PHE A C   1 
ATOM   1255 O  O   . PHE A 1 170 ? -14.501 -1.825  -5.207  1.00 24.37 ? 170 PHE A O   1 
ATOM   1256 C  CB  . PHE A 1 170 ? -13.311 -3.630  -2.589  1.00 23.43 ? 170 PHE A CB  1 
ATOM   1257 C  CG  . PHE A 1 170 ? -13.913 -2.432  -1.915  1.00 22.94 ? 170 PHE A CG  1 
ATOM   1258 C  CD1 . PHE A 1 170 ? -15.273 -2.388  -1.629  1.00 22.45 ? 170 PHE A CD1 1 
ATOM   1259 C  CD2 . PHE A 1 170 ? -13.121 -1.331  -1.594  1.00 22.84 ? 170 PHE A CD2 1 
ATOM   1260 C  CE1 . PHE A 1 170 ? -15.842 -1.263  -1.035  1.00 22.86 ? 170 PHE A CE1 1 
ATOM   1261 C  CE2 . PHE A 1 170 ? -13.678 -0.200  -1.002  1.00 22.84 ? 170 PHE A CE2 1 
ATOM   1262 C  CZ  . PHE A 1 170 ? -15.043 -0.166  -0.721  1.00 22.96 ? 170 PHE A CZ  1 
HETATM 1263 N  N   . MSE A 1 171 ? -12.278 -2.036  -4.891  1.00 24.69 ? 171 MSE A N   1 
HETATM 1264 C  CA  . MSE A 1 171 ? -11.946 -0.785  -5.567  1.00 25.52 ? 171 MSE A CA  1 
HETATM 1265 C  C   . MSE A 1 171 ? -12.531 -0.741  -6.974  1.00 24.70 ? 171 MSE A C   1 
HETATM 1266 O  O   . MSE A 1 171 ? -13.100 0.259   -7.403  1.00 24.11 ? 171 MSE A O   1 
HETATM 1267 C  CB  . MSE A 1 171 ? -10.428 -0.620  -5.658  1.00 27.64 ? 171 MSE A CB  1 
HETATM 1268 C  CG  . MSE A 1 171 ? -9.732  -0.420  -4.320  1.00 30.85 ? 171 MSE A CG  1 
HETATM 1269 SE SE  . MSE A 1 171 ? -10.416 1.095   -3.347  1.00 36.96 ? 171 MSE A SE  1 
HETATM 1270 C  CE  . MSE A 1 171 ? -9.568  2.543   -4.339  1.00 34.06 ? 171 MSE A CE  1 
ATOM   1271 N  N   . GLU A 1 172 ? -12.367 -1.842  -7.695  1.00 23.72 ? 172 GLU A N   1 
ATOM   1272 C  CA  . GLU A 1 172 ? -12.852 -1.947  -9.063  1.00 23.09 ? 172 GLU A CA  1 
ATOM   1273 C  C   . GLU A 1 172 ? -14.361 -1.773  -9.214  1.00 22.17 ? 172 GLU A C   1 
ATOM   1274 O  O   . GLU A 1 172 ? -14.846 -1.426  -10.289 1.00 22.31 ? 172 GLU A O   1 
ATOM   1275 C  CB  . GLU A 1 172 ? -12.407 -3.283  -9.665  1.00 22.91 ? 172 GLU A CB  1 
ATOM   1276 C  CG  . GLU A 1 172 ? -11.006 -3.237  -10.256 1.00 23.13 ? 172 GLU A CG  1 
ATOM   1277 C  CD  . GLU A 1 172 ? -10.478 -4.605  -10.635 1.00 23.22 ? 172 GLU A CD  1 
ATOM   1278 O  OE1 . GLU A 1 172 ? -11.285 -5.465  -11.051 1.00 23.57 ? 172 GLU A OE1 1 
ATOM   1279 O  OE2 . GLU A 1 172 ? -9.252  -4.819  -10.529 1.00 22.92 ? 172 GLU A OE2 1 
ATOM   1280 N  N   . THR A 1 173 ? -15.103 -2.004  -8.141  1.00 21.62 ? 173 THR A N   1 
ATOM   1281 C  CA  . THR A 1 173 ? -16.551 -1.851  -8.190  1.00 21.42 ? 173 THR A CA  1 
ATOM   1282 C  C   . THR A 1 173 ? -17.002 -0.551  -7.532  1.00 21.42 ? 173 THR A C   1 
ATOM   1283 O  O   . THR A 1 173 ? -17.682 0.260   -8.159  1.00 21.32 ? 173 THR A O   1 
ATOM   1284 C  CB  . THR A 1 173 ? -17.270 -3.036  -7.512  1.00 21.27 ? 173 THR A CB  1 
ATOM   1285 O  OG1 . THR A 1 173 ? -16.756 -3.217  -6.188  1.00 21.89 ? 173 THR A OG1 1 
ATOM   1286 C  CG2 . THR A 1 173 ? -17.056 -4.308  -8.315  1.00 21.58 ? 173 THR A CG2 1 
ATOM   1287 N  N   . HIS A 1 174 ? -16.622 -0.352  -6.274  1.00 21.07 ? 174 HIS A N   1 
ATOM   1288 C  CA  . HIS A 1 174 ? -16.996 0.864   -5.558  1.00 21.22 ? 174 HIS A CA  1 
ATOM   1289 C  C   . HIS A 1 174 ? -16.509 2.117   -6.289  1.00 20.96 ? 174 HIS A C   1 
ATOM   1290 O  O   . HIS A 1 174 ? -17.219 3.120   -6.351  1.00 20.93 ? 174 HIS A O   1 
ATOM   1291 C  CB  . HIS A 1 174 ? -16.424 0.841   -4.136  1.00 21.23 ? 174 HIS A CB  1 
ATOM   1292 C  CG  . HIS A 1 174 ? -16.662 2.105   -3.370  1.00 21.57 ? 174 HIS A CG  1 
ATOM   1293 N  ND1 . HIS A 1 174 ? -17.924 2.550   -3.040  1.00 21.66 ? 174 HIS A ND1 1 
ATOM   1294 C  CD2 . HIS A 1 174 ? -15.800 3.035   -2.893  1.00 21.79 ? 174 HIS A CD2 1 
ATOM   1295 C  CE1 . HIS A 1 174 ? -17.829 3.699   -2.394  1.00 21.34 ? 174 HIS A CE1 1 
ATOM   1296 N  NE2 . HIS A 1 174 ? -16.550 4.013   -2.292  1.00 21.01 ? 174 HIS A NE2 1 
ATOM   1297 N  N   . ALA A 1 175 ? -15.302 2.053   -6.844  1.00 20.94 ? 175 ALA A N   1 
ATOM   1298 C  CA  . ALA A 1 175 ? -14.725 3.182   -7.569  1.00 21.55 ? 175 ALA A CA  1 
ATOM   1299 C  C   . ALA A 1 175 ? -14.397 2.765   -9.002  1.00 21.89 ? 175 ALA A C   1 
ATOM   1300 O  O   . ALA A 1 175 ? -13.316 3.052   -9.520  1.00 21.58 ? 175 ALA A O   1 
ATOM   1301 C  CB  . ALA A 1 175 ? -13.470 3.667   -6.854  1.00 21.29 ? 175 ALA A CB  1 
ATOM   1302 N  N   . SER A 1 176 ? -15.356 2.094   -9.633  1.00 22.61 ? 176 SER A N   1 
ATOM   1303 C  CA  . SER A 1 176 ? -15.221 1.587   -10.993 1.00 22.70 ? 176 SER A CA  1 
ATOM   1304 C  C   . SER A 1 176 ? -14.802 2.600   -12.055 1.00 23.47 ? 176 SER A C   1 
ATOM   1305 O  O   . SER A 1 176 ? -14.212 2.222   -13.067 1.00 23.39 ? 176 SER A O   1 
ATOM   1306 C  CB  . SER A 1 176 ? -16.534 0.930   -11.427 1.00 22.06 ? 176 SER A CB  1 
ATOM   1307 O  OG  . SER A 1 176 ? -17.592 1.875   -11.436 1.00 21.52 ? 176 SER A OG  1 
ATOM   1308 N  N   . GLU A 1 177 ? -15.097 3.877   -11.837 1.00 23.70 ? 177 GLU A N   1 
ATOM   1309 C  CA  . GLU A 1 177 ? -14.751 4.898   -12.822 1.00 24.25 ? 177 GLU A CA  1 
ATOM   1310 C  C   . GLU A 1 177 ? -13.448 5.632   -12.531 1.00 24.70 ? 177 GLU A C   1 
ATOM   1311 O  O   . GLU A 1 177 ? -13.064 6.545   -13.263 1.00 24.77 ? 177 GLU A O   1 
ATOM   1312 C  CB  . GLU A 1 177 ? -15.888 5.917   -12.944 1.00 24.93 ? 177 GLU A CB  1 
ATOM   1313 C  CG  . GLU A 1 177 ? -17.237 5.298   -13.262 1.00 24.92 ? 177 GLU A CG  1 
ATOM   1314 C  CD  . GLU A 1 177 ? -17.171 4.317   -14.415 1.00 25.28 ? 177 GLU A CD  1 
ATOM   1315 O  OE1 . GLU A 1 177 ? -16.805 4.734   -15.533 1.00 25.99 ? 177 GLU A OE1 1 
ATOM   1316 O  OE2 . GLU A 1 177 ? -17.483 3.126   -14.200 1.00 25.69 ? 177 GLU A OE2 1 
ATOM   1317 N  N   . ALA A 1 178 ? -12.769 5.237   -11.463 1.00 24.55 ? 178 ALA A N   1 
ATOM   1318 C  CA  . ALA A 1 178 ? -11.516 5.875   -11.102 1.00 24.48 ? 178 ALA A CA  1 
ATOM   1319 C  C   . ALA A 1 178 ? -10.425 5.481   -12.085 1.00 24.60 ? 178 ALA A C   1 
ATOM   1320 O  O   . ALA A 1 178 ? -10.449 4.393   -12.655 1.00 24.93 ? 178 ALA A O   1 
ATOM   1321 C  CB  . ALA A 1 178 ? -11.111 5.481   -9.689  1.00 23.92 ? 178 ALA A CB  1 
ATOM   1322 N  N   . GLU A 1 179 ? -9.476  6.385   -12.291 1.00 24.66 ? 179 GLU A N   1 
ATOM   1323 C  CA  . GLU A 1 179 ? -8.354  6.126   -13.180 1.00 24.77 ? 179 GLU A CA  1 
ATOM   1324 C  C   . GLU A 1 179 ? -7.574  4.995   -12.505 1.00 24.45 ? 179 GLU A C   1 
ATOM   1325 O  O   . GLU A 1 179 ? -7.450  4.976   -11.279 1.00 24.13 ? 179 GLU A O   1 
ATOM   1326 C  CB  . GLU A 1 179 ? -7.519  7.404   -13.310 1.00 25.02 ? 179 GLU A CB  1 
ATOM   1327 C  CG  . GLU A 1 179 ? -6.435  7.369   -14.367 1.00 25.41 ? 179 GLU A CG  1 
ATOM   1328 C  CD  . GLU A 1 179 ? -5.102  6.946   -13.799 1.00 25.39 ? 179 GLU A CD  1 
ATOM   1329 O  OE1 . GLU A 1 179 ? -4.689  7.545   -12.786 1.00 25.50 ? 179 GLU A OE1 1 
ATOM   1330 O  OE2 . GLU A 1 179 ? -4.471  6.029   -14.367 1.00 25.70 ? 179 GLU A OE2 1 
ATOM   1331 N  N   . LYS A 1 180 ? -7.065  4.049   -13.291 1.00 24.56 ? 180 LYS A N   1 
ATOM   1332 C  CA  . LYS A 1 180 ? -6.350  2.900   -12.730 1.00 24.77 ? 180 LYS A CA  1 
ATOM   1333 C  C   . LYS A 1 180 ? -5.210  3.197   -11.767 1.00 24.60 ? 180 LYS A C   1 
ATOM   1334 O  O   . LYS A 1 180 ? -5.196  2.672   -10.653 1.00 24.31 ? 180 LYS A O   1 
ATOM   1335 C  CB  . LYS A 1 180 ? -5.844  1.983   -13.848 1.00 25.10 ? 180 LYS A CB  1 
ATOM   1336 C  CG  . LYS A 1 180 ? -6.961  1.273   -14.598 1.00 26.55 ? 180 LYS A CG  1 
ATOM   1337 C  CD  . LYS A 1 180 ? -7.907  0.557   -13.637 1.00 27.42 ? 180 LYS A CD  1 
ATOM   1338 C  CE  . LYS A 1 180 ? -9.072  -0.077  -14.390 1.00 28.25 ? 180 LYS A CE  1 
ATOM   1339 N  NZ  . LYS A 1 180 ? -10.072 -0.681  -13.467 1.00 29.22 ? 180 LYS A NZ  1 
ATOM   1340 N  N   . VAL A 1 181 ? -4.250  4.014   -12.188 1.00 24.52 ? 181 VAL A N   1 
ATOM   1341 C  CA  . VAL A 1 181 ? -3.125  4.336   -11.315 1.00 24.98 ? 181 VAL A CA  1 
ATOM   1342 C  C   . VAL A 1 181 ? -3.640  4.882   -9.990  1.00 25.13 ? 181 VAL A C   1 
ATOM   1343 O  O   . VAL A 1 181 ? -3.174  4.485   -8.921  1.00 24.79 ? 181 VAL A O   1 
ATOM   1344 C  CB  . VAL A 1 181 ? -2.187  5.377   -11.957 1.00 24.67 ? 181 VAL A CB  1 
ATOM   1345 C  CG1 . VAL A 1 181 ? -1.020  5.671   -11.022 1.00 24.67 ? 181 VAL A CG1 1 
ATOM   1346 C  CG2 . VAL A 1 181 ? -1.675  4.855   -13.283 1.00 24.33 ? 181 VAL A CG2 1 
ATOM   1347 N  N   . GLU A 1 182 ? -4.608  5.790   -10.066 1.00 25.94 ? 182 GLU A N   1 
ATOM   1348 C  CA  . GLU A 1 182 ? -5.188  6.375   -8.865  1.00 26.90 ? 182 GLU A CA  1 
ATOM   1349 C  C   . GLU A 1 182 ? -5.780  5.300   -7.969  1.00 26.63 ? 182 GLU A C   1 
ATOM   1350 O  O   . GLU A 1 182 ? -5.645  5.343   -6.748  1.00 26.47 ? 182 GLU A O   1 
ATOM   1351 C  CB  . GLU A 1 182 ? -6.294  7.366   -9.225  1.00 27.67 ? 182 GLU A CB  1 
ATOM   1352 C  CG  . GLU A 1 182 ? -5.824  8.784   -9.455  1.00 29.93 ? 182 GLU A CG  1 
ATOM   1353 C  CD  . GLU A 1 182 ? -6.973  9.777   -9.452  1.00 31.01 ? 182 GLU A CD  1 
ATOM   1354 O  OE1 . GLU A 1 182 ? -6.707  10.992  -9.559  1.00 31.86 ? 182 GLU A OE1 1 
ATOM   1355 O  OE2 . GLU A 1 182 ? -8.142  9.345   -9.340  1.00 31.32 ? 182 GLU A OE2 1 
HETATM 1356 N  N   . MSE A 1 183 ? -6.447  4.337   -8.587  1.00 26.60 ? 183 MSE A N   1 
HETATM 1357 C  CA  . MSE A 1 183 ? -7.081  3.259   -7.847  1.00 26.90 ? 183 MSE A CA  1 
HETATM 1358 C  C   . MSE A 1 183 ? -6.053  2.390   -7.131  1.00 25.18 ? 183 MSE A C   1 
HETATM 1359 O  O   . MSE A 1 183 ? -6.187  2.102   -5.940  1.00 24.71 ? 183 MSE A O   1 
HETATM 1360 C  CB  . MSE A 1 183 ? -7.906  2.412   -8.813  1.00 29.57 ? 183 MSE A CB  1 
HETATM 1361 C  CG  . MSE A 1 183 ? -8.899  1.482   -8.164  1.00 33.22 ? 183 MSE A CG  1 
HETATM 1362 SE SE  . MSE A 1 183 ? -9.632  0.322   -9.516  1.00 40.16 ? 183 MSE A SE  1 
HETATM 1363 C  CE  . MSE A 1 183 ? -10.871 1.555   -10.388 1.00 37.37 ? 183 MSE A CE  1 
ATOM   1364 N  N   . ALA A 1 184 ? -5.017  1.988   -7.859  1.00 23.57 ? 184 ALA A N   1 
ATOM   1365 C  CA  . ALA A 1 184 ? -3.975  1.143   -7.293  1.00 22.38 ? 184 ALA A CA  1 
ATOM   1366 C  C   . ALA A 1 184 ? -3.234  1.821   -6.143  1.00 21.64 ? 184 ALA A C   1 
ATOM   1367 O  O   . ALA A 1 184 ? -2.955  1.188   -5.119  1.00 21.40 ? 184 ALA A O   1 
ATOM   1368 C  CB  . ALA A 1 184 ? -2.989  0.728   -8.382  1.00 22.12 ? 184 ALA A CB  1 
ATOM   1369 N  N   . VAL A 1 185 ? -2.912  3.101   -6.313  1.00 20.49 ? 185 VAL A N   1 
ATOM   1370 C  CA  . VAL A 1 185 ? -2.206  3.836   -5.272  1.00 19.68 ? 185 VAL A CA  1 
ATOM   1371 C  C   . VAL A 1 185 ? -3.050  3.926   -4.004  1.00 19.41 ? 185 VAL A C   1 
ATOM   1372 O  O   . VAL A 1 185 ? -2.530  3.809   -2.897  1.00 18.31 ? 185 VAL A O   1 
ATOM   1373 C  CB  . VAL A 1 185 ? -1.838  5.268   -5.736  1.00 19.54 ? 185 VAL A CB  1 
ATOM   1374 C  CG1 . VAL A 1 185 ? -1.379  6.097   -4.546  1.00 19.47 ? 185 VAL A CG1 1 
ATOM   1375 C  CG2 . VAL A 1 185 ? -0.729  5.208   -6.776  1.00 19.92 ? 185 VAL A CG2 1 
ATOM   1376 N  N   . ALA A 1 186 ? -4.351  4.138   -4.169  1.00 19.26 ? 186 ALA A N   1 
ATOM   1377 C  CA  . ALA A 1 186 ? -5.250  4.235   -3.026  1.00 19.80 ? 186 ALA A CA  1 
ATOM   1378 C  C   . ALA A 1 186 ? -5.344  2.901   -2.285  1.00 20.42 ? 186 ALA A C   1 
ATOM   1379 O  O   . ALA A 1 186 ? -5.312  2.855   -1.053  1.00 20.17 ? 186 ALA A O   1 
ATOM   1380 C  CB  . ALA A 1 186 ? -6.635  4.668   -3.493  1.00 19.39 ? 186 ALA A CB  1 
ATOM   1381 N  N   . ALA A 1 187 ? -5.456  1.818   -3.049  1.00 20.77 ? 187 ALA A N   1 
ATOM   1382 C  CA  . ALA A 1 187 ? -5.574  0.483   -2.484  1.00 20.94 ? 187 ALA A CA  1 
ATOM   1383 C  C   . ALA A 1 187 ? -4.323  0.098   -1.705  1.00 21.45 ? 187 ALA A C   1 
ATOM   1384 O  O   . ALA A 1 187 ? -4.387  -0.687  -0.762  1.00 21.08 ? 187 ALA A O   1 
ATOM   1385 C  CB  . ALA A 1 187 ? -5.831  -0.526  -3.599  1.00 21.22 ? 187 ALA A CB  1 
ATOM   1386 N  N   . ALA A 1 188 ? -3.194  0.677   -2.092  1.00 21.97 ? 188 ALA A N   1 
ATOM   1387 C  CA  . ALA A 1 188 ? -1.915  0.390   -1.449  1.00 22.74 ? 188 ALA A CA  1 
ATOM   1388 C  C   . ALA A 1 188 ? -1.774  0.930   -0.023  1.00 23.04 ? 188 ALA A C   1 
ATOM   1389 O  O   . ALA A 1 188 ? -0.941  0.443   0.741   1.00 23.09 ? 188 ALA A O   1 
ATOM   1390 C  CB  . ALA A 1 188 ? -0.771  0.926   -2.317  1.00 22.63 ? 188 ALA A CB  1 
ATOM   1391 N  N   . VAL A 1 189 ? -2.580  1.924   0.340   1.00 23.43 ? 189 VAL A N   1 
ATOM   1392 C  CA  . VAL A 1 189 ? -2.486  2.515   1.676   1.00 24.06 ? 189 VAL A CA  1 
ATOM   1393 C  C   . VAL A 1 189 ? -3.793  2.477   2.463   1.00 24.19 ? 189 VAL A C   1 
ATOM   1394 O  O   . VAL A 1 189 ? -3.793  2.495   3.692   1.00 24.01 ? 189 VAL A O   1 
ATOM   1395 C  CB  . VAL A 1 189 ? -2.044  3.999   1.593   1.00 24.07 ? 189 VAL A CB  1 
ATOM   1396 C  CG1 . VAL A 1 189 ? -0.788  4.125   0.748   1.00 24.22 ? 189 VAL A CG1 1 
ATOM   1397 C  CG2 . VAL A 1 189 ? -3.164  4.845   1.005   1.00 23.82 ? 189 VAL A CG2 1 
ATOM   1398 N  N   . LEU A 1 190 ? -4.899  2.417   1.734   1.00 24.70 ? 190 LEU A N   1 
ATOM   1399 C  CA  . LEU A 1 190 ? -6.241  2.426   2.303   1.00 25.26 ? 190 LEU A CA  1 
ATOM   1400 C  C   . LEU A 1 190 ? -6.644  1.309   3.277   1.00 25.40 ? 190 LEU A C   1 
ATOM   1401 O  O   . LEU A 1 190 ? -7.336  1.568   4.261   1.00 25.40 ? 190 LEU A O   1 
ATOM   1402 C  CB  . LEU A 1 190 ? -7.251  2.473   1.152   1.00 25.80 ? 190 LEU A CB  1 
ATOM   1403 C  CG  . LEU A 1 190 ? -8.694  2.908   1.403   1.00 27.01 ? 190 LEU A CG  1 
ATOM   1404 C  CD1 . LEU A 1 190 ? -8.723  4.350   1.899   1.00 26.83 ? 190 LEU A CD1 1 
ATOM   1405 C  CD2 . LEU A 1 190 ? -9.486  2.780   0.105   1.00 27.28 ? 190 LEU A CD2 1 
ATOM   1406 N  N   . PHE A 1 191 ? -6.206  0.080   3.022   1.00 25.38 ? 191 PHE A N   1 
ATOM   1407 C  CA  . PHE A 1 191 ? -6.616  -1.047  3.860   1.00 25.67 ? 191 PHE A CA  1 
ATOM   1408 C  C   . PHE A 1 191 ? -5.647  -1.613  4.894   1.00 25.71 ? 191 PHE A C   1 
ATOM   1409 O  O   . PHE A 1 191 ? -5.960  -2.604  5.556   1.00 25.82 ? 191 PHE A O   1 
ATOM   1410 C  CB  . PHE A 1 191 ? -7.091  -2.179  2.950   1.00 25.89 ? 191 PHE A CB  1 
ATOM   1411 C  CG  . PHE A 1 191 ? -8.085  -1.734  1.920   1.00 26.47 ? 191 PHE A CG  1 
ATOM   1412 C  CD1 . PHE A 1 191 ? -9.327  -1.243  2.306   1.00 26.67 ? 191 PHE A CD1 1 
ATOM   1413 C  CD2 . PHE A 1 191 ? -7.768  -1.773  0.565   1.00 26.82 ? 191 PHE A CD2 1 
ATOM   1414 C  CE1 . PHE A 1 191 ? -10.242 -0.787  1.358   1.00 26.91 ? 191 PHE A CE1 1 
ATOM   1415 C  CE2 . PHE A 1 191 ? -8.674  -1.320  -0.392  1.00 26.85 ? 191 PHE A CE2 1 
ATOM   1416 C  CZ  . PHE A 1 191 ? -9.915  -0.827  0.006   1.00 27.16 ? 191 PHE A CZ  1 
ATOM   1417 N  N   . GLN A 1 192 ? -4.483  -0.997  5.048   1.00 25.58 ? 192 GLN A N   1 
ATOM   1418 C  CA  . GLN A 1 192 ? -3.518  -1.500  6.014   1.00 25.11 ? 192 GLN A CA  1 
ATOM   1419 C  C   . GLN A 1 192 ? -4.011  -1.449  7.462   1.00 24.03 ? 192 GLN A C   1 
ATOM   1420 O  O   . GLN A 1 192 ? -3.923  -2.443  8.185   1.00 23.58 ? 192 GLN A O   1 
ATOM   1421 C  CB  . GLN A 1 192 ? -2.192  -0.749  5.880   1.00 26.17 ? 192 GLN A CB  1 
ATOM   1422 C  CG  . GLN A 1 192 ? -1.433  -1.093  4.611   1.00 28.00 ? 192 GLN A CG  1 
ATOM   1423 C  CD  . GLN A 1 192 ? -0.113  -0.355  4.504   1.00 29.05 ? 192 GLN A CD  1 
ATOM   1424 O  OE1 . GLN A 1 192 ? 0.693   -0.365  5.434   1.00 30.75 ? 192 GLN A OE1 1 
ATOM   1425 N  NE2 . GLN A 1 192 ? 0.116   0.283   3.364   1.00 29.92 ? 192 GLN A NE2 1 
ATOM   1426 N  N   . PRO A 1 193 ? -4.546  -0.298  7.903   1.00 23.09 ? 193 PRO A N   1 
ATOM   1427 C  CA  . PRO A 1 193 ? -5.042  -0.162  9.279   1.00 22.27 ? 193 PRO A CA  1 
ATOM   1428 C  C   . PRO A 1 193 ? -6.179  -1.110  9.676   1.00 21.46 ? 193 PRO A C   1 
ATOM   1429 O  O   . PRO A 1 193 ? -6.174  -1.667  10.776  1.00 21.15 ? 193 PRO A O   1 
ATOM   1430 C  CB  . PRO A 1 193 ? -5.465  1.304   9.348   1.00 22.51 ? 193 PRO A CB  1 
ATOM   1431 C  CG  . PRO A 1 193 ? -4.519  1.967   8.379   1.00 22.47 ? 193 PRO A CG  1 
ATOM   1432 C  CD  . PRO A 1 193 ? -4.559  1.008   7.220   1.00 22.88 ? 193 PRO A CD  1 
ATOM   1433 N  N   . VAL A 1 194 ? -7.153  -1.291  8.794   1.00 20.61 ? 194 VAL A N   1 
ATOM   1434 C  CA  . VAL A 1 194 ? -8.273  -2.177  9.101   1.00 20.41 ? 194 VAL A CA  1 
ATOM   1435 C  C   . VAL A 1 194 ? -7.834  -3.641  9.065   1.00 20.30 ? 194 VAL A C   1 
ATOM   1436 O  O   . VAL A 1 194 ? -8.333  -4.472  9.828   1.00 20.69 ? 194 VAL A O   1 
ATOM   1437 C  CB  . VAL A 1 194 ? -9.452  -1.964  8.113   1.00 20.03 ? 194 VAL A CB  1 
ATOM   1438 C  CG1 . VAL A 1 194 ? -9.093  -2.491  6.734   1.00 19.88 ? 194 VAL A CG1 1 
ATOM   1439 C  CG2 . VAL A 1 194 ? -10.697 -2.636  8.640   1.00 20.60 ? 194 VAL A CG2 1 
ATOM   1440 N  N   . LEU A 1 195 ? -6.891  -3.951  8.182   1.00 19.97 ? 195 LEU A N   1 
ATOM   1441 C  CA  . LEU A 1 195 ? -6.388  -5.313  8.058   1.00 19.97 ? 195 LEU A CA  1 
ATOM   1442 C  C   . LEU A 1 195 ? -5.523  -5.684  9.248   1.00 19.38 ? 195 LEU A C   1 
ATOM   1443 O  O   . LEU A 1 195 ? -5.529  -6.830  9.694   1.00 19.33 ? 195 LEU A O   1 
ATOM   1444 C  CB  . LEU A 1 195 ? -5.603  -5.474  6.752   1.00 20.52 ? 195 LEU A CB  1 
ATOM   1445 C  CG  . LEU A 1 195 ? -6.390  -6.054  5.567   1.00 21.32 ? 195 LEU A CG  1 
ATOM   1446 C  CD1 . LEU A 1 195 ? -7.884  -5.828  5.740   1.00 22.01 ? 195 LEU A CD1 1 
ATOM   1447 C  CD2 . LEU A 1 195 ? -5.888  -5.422  4.276   1.00 21.39 ? 195 LEU A CD2 1 
ATOM   1448 N  N   . ARG A 1 196 ? -4.780  -4.710  9.761   1.00 19.20 ? 196 ARG A N   1 
ATOM   1449 C  CA  . ARG A 1 196 ? -3.932  -4.937  10.918  1.00 19.01 ? 196 ARG A CA  1 
ATOM   1450 C  C   . ARG A 1 196 ? -4.838  -5.186  12.111  1.00 18.13 ? 196 ARG A C   1 
ATOM   1451 O  O   . ARG A 1 196 ? -4.596  -6.092  12.911  1.00 17.72 ? 196 ARG A O   1 
ATOM   1452 C  CB  . ARG A 1 196 ? -3.052  -3.716  11.186  1.00 19.76 ? 196 ARG A CB  1 
ATOM   1453 C  CG  . ARG A 1 196 ? -2.390  -3.711  12.559  1.00 21.58 ? 196 ARG A CG  1 
ATOM   1454 C  CD  . ARG A 1 196 ? -1.388  -2.571  12.695  1.00 22.92 ? 196 ARG A CD  1 
ATOM   1455 N  NE  . ARG A 1 196 ? -0.702  -2.599  13.986  1.00 24.97 ? 196 ARG A NE  1 
ATOM   1456 C  CZ  . ARG A 1 196 ? -1.151  -2.012  15.092  1.00 25.47 ? 196 ARG A CZ  1 
ATOM   1457 N  NH1 . ARG A 1 196 ? -0.455  -2.103  16.218  1.00 25.99 ? 196 ARG A NH1 1 
ATOM   1458 N  NH2 . ARG A 1 196 ? -2.282  -1.317  15.070  1.00 25.78 ? 196 ARG A NH2 1 
ATOM   1459 N  N   . ALA A 1 197 ? -5.885  -4.371  12.215  1.00 17.81 ? 197 ALA A N   1 
ATOM   1460 C  CA  . ALA A 1 197 ? -6.843  -4.477  13.305  1.00 17.32 ? 197 ALA A CA  1 
ATOM   1461 C  C   . ALA A 1 197 ? -7.531  -5.834  13.287  1.00 17.51 ? 197 ALA A C   1 
ATOM   1462 O  O   . ALA A 1 197 ? -7.656  -6.488  14.324  1.00 17.23 ? 197 ALA A O   1 
ATOM   1463 C  CB  . ALA A 1 197 ? -7.880  -3.371  13.198  1.00 17.46 ? 197 ALA A CB  1 
ATOM   1464 N  N   . LEU A 1 198 ? -7.975  -6.253  12.105  1.00 17.33 ? 198 LEU A N   1 
ATOM   1465 C  CA  . LEU A 1 198 ? -8.647  -7.537  11.959  1.00 17.75 ? 198 LEU A CA  1 
ATOM   1466 C  C   . LEU A 1 198 ? -7.731  -8.676  12.363  1.00 17.82 ? 198 LEU A C   1 
ATOM   1467 O  O   . LEU A 1 198 ? -8.156  -9.609  13.038  1.00 17.42 ? 198 LEU A O   1 
ATOM   1468 C  CB  . LEU A 1 198 ? -9.126  -7.736  10.514  1.00 17.97 ? 198 LEU A CB  1 
ATOM   1469 C  CG  . LEU A 1 198 ? -10.409 -7.000  10.109  1.00 18.84 ? 198 LEU A CG  1 
ATOM   1470 C  CD1 . LEU A 1 198 ? -10.690 -7.207  8.626   1.00 18.69 ? 198 LEU A CD1 1 
ATOM   1471 C  CD2 . LEU A 1 198 ? -11.572 -7.521  10.946  1.00 19.35 ? 198 LEU A CD2 1 
ATOM   1472 N  N   . HIS A 1 199 ? -6.471  -8.600  11.955  1.00 18.64 ? 199 HIS A N   1 
ATOM   1473 C  CA  . HIS A 1 199 ? -5.523  -9.651  12.303  1.00 19.59 ? 199 HIS A CA  1 
ATOM   1474 C  C   . HIS A 1 199 ? -5.262  -9.669  13.802  1.00 19.44 ? 199 HIS A C   1 
ATOM   1475 O  O   . HIS A 1 199 ? -5.267  -10.732 14.422  1.00 19.50 ? 199 HIS A O   1 
ATOM   1476 C  CB  . HIS A 1 199 ? -4.203  -9.470  11.550  1.00 20.39 ? 199 HIS A CB  1 
ATOM   1477 C  CG  . HIS A 1 199 ? -3.136  -10.435 11.966  1.00 21.74 ? 199 HIS A CG  1 
ATOM   1478 N  ND1 . HIS A 1 199 ? -2.054  -10.063 12.735  1.00 22.61 ? 199 HIS A ND1 1 
ATOM   1479 C  CD2 . HIS A 1 199 ? -3.009  -11.766 11.756  1.00 22.49 ? 199 HIS A CD2 1 
ATOM   1480 C  CE1 . HIS A 1 199 ? -1.306  -11.124 12.981  1.00 23.08 ? 199 HIS A CE1 1 
ATOM   1481 N  NE2 . HIS A 1 199 ? -1.864  -12.171 12.400  1.00 22.93 ? 199 HIS A NE2 1 
ATOM   1482 N  N   . ARG A 1 200 ? -5.038  -8.498  14.386  1.00 19.42 ? 200 ARG A N   1 
ATOM   1483 C  CA  . ARG A 1 200 ? -4.774  -8.423  15.816  1.00 19.61 ? 200 ARG A CA  1 
ATOM   1484 C  C   . ARG A 1 200 ? -5.961  -8.937  16.625  1.00 19.21 ? 200 ARG A C   1 
ATOM   1485 O  O   . ARG A 1 200 ? -5.782  -9.610  17.642  1.00 19.76 ? 200 ARG A O   1 
ATOM   1486 C  CB  . ARG A 1 200 ? -4.452  -6.979  16.236  1.00 19.56 ? 200 ARG A CB  1 
ATOM   1487 C  CG  . ARG A 1 200 ? -3.120  -6.457  15.715  1.00 20.22 ? 200 ARG A CG  1 
ATOM   1488 C  CD  . ARG A 1 200 ? -2.879  -5.034  16.186  1.00 20.89 ? 200 ARG A CD  1 
ATOM   1489 N  NE  . ARG A 1 200 ? -2.640  -4.959  17.624  1.00 21.62 ? 200 ARG A NE  1 
ATOM   1490 C  CZ  . ARG A 1 200 ? -3.010  -3.936  18.388  1.00 22.32 ? 200 ARG A CZ  1 
ATOM   1491 N  NH1 . ARG A 1 200 ? -3.644  -2.902  17.851  1.00 22.53 ? 200 ARG A NH1 1 
ATOM   1492 N  NH2 . ARG A 1 200 ? -2.742  -3.942  19.687  1.00 22.28 ? 200 ARG A NH2 1 
ATOM   1493 N  N   . LEU A 1 201 ? -7.171  -8.623  16.177  1.00 18.93 ? 201 LEU A N   1 
ATOM   1494 C  CA  . LEU A 1 201 ? -8.370  -9.060  16.881  1.00 19.05 ? 201 LEU A CA  1 
ATOM   1495 C  C   . LEU A 1 201 ? -8.572  -10.564 16.692  1.00 19.20 ? 201 LEU A C   1 
ATOM   1496 O  O   . LEU A 1 201 ? -9.051  -11.250 17.592  1.00 18.79 ? 201 LEU A O   1 
ATOM   1497 C  CB  . LEU A 1 201 ? -9.594  -8.290  16.369  1.00 18.71 ? 201 LEU A CB  1 
ATOM   1498 C  CG  . LEU A 1 201 ? -10.933 -8.494  17.083  1.00 18.52 ? 201 LEU A CG  1 
ATOM   1499 C  CD1 . LEU A 1 201 ? -10.817 -8.101  18.547  1.00 19.15 ? 201 LEU A CD1 1 
ATOM   1500 C  CD2 . LEU A 1 201 ? -11.996 -7.656  16.403  1.00 18.73 ? 201 LEU A CD2 1 
ATOM   1501 N  N   . ALA A 1 202 ? -8.195  -11.072 15.523  1.00 19.40 ? 202 ALA A N   1 
ATOM   1502 C  CA  . ALA A 1 202 ? -8.328  -12.500 15.238  1.00 19.91 ? 202 ALA A CA  1 
ATOM   1503 C  C   . ALA A 1 202 ? -7.391  -13.284 16.154  1.00 20.01 ? 202 ALA A C   1 
ATOM   1504 O  O   . ALA A 1 202 ? -7.746  -14.340 16.672  1.00 20.12 ? 202 ALA A O   1 
ATOM   1505 C  CB  . ALA A 1 202 ? -7.993  -12.782 13.776  1.00 19.69 ? 202 ALA A CB  1 
ATOM   1506 N  N   . GLN A 1 203 ? -6.186  -12.761 16.347  1.00 20.22 ? 203 GLN A N   1 
ATOM   1507 C  CA  . GLN A 1 203 ? -5.223  -13.414 17.220  1.00 20.89 ? 203 GLN A CA  1 
ATOM   1508 C  C   . GLN A 1 203 ? -5.770  -13.402 18.641  1.00 20.19 ? 203 GLN A C   1 
ATOM   1509 O  O   . GLN A 1 203 ? -5.667  -14.391 19.365  1.00 20.98 ? 203 GLN A O   1 
ATOM   1510 C  CB  . GLN A 1 203 ? -3.881  -12.683 17.195  1.00 22.01 ? 203 GLN A CB  1 
ATOM   1511 C  CG  . GLN A 1 203 ? -3.140  -12.743 15.876  1.00 24.67 ? 203 GLN A CG  1 
ATOM   1512 C  CD  . GLN A 1 203 ? -1.715  -12.244 16.004  1.00 25.89 ? 203 GLN A CD  1 
ATOM   1513 O  OE1 . GLN A 1 203 ? -1.463  -11.188 16.592  1.00 26.68 ? 203 GLN A OE1 1 
ATOM   1514 N  NE2 . GLN A 1 203 ? -0.769  -12.997 15.447  1.00 26.61 ? 203 GLN A NE2 1 
ATOM   1515 N  N   . GLU A 1 204 ? -6.350  -12.274 19.036  1.00 19.30 ? 204 GLU A N   1 
ATOM   1516 C  CA  . GLU A 1 204 ? -6.903  -12.147 20.377  1.00 18.39 ? 204 GLU A CA  1 
ATOM   1517 C  C   . GLU A 1 204 ? -8.023  -13.164 20.582  1.00 17.50 ? 204 GLU A C   1 
ATOM   1518 O  O   . GLU A 1 204 ? -8.038  -13.879 21.576  1.00 16.42 ? 204 GLU A O   1 
ATOM   1519 C  CB  . GLU A 1 204 ? -7.431  -10.726 20.611  1.00 18.61 ? 204 GLU A CB  1 
ATOM   1520 C  CG  . GLU A 1 204 ? -7.719  -10.432 22.080  1.00 19.45 ? 204 GLU A CG  1 
ATOM   1521 C  CD  . GLU A 1 204 ? -7.985  -8.962  22.354  1.00 19.77 ? 204 GLU A CD  1 
ATOM   1522 O  OE1 . GLU A 1 204 ? -9.162  -8.545  22.313  1.00 19.70 ? 204 GLU A OE1 1 
ATOM   1523 O  OE2 . GLU A 1 204 ? -7.012  -8.220  22.608  1.00 19.69 ? 204 GLU A OE2 1 
ATOM   1524 N  N   . GLU A 1 205 ? -8.957  -13.222 19.637  1.00 17.73 ? 205 GLU A N   1 
ATOM   1525 C  CA  . GLU A 1 205 ? -10.067 -14.169 19.710  1.00 17.55 ? 205 GLU A CA  1 
ATOM   1526 C  C   . GLU A 1 205 ? -9.549  -15.601 19.817  1.00 17.79 ? 205 GLU A C   1 
ATOM   1527 O  O   . GLU A 1 205 ? -9.974  -16.354 20.692  1.00 17.85 ? 205 GLU A O   1 
ATOM   1528 C  CB  . GLU A 1 205 ? -10.951 -14.045 18.467  1.00 18.05 ? 205 GLU A CB  1 
ATOM   1529 C  CG  . GLU A 1 205 ? -11.962 -15.180 18.292  1.00 18.42 ? 205 GLU A CG  1 
ATOM   1530 C  CD  . GLU A 1 205 ? -13.116 -15.124 19.280  1.00 19.14 ? 205 GLU A CD  1 
ATOM   1531 O  OE1 . GLU A 1 205 ? -13.867 -16.118 19.363  1.00 18.71 ? 205 GLU A OE1 1 
ATOM   1532 O  OE2 . GLU A 1 205 ? -13.281 -14.093 19.967  1.00 19.42 ? 205 GLU A OE2 1 
ATOM   1533 N  N   . GLU A 1 206 ? -8.627  -15.971 18.933  1.00 17.76 ? 206 GLU A N   1 
ATOM   1534 C  CA  . GLU A 1 206 ? -8.076  -17.321 18.943  1.00 18.36 ? 206 GLU A CA  1 
ATOM   1535 C  C   . GLU A 1 206 ? -7.266  -17.592 20.213  1.00 18.13 ? 206 GLU A C   1 
ATOM   1536 O  O   . GLU A 1 206 ? -7.306  -18.698 20.759  1.00 17.92 ? 206 GLU A O   1 
ATOM   1537 C  CB  . GLU A 1 206 ? -7.208  -17.553 17.704  1.00 18.55 ? 206 GLU A CB  1 
ATOM   1538 C  CG  . GLU A 1 206 ? -6.710  -18.985 17.566  1.00 19.89 ? 206 GLU A CG  1 
ATOM   1539 C  CD  . GLU A 1 206 ? -7.837  -19.980 17.320  1.00 21.01 ? 206 GLU A CD  1 
ATOM   1540 O  OE1 . GLU A 1 206 ? -7.570  -21.200 17.354  1.00 21.35 ? 206 GLU A OE1 1 
ATOM   1541 O  OE2 . GLU A 1 206 ? -8.987  -19.550 17.086  1.00 20.68 ? 206 GLU A OE2 1 
ATOM   1542 N  N   . SER A 1 207 ? -6.529  -16.588 20.680  1.00 17.70 ? 207 SER A N   1 
ATOM   1543 C  CA  . SER A 1 207 ? -5.746  -16.750 21.902  1.00 17.08 ? 207 SER A CA  1 
ATOM   1544 C  C   . SER A 1 207 ? -6.697  -16.979 23.073  1.00 16.83 ? 207 SER A C   1 
ATOM   1545 O  O   . SER A 1 207 ? -6.376  -17.700 24.015  1.00 16.47 ? 207 SER A O   1 
ATOM   1546 C  CB  . SER A 1 207 ? -4.895  -15.510 22.175  1.00 16.97 ? 207 SER A CB  1 
ATOM   1547 O  OG  . SER A 1 207 ? -3.829  -15.416 21.252  1.00 16.33 ? 207 SER A OG  1 
ATOM   1548 N  N   . ALA A 1 208 ? -7.871  -16.360 23.011  1.00 17.22 ? 208 ALA A N   1 
ATOM   1549 C  CA  . ALA A 1 208 ? -8.865  -16.514 24.065  1.00 17.50 ? 208 ALA A CA  1 
ATOM   1550 C  C   . ALA A 1 208 ? -9.388  -17.953 24.080  1.00 17.84 ? 208 ALA A C   1 
ATOM   1551 O  O   . ALA A 1 208 ? -9.538  -18.561 25.139  1.00 17.65 ? 208 ALA A O   1 
ATOM   1552 C  CB  . ALA A 1 208 ? -10.019 -15.534 23.845  1.00 17.00 ? 208 ALA A CB  1 
ATOM   1553 N  N   . ARG A 1 209 ? -9.655  -18.498 22.896  1.00 18.48 ? 209 ARG A N   1 
ATOM   1554 C  CA  . ARG A 1 209 ? -10.168 -19.861 22.786  1.00 19.29 ? 209 ARG A CA  1 
ATOM   1555 C  C   . ARG A 1 209 ? -9.163  -20.903 23.263  1.00 19.13 ? 209 ARG A C   1 
ATOM   1556 O  O   . ARG A 1 209 ? -9.503  -21.800 24.030  1.00 20.17 ? 209 ARG A O   1 
ATOM   1557 C  CB  . ARG A 1 209 ? -10.548 -20.173 21.337  1.00 20.30 ? 209 ARG A CB  1 
ATOM   1558 C  CG  . ARG A 1 209 ? -11.561 -19.222 20.729  1.00 21.99 ? 209 ARG A CG  1 
ATOM   1559 C  CD  . ARG A 1 209 ? -12.079 -19.753 19.404  1.00 22.97 ? 209 ARG A CD  1 
ATOM   1560 N  NE  . ARG A 1 209 ? -12.981 -18.808 18.758  1.00 24.10 ? 209 ARG A NE  1 
ATOM   1561 C  CZ  . ARG A 1 209 ? -13.691 -19.077 17.669  1.00 24.63 ? 209 ARG A CZ  1 
ATOM   1562 N  NH1 . ARG A 1 209 ? -14.483 -18.152 17.150  1.00 25.07 ? 209 ARG A NH1 1 
ATOM   1563 N  NH2 . ARG A 1 209 ? -13.613 -20.275 17.106  1.00 25.39 ? 209 ARG A NH2 1 
ATOM   1564 N  N   . ARG A 1 210 ? -7.921  -20.770 22.812  1.00 18.65 ? 210 ARG A N   1 
ATOM   1565 C  CA  . ARG A 1 210 ? -6.865  -21.714 23.159  1.00 18.41 ? 210 ARG A CA  1 
ATOM   1566 C  C   . ARG A 1 210 ? -6.238  -21.586 24.543  1.00 18.57 ? 210 ARG A C   1 
ATOM   1567 O  O   . ARG A 1 210 ? -5.952  -22.592 25.186  1.00 18.14 ? 210 ARG A O   1 
ATOM   1568 C  CB  . ARG A 1 210 ? -5.733  -21.638 22.132  1.00 18.22 ? 210 ARG A CB  1 
ATOM   1569 C  CG  . ARG A 1 210 ? -6.144  -21.915 20.706  1.00 18.72 ? 210 ARG A CG  1 
ATOM   1570 C  CD  . ARG A 1 210 ? -4.917  -22.160 19.847  1.00 18.79 ? 210 ARG A CD  1 
ATOM   1571 N  NE  . ARG A 1 210 ? -5.256  -22.328 18.440  1.00 18.57 ? 210 ARG A NE  1 
ATOM   1572 C  CZ  . ARG A 1 210 ? -4.395  -22.725 17.510  1.00 18.96 ? 210 ARG A CZ  1 
ATOM   1573 N  NH1 . ARG A 1 210 ? -4.788  -22.847 16.249  1.00 18.70 ? 210 ARG A NH1 1 
ATOM   1574 N  NH2 . ARG A 1 210 ? -3.145  -23.010 17.843  1.00 18.72 ? 210 ARG A NH2 1 
ATOM   1575 N  N   . TYR A 1 211 ? -6.013  -20.361 25.002  1.00 18.39 ? 211 TYR A N   1 
ATOM   1576 C  CA  . TYR A 1 211 ? -5.356  -20.169 26.290  1.00 18.77 ? 211 TYR A CA  1 
ATOM   1577 C  C   . TYR A 1 211 ? -6.238  -19.599 27.393  1.00 19.06 ? 211 TYR A C   1 
ATOM   1578 O  O   . TYR A 1 211 ? -6.023  -19.880 28.571  1.00 18.87 ? 211 TYR A O   1 
ATOM   1579 C  CB  . TYR A 1 211 ? -4.124  -19.292 26.085  1.00 18.65 ? 211 TYR A CB  1 
ATOM   1580 C  CG  . TYR A 1 211 ? -3.375  -19.647 24.818  1.00 18.89 ? 211 TYR A CG  1 
ATOM   1581 C  CD1 . TYR A 1 211 ? -2.961  -20.960 24.572  1.00 19.01 ? 211 TYR A CD1 1 
ATOM   1582 C  CD2 . TYR A 1 211 ? -3.140  -18.688 23.837  1.00 18.61 ? 211 TYR A CD2 1 
ATOM   1583 C  CE1 . TYR A 1 211 ? -2.337  -21.307 23.370  1.00 18.76 ? 211 TYR A CE1 1 
ATOM   1584 C  CE2 . TYR A 1 211 ? -2.515  -19.023 22.633  1.00 19.00 ? 211 TYR A CE2 1 
ATOM   1585 C  CZ  . TYR A 1 211 ? -2.120  -20.334 22.407  1.00 18.94 ? 211 TYR A CZ  1 
ATOM   1586 O  OH  . TYR A 1 211 ? -1.517  -20.666 21.217  1.00 18.91 ? 211 TYR A OH  1 
ATOM   1587 N  N   . GLY A 1 212 ? -7.223  -18.795 27.012  1.00 19.64 ? 212 GLY A N   1 
ATOM   1588 C  CA  . GLY A 1 212 ? -8.125  -18.230 27.994  1.00 19.48 ? 212 GLY A CA  1 
ATOM   1589 C  C   . GLY A 1 212 ? -7.862  -16.787 28.371  1.00 19.78 ? 212 GLY A C   1 
ATOM   1590 O  O   . GLY A 1 212 ? -6.793  -16.442 28.869  1.00 19.08 ? 212 GLY A O   1 
ATOM   1591 N  N   . ILE A 1 213 ? -8.858  -15.945 28.126  1.00 20.35 ? 213 ILE A N   1 
ATOM   1592 C  CA  . ILE A 1 213 ? -8.785  -14.528 28.456  1.00 20.83 ? 213 ILE A CA  1 
ATOM   1593 C  C   . ILE A 1 213 ? -10.137 -14.123 29.030  1.00 21.89 ? 213 ILE A C   1 
ATOM   1594 O  O   . ILE A 1 213 ? -11.176 -14.366 28.413  1.00 21.25 ? 213 ILE A O   1 
ATOM   1595 C  CB  . ILE A 1 213 ? -8.506  -13.660 27.211  1.00 20.25 ? 213 ILE A CB  1 
ATOM   1596 C  CG1 . ILE A 1 213 ? -7.143  -14.012 26.619  1.00 19.38 ? 213 ILE A CG1 1 
ATOM   1597 C  CG2 . ILE A 1 213 ? -8.562  -12.177 27.590  1.00 19.79 ? 213 ILE A CG2 1 
ATOM   1598 C  CD1 . ILE A 1 213 ? -6.834  -13.272 25.329  1.00 18.84 ? 213 ILE A CD1 1 
ATOM   1599 N  N   . GLU A 1 214 ? -10.119 -13.523 30.218  1.00 23.28 ? 214 GLU A N   1 
ATOM   1600 C  CA  . GLU A 1 214 ? -11.342 -13.075 30.880  1.00 24.77 ? 214 GLU A CA  1 
ATOM   1601 C  C   . GLU A 1 214 ? -11.157 -11.678 31.434  1.00 25.47 ? 214 GLU A C   1 
ATOM   1602 O  O   . GLU A 1 214 ? -10.033 -11.252 31.700  1.00 24.95 ? 214 GLU A O   1 
ATOM   1603 C  CB  . GLU A 1 214 ? -11.694 -13.959 32.081  1.00 25.23 ? 214 GLU A CB  1 
ATOM   1604 C  CG  . GLU A 1 214 ? -11.924 -15.421 31.816  1.00 26.61 ? 214 GLU A CG  1 
ATOM   1605 C  CD  . GLU A 1 214 ? -12.337 -16.140 33.085  1.00 26.74 ? 214 GLU A CD  1 
ATOM   1606 O  OE1 . GLU A 1 214 ? -13.446 -15.867 33.590  1.00 27.20 ? 214 GLU A OE1 1 
ATOM   1607 O  OE2 . GLU A 1 214 ? -11.553 -16.967 33.588  1.00 27.96 ? 214 GLU A OE2 1 
ATOM   1608 N  N   . LEU A 1 215 ? -12.269 -10.977 31.623  1.00 26.45 ? 215 LEU A N   1 
ATOM   1609 C  CA  . LEU A 1 215 ? -12.226 -9.652  32.217  1.00 27.63 ? 215 LEU A CA  1 
ATOM   1610 C  C   . LEU A 1 215 ? -12.359 -9.967  33.704  1.00 28.75 ? 215 LEU A C   1 
ATOM   1611 O  O   . LEU A 1 215 ? -12.915 -11.006 34.059  1.00 28.18 ? 215 LEU A O   1 
ATOM   1612 C  CB  . LEU A 1 215 ? -13.419 -8.812  31.760  1.00 27.59 ? 215 LEU A CB  1 
ATOM   1613 C  CG  . LEU A 1 215 ? -13.647 -8.623  30.258  1.00 27.37 ? 215 LEU A CG  1 
ATOM   1614 C  CD1 . LEU A 1 215 ? -14.836 -7.694  30.053  1.00 27.47 ? 215 LEU A CD1 1 
ATOM   1615 C  CD2 . LEU A 1 215 ? -12.398 -8.056  29.600  1.00 27.33 ? 215 LEU A CD2 1 
ATOM   1616 N  N   . GLU A 1 216 ? -11.845 -9.102  34.574  1.00 30.16 ? 216 GLU A N   1 
ATOM   1617 C  CA  . GLU A 1 216 ? -11.958 -9.354  36.008  1.00 31.96 ? 216 GLU A CA  1 
ATOM   1618 C  C   . GLU A 1 216 ? -13.413 -9.267  36.470  1.00 32.19 ? 216 GLU A C   1 
ATOM   1619 O  O   . GLU A 1 216 ? -14.226 -8.649  35.752  1.00 32.13 ? 216 GLU A O   1 
ATOM   1620 C  CB  . GLU A 1 216 ? -11.119 -8.353  36.804  1.00 32.97 ? 216 GLU A CB  1 
ATOM   1621 C  CG  . GLU A 1 216 ? -9.633  -8.631  36.786  1.00 34.87 ? 216 GLU A CG  1 
ATOM   1622 C  CD  . GLU A 1 216 ? -8.865  -7.681  37.681  1.00 36.34 ? 216 GLU A CD  1 
ATOM   1623 O  OE1 . GLU A 1 216 ? -9.189  -7.609  38.888  1.00 36.85 ? 216 GLU A OE1 1 
ATOM   1624 O  OE2 . GLU A 1 216 ? -7.936  -7.008  37.182  1.00 37.34 ? 216 GLU A OE2 1 
HETATM 1625 O  O   . HOH B 2 .   ? -16.094 5.666   -9.456  1.00 18.31 ? 223 HOH A O   1 
HETATM 1626 O  O   . HOH B 2 .   ? -1.975  -13.478 21.166  1.00 16.86 ? 224 HOH A O   1 
HETATM 1627 O  O   . HOH B 2 .   ? -3.430  22.794  -9.359  1.00 29.48 ? 225 HOH A O   1 
HETATM 1628 O  O   . HOH B 2 .   ? -2.672  -17.346 -8.650  1.00 35.32 ? 226 HOH A O   1 
HETATM 1629 O  O   . HOH B 2 .   ? 9.769   -8.885  11.440  1.00 16.86 ? 227 HOH A O   1 
HETATM 1630 O  O   . HOH B 2 .   ? 9.191   6.769   -7.329  1.00 26.09 ? 228 HOH A O   1 
HETATM 1631 O  O   . HOH B 2 .   ? -7.861  0.713   6.857   1.00 19.67 ? 229 HOH A O   1 
HETATM 1632 O  O   . HOH B 2 .   ? 3.572   15.272  -13.167 1.00 29.57 ? 230 HOH A O   1 
HETATM 1633 O  O   . HOH B 2 .   ? -4.344  -8.479  22.205  1.00 15.37 ? 231 HOH A O   1 
HETATM 1634 O  O   . HOH B 2 .   ? 9.312   -7.462  -5.940  1.00 17.39 ? 232 HOH A O   1 
HETATM 1635 O  O   . HOH B 2 .   ? -8.146  4.137   -16.174 1.00 29.57 ? 233 HOH A O   1 
HETATM 1636 O  O   . HOH B 2 .   ? -3.230  -20.559 2.510   1.00 27.10 ? 234 HOH A O   1 
HETATM 1637 O  O   . HOH B 2 .   ? -21.363 14.945  -12.198 1.00 24.61 ? 235 HOH A O   1 
HETATM 1638 O  O   . HOH B 2 .   ? -19.613 4.071   -5.700  1.00 26.67 ? 236 HOH A O   1 
HETATM 1639 O  O   . HOH B 2 .   ? -7.836  -9.744  31.486  1.00 24.42 ? 237 HOH A O   1 
HETATM 1640 O  O   . HOH B 2 .   ? -4.782  -2.592  15.032  1.00 20.03 ? 238 HOH A O   1 
HETATM 1641 O  O   . HOH B 2 .   ? 14.384  -4.172  -3.905  1.00 25.32 ? 239 HOH A O   1 
HETATM 1642 O  O   . HOH B 2 .   ? -14.708 -12.020 30.527  1.00 23.01 ? 240 HOH A O   1 
HETATM 1643 O  O   . HOH B 2 .   ? 3.334   1.767   -20.059 1.00 25.09 ? 241 HOH A O   1 
HETATM 1644 O  O   . HOH B 2 .   ? -16.114 11.333  -8.280  1.00 22.58 ? 242 HOH A O   1 
HETATM 1645 O  O   . HOH B 2 .   ? -0.492  0.791   -15.278 1.00 19.85 ? 243 HOH A O   1 
HETATM 1646 O  O   . HOH B 2 .   ? 10.194  6.405   1.911   1.00 48.39 ? 244 HOH A O   1 
HETATM 1647 O  O   . HOH B 2 .   ? -12.241 14.186  3.919   1.00 37.83 ? 245 HOH A O   1 
HETATM 1648 O  O   . HOH B 2 .   ? -5.031  -0.768  12.922  1.00 26.84 ? 246 HOH A O   1 
HETATM 1649 O  O   . HOH B 2 .   ? 8.835   -0.023  2.649   1.00 43.58 ? 247 HOH A O   1 
HETATM 1650 O  O   . HOH B 2 .   ? 23.400  -16.194 5.273   1.00 28.74 ? 248 HOH A O   1 
HETATM 1651 O  O   . HOH B 2 .   ? 4.681   1.170   -2.324  1.00 17.97 ? 249 HOH A O   1 
HETATM 1652 O  O   . HOH B 2 .   ? 14.806  -6.348  -1.881  1.00 28.68 ? 250 HOH A O   1 
HETATM 1653 O  O   . HOH B 2 .   ? 4.228   -24.914 2.144   1.00 29.90 ? 251 HOH A O   1 
HETATM 1654 O  O   . HOH B 2 .   ? -0.752  -16.683 -5.152  1.00 35.33 ? 252 HOH A O   1 
HETATM 1655 O  O   . HOH B 2 .   ? -11.247 8.323   -15.102 1.00 32.24 ? 253 HOH A O   1 
HETATM 1656 O  O   . HOH B 2 .   ? -3.417  -9.754  18.744  1.00 29.96 ? 254 HOH A O   1 
HETATM 1657 O  O   . HOH B 2 .   ? -5.502  -24.912 23.647  1.00 29.75 ? 255 HOH A O   1 
HETATM 1658 O  O   . HOH B 2 .   ? 1.252   -22.022 -2.775  1.00 29.23 ? 256 HOH A O   1 
HETATM 1659 O  O   . HOH B 2 .   ? -4.374  -17.020 -2.977  1.00 24.15 ? 257 HOH A O   1 
HETATM 1660 O  O   . HOH B 2 .   ? 11.249  3.380   -3.545  1.00 43.13 ? 258 HOH A O   1 
HETATM 1661 O  O   . HOH B 2 .   ? -15.954 -18.974 14.802  1.00 32.20 ? 259 HOH A O   1 
HETATM 1662 O  O   . HOH B 2 .   ? -19.146 21.964  -14.172 1.00 52.47 ? 260 HOH A O   1 
HETATM 1663 O  O   . HOH B 2 .   ? 6.970   8.757   -13.511 1.00 31.48 ? 261 HOH A O   1 
HETATM 1664 O  O   . HOH B 2 .   ? 7.233   -19.573 -10.265 1.00 32.85 ? 262 HOH A O   1 
HETATM 1665 O  O   . HOH B 2 .   ? 12.668  -5.963  -14.628 1.00 34.18 ? 263 HOH A O   1 
HETATM 1666 O  O   . HOH B 2 .   ? 13.143  -18.487 18.500  1.00 32.93 ? 264 HOH A O   1 
HETATM 1667 O  O   . HOH B 2 .   ? 6.200   2.190   4.972   1.00 34.40 ? 265 HOH A O   1 
HETATM 1668 O  O   . HOH B 2 .   ? 3.730   3.487   1.829   1.00 39.26 ? 266 HOH A O   1 
HETATM 1669 O  O   . HOH B 2 .   ? 9.007   -17.584 21.450  1.00 35.15 ? 267 HOH A O   1 
HETATM 1670 O  O   . HOH B 2 .   ? 8.633   9.949   -1.795  1.00 34.20 ? 268 HOH A O   1 
HETATM 1671 O  O   . HOH B 2 .   ? -10.391 -13.212 -2.844  1.00 31.68 ? 269 HOH A O   1 
HETATM 1672 O  O   . HOH B 2 .   ? 10.647  -6.472  11.980  1.00 18.01 ? 270 HOH A O   1 
HETATM 1673 O  O   . HOH B 2 .   ? -3.695  -0.969  2.012   1.00 27.83 ? 271 HOH A O   1 
HETATM 1674 O  O   . HOH B 2 .   ? -15.650 -17.240 20.982  1.00 29.11 ? 272 HOH A O   1 
HETATM 1675 O  O   . HOH B 2 .   ? -4.328  5.317   9.605   1.00 35.64 ? 273 HOH A O   1 
HETATM 1676 O  O   . HOH B 2 .   ? -8.628  12.221  -10.931 1.00 28.55 ? 274 HOH A O   1 
HETATM 1677 O  O   . HOH B 2 .   ? -1.815  2.826   5.425   1.00 41.21 ? 275 HOH A O   1 
HETATM 1678 O  O   . HOH B 2 .   ? 10.185  -23.404 9.583   1.00 36.86 ? 276 HOH A O   1 
HETATM 1679 O  O   . HOH B 2 .   ? -23.354 20.756  -3.352  1.00 36.11 ? 277 HOH A O   1 
HETATM 1680 O  O   . HOH B 2 .   ? -15.487 -10.086 0.033   1.00 54.93 ? 278 HOH A O   1 
HETATM 1681 O  O   . HOH B 2 .   ? 16.339  -18.513 11.625  1.00 38.96 ? 279 HOH A O   1 
HETATM 1682 O  O   . HOH B 2 .   ? -14.034 -7.502  -2.427  1.00 40.96 ? 280 HOH A O   1 
HETATM 1683 O  O   . HOH B 2 .   ? -8.126  -7.346  32.627  1.00 42.15 ? 281 HOH A O   1 
HETATM 1684 O  O   . HOH B 2 .   ? 12.483  3.996   -0.774  1.00 36.29 ? 282 HOH A O   1 
HETATM 1685 O  O   . HOH B 2 .   ? -2.580  0.873   12.395  1.00 36.79 ? 283 HOH A O   1 
HETATM 1686 O  O   . HOH B 2 .   ? 7.500   10.309  3.115   1.00 29.44 ? 284 HOH A O   1 
HETATM 1687 O  O   . HOH B 2 .   ? -9.889  8.984   -11.319 1.00 25.55 ? 285 HOH A O   1 
HETATM 1688 O  O   . HOH B 2 .   ? 13.357  -12.399 -5.105  1.00 28.97 ? 286 HOH A O   1 
HETATM 1689 O  O   . HOH B 2 .   ? -9.874  16.664  -13.861 1.00 47.07 ? 287 HOH A O   1 
HETATM 1690 O  O   . HOH B 2 .   ? 15.210  -23.395 4.953   1.00 44.76 ? 288 HOH A O   1 
HETATM 1691 O  O   . HOH B 2 .   ? 4.336   7.776   6.753   1.00 41.72 ? 289 HOH A O   1 
HETATM 1692 O  O   . HOH B 2 .   ? 1.634   -0.749  0.349   1.00 26.43 ? 290 HOH A O   1 
HETATM 1693 O  O   . HOH B 2 .   ? 14.774  -11.692 -10.675 1.00 32.15 ? 291 HOH A O   1 
HETATM 1694 O  O   . HOH B 2 .   ? -15.301 7.565   -16.210 1.00 38.76 ? 292 HOH A O   1 
HETATM 1695 O  O   . HOH B 2 .   ? -20.916 2.800   -2.984  1.00 61.91 ? 293 HOH A O   1 
HETATM 1696 O  O   . HOH B 2 .   ? -4.060  -2.221  -18.957 1.00 54.42 ? 294 HOH A O   1 
HETATM 1697 O  O   . HOH B 2 .   ? -2.033  17.947  -12.149 1.00 50.42 ? 295 HOH A O   1 
HETATM 1698 O  O   . HOH B 2 .   ? -0.353  16.526  -9.677  1.00 47.81 ? 296 HOH A O   1 
HETATM 1699 O  O   . HOH B 2 .   ? -4.311  -13.337 -9.099  1.00 39.11 ? 297 HOH A O   1 
HETATM 1700 O  O   . HOH B 2 .   ? 3.393   16.982  5.738   1.00 34.08 ? 298 HOH A O   1 
HETATM 1701 O  O   . HOH B 2 .   ? -1.076  -24.451 -3.517  1.00 51.05 ? 299 HOH A O   1 
HETATM 1702 O  O   . HOH B 2 .   ? -9.360  25.418  -10.137 1.00 42.76 ? 300 HOH A O   1 
HETATM 1703 O  O   . HOH B 2 .   ? 15.291  -12.483 -3.470  1.00 38.96 ? 301 HOH A O   1 
HETATM 1704 O  O   . HOH B 2 .   ? -8.963  18.861  7.750   1.00 53.48 ? 302 HOH A O   1 
HETATM 1705 O  O   . HOH B 2 .   ? 12.803  -7.626  -17.020 1.00 47.19 ? 303 HOH A O   1 
HETATM 1706 O  O   . HOH B 2 .   ? -10.922 20.541  6.231   1.00 58.51 ? 304 HOH A O   1 
HETATM 1707 O  O   . HOH B 2 .   ? 9.969   8.693   -13.234 1.00 33.25 ? 305 HOH A O   1 
HETATM 1708 O  O   . HOH B 2 .   ? 9.431   -4.820  6.895   1.00 31.52 ? 306 HOH A O   1 
HETATM 1709 O  O   . HOH B 2 .   ? 14.617  0.856   -4.251  1.00 56.63 ? 307 HOH A O   1 
HETATM 1710 O  O   . HOH B 2 .   ? 10.842  7.858   -10.142 1.00 46.37 ? 308 HOH A O   1 
HETATM 1711 O  O   . HOH B 2 .   ? -3.760  -11.508 20.903  1.00 32.77 ? 309 HOH A O   1 
HETATM 1712 O  O   . HOH B 2 .   ? -13.340 9.567   -0.008  1.00 37.06 ? 310 HOH A O   1 
HETATM 1713 O  O   . HOH B 2 .   ? -19.720 0.420   -3.250  1.00 36.19 ? 311 HOH A O   1 
HETATM 1714 O  O   . HOH B 2 .   ? 6.859   9.516   6.151   1.00 37.98 ? 312 HOH A O   1 
HETATM 1715 O  O   . HOH B 2 .   ? -7.219  14.765  -11.433 1.00 29.20 ? 313 HOH A O   1 
HETATM 1716 O  O   . HOH B 2 .   ? -4.254  8.583   10.711  1.00 51.21 ? 314 HOH A O   1 
HETATM 1717 O  O   . HOH B 2 .   ? -14.145 -10.401 -4.032  1.00 44.33 ? 315 HOH A O   1 
HETATM 1718 O  O   . HOH B 2 .   ? -12.077 -12.494 -4.936  1.00 53.87 ? 316 HOH A O   1 
# 
